data_2GHP
#
_entry.id   2GHP
#
_cell.length_a   114.608
_cell.length_b   125.848
_cell.length_c   196.542
_cell.angle_alpha   90.00
_cell.angle_beta   90.00
_cell.angle_gamma   90.00
#
_symmetry.space_group_name_H-M   'P 21 21 21'
#
loop_
_entity.id
_entity.type
_entity.pdbx_description
1 polymer 'U4/U6 snRNA-associated splicing factor PRP24'
2 water water
#
_entity_poly.entity_id   1
_entity_poly.type   'polypeptide(L)'
_entity_poly.pdbx_seq_one_letter_code
;S(MSE)EYGHHARPDSKRPLDEGSPAAAGLTSKKANEALTRNRELTTVLVKNLPKSYNQNKVYKYFKHCGPIIHVDVADS
LKKNFRFARIEFARYDGALAAITKTHKVVGQNEIIVSHLTECTLW(MSE)TNFPPSYTQRNIRDLLQDINVVALSIRLPS
LRFNTSRRFAYIDVTSKEDARYCVEKLNGLKIEGYTLVTKVSNPLEKSKRTDSATLEGREI(MSE)IRNLSTELLDENLL
RESFEGFGSIEKINIPAGQKEHSFNNCCAF(MSE)VFENKDSAERALQ(MSE)NRSLLGNREISVSLADKKP
;
_entity_poly.pdbx_strand_id   A,B,C,D,E,F,G,H
#
# COMPACT_ATOMS: atom_id res chain seq x y z
N THR A 42 28.08 7.34 28.69
CA THR A 42 29.11 6.92 29.70
C THR A 42 30.54 7.25 29.31
N THR A 43 30.70 8.26 28.46
CA THR A 43 32.00 8.77 28.10
C THR A 43 32.21 10.18 28.66
N VAL A 44 33.43 10.50 29.03
CA VAL A 44 33.68 11.72 29.75
C VAL A 44 34.82 12.52 29.09
N LEU A 45 34.75 13.84 29.20
CA LEU A 45 35.77 14.73 28.61
C LEU A 45 36.51 15.49 29.71
N VAL A 46 37.82 15.31 29.79
CA VAL A 46 38.57 16.02 30.80
C VAL A 46 39.36 17.11 30.10
N LYS A 47 39.29 18.33 30.62
CA LYS A 47 39.94 19.45 29.98
C LYS A 47 40.92 20.09 30.93
N ASN A 48 42.02 20.58 30.37
CA ASN A 48 43.08 21.29 31.07
C ASN A 48 43.95 20.42 31.94
N LEU A 49 44.08 19.14 31.59
CA LEU A 49 45.10 18.30 32.26
C LEU A 49 46.49 18.89 32.04
N PRO A 50 47.41 18.70 32.99
CA PRO A 50 48.73 19.26 32.70
C PRO A 50 49.34 18.60 31.43
N LYS A 51 50.10 19.39 30.67
CA LYS A 51 50.57 18.94 29.36
C LYS A 51 51.43 17.68 29.43
N SER A 52 52.03 17.44 30.58
CA SER A 52 52.81 16.22 30.79
C SER A 52 52.01 14.94 31.11
N TYR A 53 50.68 15.03 31.21
CA TYR A 53 49.88 13.83 31.48
C TYR A 53 49.69 12.95 30.27
N ASN A 54 50.05 11.70 30.42
CA ASN A 54 49.74 10.71 29.40
C ASN A 54 48.55 9.85 29.80
N GLN A 55 48.13 8.96 28.91
CA GLN A 55 46.94 8.15 29.16
C GLN A 55 47.15 7.31 30.40
N ASN A 56 48.40 6.96 30.64
CA ASN A 56 48.81 6.23 31.81
C ASN A 56 48.49 6.97 33.12
N LYS A 57 49.00 8.19 33.35
CA LYS A 57 48.70 8.84 34.63
C LYS A 57 47.31 9.46 34.71
N VAL A 58 46.66 9.59 33.56
CA VAL A 58 45.23 9.90 33.49
C VAL A 58 44.41 8.73 34.02
N TYR A 59 44.72 7.53 33.54
CA TYR A 59 44.07 6.30 33.97
C TYR A 59 44.16 6.12 35.48
N LYS A 60 45.32 6.45 36.04
CA LYS A 60 45.55 6.26 37.47
C LYS A 60 44.71 7.20 38.30
N TYR A 61 44.59 8.45 37.85
CA TYR A 61 43.83 9.45 38.59
C TYR A 61 42.35 9.07 38.69
N PHE A 62 41.82 8.44 37.64
CA PHE A 62 40.40 8.15 37.55
C PHE A 62 39.99 6.70 37.82
N LYS A 63 40.98 5.81 37.92
CA LYS A 63 40.70 4.38 38.08
C LYS A 63 39.76 4.08 39.24
N HIS A 64 39.74 4.97 40.23
CA HIS A 64 38.90 4.75 41.41
C HIS A 64 37.44 5.17 41.22
N CYS A 65 37.11 5.73 40.06
CA CYS A 65 35.72 6.09 39.75
C CYS A 65 34.89 4.91 39.29
N GLY A 66 35.59 3.89 38.78
CA GLY A 66 34.96 2.70 38.21
C GLY A 66 35.86 2.16 37.12
N PRO A 67 35.50 0.98 36.56
CA PRO A 67 36.29 0.35 35.50
C PRO A 67 36.22 1.15 34.21
N ILE A 68 37.35 1.18 33.50
CA ILE A 68 37.53 2.03 32.33
C ILE A 68 37.75 1.17 31.09
N ILE A 69 37.09 1.50 29.99
CA ILE A 69 37.35 0.73 28.75
C ILE A 69 38.42 1.36 27.86
N HIS A 70 38.42 2.69 27.75
CA HIS A 70 39.34 3.38 26.84
C HIS A 70 39.83 4.70 27.43
N VAL A 71 41.09 5.03 27.18
CA VAL A 71 41.63 6.38 27.47
C VAL A 71 42.28 6.97 26.21
N ASP A 72 41.91 8.18 25.84
CA ASP A 72 42.60 8.89 24.78
C ASP A 72 43.01 10.27 25.28
N VAL A 73 44.21 10.68 24.90
CA VAL A 73 44.80 11.92 25.35
C VAL A 73 45.14 12.73 24.09
N ALA A 74 44.84 14.01 24.08
CA ALA A 74 45.16 14.87 22.94
C ALA A 74 45.64 16.22 23.44
N ASP A 75 46.62 16.78 22.73
CA ASP A 75 47.16 18.10 23.03
C ASP A 75 46.17 19.23 22.73
N SER A 76 46.17 20.26 23.59
CA SER A 76 45.47 21.51 23.30
C SER A 76 46.07 22.17 22.05
N LEU A 77 45.31 23.08 21.43
CA LEU A 77 45.75 23.78 20.23
C LEU A 77 47.16 24.37 20.33
N LYS A 78 47.41 25.11 21.42
CA LYS A 78 48.71 25.76 21.66
C LYS A 78 49.64 24.90 22.51
N LYS A 79 49.26 23.64 22.70
CA LYS A 79 50.09 22.67 23.39
C LYS A 79 50.35 23.00 24.85
N ASN A 80 49.59 23.92 25.43
CA ASN A 80 49.80 24.25 26.85
C ASN A 80 48.97 23.46 27.85
N PHE A 81 48.15 22.52 27.38
CA PHE A 81 47.48 21.56 28.28
C PHE A 81 47.04 20.33 27.51
N ARG A 82 46.52 19.33 28.22
CA ARG A 82 45.95 18.18 27.52
C ARG A 82 44.47 17.97 27.81
N PHE A 83 43.74 17.50 26.79
CA PHE A 83 42.40 16.95 26.96
C PHE A 83 42.57 15.45 27.13
N ALA A 84 41.65 14.81 27.84
CA ALA A 84 41.45 13.37 27.77
C ALA A 84 39.99 12.98 27.47
N ARG A 85 39.82 11.90 26.72
CA ARG A 85 38.54 11.22 26.57
C ARG A 85 38.62 9.91 27.32
N ILE A 86 37.77 9.75 28.32
CA ILE A 86 37.74 8.52 29.11
C ILE A 86 36.39 7.87 28.93
N GLU A 87 36.41 6.59 28.60
CA GLU A 87 35.18 5.85 28.44
C GLU A 87 35.04 4.81 29.52
N PHE A 88 34.07 5.06 30.41
CA PHE A 88 33.77 4.17 31.53
C PHE A 88 32.82 3.07 31.14
N ALA A 89 32.98 1.92 31.79
CA ALA A 89 32.18 0.74 31.52
C ALA A 89 30.74 0.95 31.95
N ARG A 90 30.56 1.60 33.10
CA ARG A 90 29.23 1.78 33.66
C ARG A 90 28.93 3.25 33.88
N TYR A 91 27.65 3.61 33.73
CA TYR A 91 27.19 5.00 33.85
C TYR A 91 27.65 5.71 35.12
N ASP A 92 27.52 5.04 36.25
CA ASP A 92 27.95 5.61 37.52
C ASP A 92 29.47 5.82 37.59
N GLY A 93 30.21 5.14 36.71
CA GLY A 93 31.65 5.34 36.59
C GLY A 93 31.95 6.74 36.11
N ALA A 94 31.36 7.12 34.98
CA ALA A 94 31.46 8.48 34.42
C ALA A 94 30.90 9.51 35.38
N LEU A 95 29.75 9.20 35.95
CA LEU A 95 29.07 10.06 36.90
C LEU A 95 29.99 10.44 38.05
N ALA A 96 30.81 9.49 38.50
CA ALA A 96 31.79 9.69 39.57
C ALA A 96 32.95 10.58 39.13
N ALA A 97 33.34 10.49 37.86
CA ALA A 97 34.43 11.28 37.35
C ALA A 97 34.03 12.74 37.24
N ILE A 98 32.77 12.99 36.89
CA ILE A 98 32.29 14.35 36.75
C ILE A 98 32.41 15.10 38.08
N THR A 99 32.28 14.40 39.20
CA THR A 99 32.47 15.06 40.49
C THR A 99 33.93 15.46 40.73
N LYS A 100 34.85 14.99 39.88
CA LYS A 100 36.23 15.50 39.92
C LYS A 100 36.39 16.88 39.28
N THR A 101 35.39 17.34 38.53
CA THR A 101 35.47 18.64 37.87
C THR A 101 35.91 19.74 38.85
N HIS A 102 36.77 20.64 38.37
CA HIS A 102 37.33 21.75 39.18
C HIS A 102 38.39 21.31 40.17
N LYS A 103 38.65 20.01 40.29
CA LYS A 103 39.81 19.55 41.07
C LYS A 103 41.11 20.05 40.48
N VAL A 104 42.07 20.31 41.36
CA VAL A 104 43.40 20.68 40.94
C VAL A 104 44.23 19.43 40.75
N VAL A 105 44.75 19.28 39.54
CA VAL A 105 45.68 18.21 39.23
C VAL A 105 47.01 18.86 38.84
N GLY A 106 48.07 18.50 39.56
CA GLY A 106 49.33 19.19 39.44
C GLY A 106 49.11 20.66 39.76
N GLN A 107 49.08 21.49 38.74
CA GLN A 107 48.89 22.92 38.91
C GLN A 107 47.74 23.44 38.05
N ASN A 108 46.91 22.53 37.53
CA ASN A 108 45.82 22.90 36.67
C ASN A 108 44.47 22.58 37.26
N GLU A 109 43.53 23.53 37.13
CA GLU A 109 42.14 23.28 37.45
C GLU A 109 41.50 22.52 36.28
N ILE A 110 41.14 21.25 36.50
CA ILE A 110 40.54 20.48 35.42
C ILE A 110 39.03 20.70 35.32
N ILE A 111 38.47 20.54 34.12
CA ILE A 111 37.03 20.46 33.97
C ILE A 111 36.67 19.08 33.44
N VAL A 112 35.65 18.46 34.05
CA VAL A 112 35.15 17.16 33.61
C VAL A 112 33.65 17.23 33.32
N SER A 113 33.26 16.72 32.14
CA SER A 113 31.87 16.76 31.67
C SER A 113 31.52 15.55 30.82
N HIS A 114 30.22 15.37 30.54
CA HIS A 114 29.75 14.29 29.69
C HIS A 114 30.17 14.61 28.26
N LEU A 115 30.88 13.71 27.60
CA LEU A 115 31.17 13.92 26.20
C LEU A 115 29.94 13.54 25.42
N THR A 116 29.21 14.55 24.98
CA THR A 116 27.92 14.32 24.40
C THR A 116 27.84 15.13 23.12
N GLU A 117 27.24 14.56 22.08
CA GLU A 117 27.15 15.20 20.75
C GLU A 117 28.45 15.80 20.17
N CYS A 118 29.59 15.18 20.45
CA CYS A 118 30.87 15.66 19.92
C CYS A 118 31.52 14.76 18.86
N THR A 119 30.70 14.07 18.07
CA THR A 119 31.17 13.03 17.18
C THR A 119 30.72 13.26 15.75
N LEU A 120 31.65 13.14 14.81
CA LEU A 120 31.29 13.19 13.42
C LEU A 120 31.91 12.00 12.78
N TRP A 121 31.35 11.58 11.65
CA TRP A 121 32.01 10.66 10.75
C TRP A 121 32.45 11.40 9.51
N THR A 123 34.19 10.63 5.44
CA THR A 123 34.34 9.65 4.38
C THR A 123 34.65 10.35 3.05
N ASN A 124 35.01 9.54 2.06
CA ASN A 124 35.51 9.95 0.74
C ASN A 124 36.80 10.75 0.75
N PHE A 125 37.76 10.30 1.55
CA PHE A 125 39.11 10.85 1.47
C PHE A 125 39.96 9.88 0.65
N PRO A 126 41.21 10.27 0.31
CA PRO A 126 42.00 9.36 -0.52
C PRO A 126 42.27 8.04 0.20
N PRO A 127 42.30 6.91 -0.53
CA PRO A 127 42.56 5.60 0.06
C PRO A 127 43.81 5.52 0.92
N SER A 128 44.78 6.40 0.68
CA SER A 128 46.06 6.35 1.39
C SER A 128 46.07 7.19 2.68
N TYR A 129 44.95 7.84 2.97
CA TYR A 129 44.86 8.67 4.17
C TYR A 129 44.95 7.84 5.42
N THR A 130 45.79 8.28 6.35
CA THR A 130 45.89 7.65 7.64
C THR A 130 45.25 8.54 8.73
N GLN A 131 45.22 8.02 9.96
CA GLN A 131 44.83 8.78 11.14
C GLN A 131 45.52 10.12 11.20
N ARG A 132 46.84 10.08 11.00
CA ARG A 132 47.67 11.28 10.97
C ARG A 132 47.11 12.31 9.98
N ASN A 133 46.83 11.90 8.74
CA ASN A 133 46.24 12.80 7.75
C ASN A 133 44.94 13.43 8.20
N ILE A 134 44.11 12.64 8.87
CA ILE A 134 42.86 13.13 9.41
C ILE A 134 43.09 14.10 10.57
N ARG A 135 44.08 13.84 11.42
CA ARG A 135 44.40 14.81 12.45
C ARG A 135 44.86 16.12 11.80
N ASP A 136 45.64 15.99 10.73
CA ASP A 136 46.13 17.14 9.98
C ASP A 136 45.02 18.05 9.45
N LEU A 137 43.91 17.48 9.01
CA LEU A 137 42.81 18.29 8.51
C LEU A 137 42.22 19.10 9.63
N LEU A 138 41.90 18.44 10.75
CA LEU A 138 41.29 19.14 11.83
C LEU A 138 42.22 20.20 12.35
N GLN A 139 43.51 19.91 12.31
CA GLN A 139 44.47 20.90 12.77
C GLN A 139 44.46 22.11 11.86
N ASP A 140 44.40 21.88 10.55
CA ASP A 140 44.28 22.94 9.54
C ASP A 140 43.18 23.94 9.88
N ILE A 141 42.09 23.47 10.47
CA ILE A 141 41.00 24.38 10.85
C ILE A 141 40.93 24.63 12.34
N ASN A 142 42.03 24.33 13.03
CA ASN A 142 42.19 24.67 14.45
C ASN A 142 41.15 24.02 15.34
N VAL A 143 40.92 22.73 15.09
CA VAL A 143 40.06 21.89 15.90
C VAL A 143 40.87 20.72 16.47
N VAL A 144 40.79 20.54 17.78
CA VAL A 144 41.46 19.45 18.44
C VAL A 144 40.72 18.15 18.12
N ALA A 145 41.46 17.15 17.67
CA ALA A 145 40.86 15.84 17.44
C ALA A 145 41.08 15.06 18.72
N LEU A 146 39.99 14.79 19.44
CA LEU A 146 40.07 14.05 20.69
C LEU A 146 40.35 12.59 20.41
N SER A 147 39.58 11.94 19.53
CA SER A 147 40.01 10.65 19.04
C SER A 147 39.58 10.40 17.60
N ILE A 148 40.19 9.40 16.97
CA ILE A 148 39.92 9.03 15.57
C ILE A 148 39.93 7.51 15.45
N ARG A 149 38.83 6.94 14.96
CA ARG A 149 38.75 5.50 14.70
C ARG A 149 38.67 5.32 13.19
N LEU A 150 39.72 4.74 12.63
CA LEU A 150 39.85 4.58 11.19
C LEU A 150 40.10 3.11 10.92
N PRO A 151 39.05 2.33 10.57
CA PRO A 151 39.17 0.87 10.44
C PRO A 151 39.86 0.45 9.15
N ARG A 159 35.38 1.67 0.54
CA ARG A 159 34.83 2.94 1.04
C ARG A 159 34.94 3.03 2.56
N ARG A 160 36.13 3.27 3.09
CA ARG A 160 36.20 3.41 4.53
C ARG A 160 35.66 4.73 5.04
N PHE A 161 35.32 4.76 6.31
CA PHE A 161 34.92 5.99 6.95
C PHE A 161 35.59 6.08 8.30
N ALA A 162 35.79 7.30 8.75
CA ALA A 162 36.31 7.51 10.09
C ALA A 162 35.25 8.13 11.02
N TYR A 163 35.29 7.73 12.29
CA TYR A 163 34.61 8.45 13.38
C TYR A 163 35.62 9.28 14.13
N ILE A 164 35.25 10.52 14.43
CA ILE A 164 36.16 11.48 14.99
C ILE A 164 35.44 12.13 16.15
N ASP A 165 36.06 12.13 17.32
CA ASP A 165 35.55 12.87 18.47
C ASP A 165 36.29 14.18 18.68
N VAL A 166 35.56 15.25 18.94
CA VAL A 166 36.19 16.54 19.17
C VAL A 166 35.83 17.01 20.61
N THR A 167 36.19 18.24 20.97
CA THR A 167 36.12 18.60 22.37
C THR A 167 34.95 19.52 22.73
N SER A 168 34.21 20.00 21.74
CA SER A 168 32.97 20.73 22.02
C SER A 168 32.00 20.53 20.91
N LYS A 169 30.72 20.60 21.28
CA LYS A 169 29.60 20.57 20.32
C LYS A 169 29.79 21.54 19.15
N GLU A 170 30.15 22.78 19.45
CA GLU A 170 30.46 23.74 18.39
C GLU A 170 31.49 23.18 17.43
N ASP A 171 32.65 22.77 17.98
CA ASP A 171 33.67 22.18 17.14
C ASP A 171 33.19 21.10 16.18
N ALA A 172 32.23 20.27 16.59
CA ALA A 172 31.71 19.25 15.68
C ALA A 172 30.95 19.88 14.50
N ARG A 173 30.03 20.78 14.80
CA ARG A 173 29.29 21.47 13.77
C ARG A 173 30.24 22.27 12.88
N TYR A 174 31.17 23.02 13.49
CA TYR A 174 32.14 23.87 12.78
C TYR A 174 32.99 23.07 11.82
N CYS A 175 33.35 21.90 12.27
CA CYS A 175 34.24 21.03 11.59
C CYS A 175 33.58 20.49 10.32
N VAL A 176 32.33 20.10 10.47
CA VAL A 176 31.52 19.67 9.35
C VAL A 176 31.34 20.83 8.37
N GLU A 177 31.03 22.00 8.87
CA GLU A 177 30.79 23.12 7.98
C GLU A 177 32.01 23.54 7.14
N LYS A 178 33.20 23.49 7.73
CA LYS A 178 34.41 23.81 7.00
C LYS A 178 34.84 22.70 6.04
N LEU A 179 34.62 21.44 6.43
CA LEU A 179 35.31 20.38 5.73
C LEU A 179 34.49 19.74 4.67
N ASN A 180 33.18 19.88 4.78
CA ASN A 180 32.32 19.13 3.87
C ASN A 180 32.35 19.70 2.46
N GLY A 181 32.75 18.86 1.53
CA GLY A 181 32.87 19.27 0.14
C GLY A 181 34.29 19.66 -0.23
N LEU A 182 35.20 19.57 0.74
CA LEU A 182 36.61 19.80 0.46
C LEU A 182 37.10 18.80 -0.59
N LYS A 183 37.72 19.29 -1.66
CA LYS A 183 38.30 18.38 -2.63
C LYS A 183 39.74 18.01 -2.24
N ILE A 184 39.97 16.75 -1.93
CA ILE A 184 41.32 16.26 -1.74
C ILE A 184 41.68 15.24 -2.80
N GLU A 185 42.57 15.63 -3.71
CA GLU A 185 43.06 14.73 -4.76
C GLU A 185 41.94 14.21 -5.67
N GLY A 186 40.89 15.01 -5.83
CA GLY A 186 39.79 14.64 -6.72
C GLY A 186 38.65 13.92 -6.01
N TYR A 187 38.85 13.65 -4.73
CA TYR A 187 37.81 13.06 -3.88
C TYR A 187 37.12 14.20 -3.14
N THR A 188 35.81 14.33 -3.34
CA THR A 188 35.05 15.33 -2.61
C THR A 188 34.70 14.72 -1.26
N LEU A 189 35.13 15.39 -0.19
CA LEU A 189 35.03 14.86 1.17
C LEU A 189 33.56 14.91 1.68
N VAL A 190 33.09 13.83 2.29
CA VAL A 190 31.78 13.91 2.95
C VAL A 190 31.95 13.83 4.46
N THR A 191 31.26 14.70 5.20
CA THR A 191 31.23 14.63 6.67
C THR A 191 29.90 15.10 7.19
N LYS A 192 29.45 14.48 8.26
CA LYS A 192 28.28 14.93 8.99
C LYS A 192 28.55 14.66 10.44
N VAL A 193 27.90 15.43 11.30
CA VAL A 193 27.82 15.13 12.71
C VAL A 193 27.09 13.78 12.82
N SER A 194 27.49 12.96 13.78
CA SER A 194 26.85 11.69 13.96
C SER A 194 25.43 11.89 14.43
N ASN A 195 24.60 10.88 14.19
CA ASN A 195 23.19 10.94 14.51
C ASN A 195 22.81 9.76 15.38
N PRO A 196 22.71 10.00 16.70
CA PRO A 196 22.50 9.00 17.77
C PRO A 196 21.15 8.30 17.65
N LEU A 197 20.88 7.34 18.52
CA LEU A 197 19.63 6.58 18.45
C LEU A 197 18.86 6.59 19.75
N THR A 207 10.78 5.04 13.83
CA THR A 207 11.87 4.07 14.00
C THR A 207 12.70 4.08 12.74
N LEU A 208 12.01 3.87 11.61
CA LEU A 208 12.62 3.86 10.28
C LEU A 208 13.17 5.21 9.86
N GLU A 209 12.70 6.28 10.50
CA GLU A 209 12.98 7.63 10.06
C GLU A 209 14.50 7.89 10.04
N GLY A 210 15.02 8.17 8.86
CA GLY A 210 16.41 8.56 8.71
C GLY A 210 17.32 7.36 8.63
N ARG A 211 16.71 6.18 8.59
CA ARG A 211 17.41 4.89 8.42
C ARG A 211 17.12 4.20 7.07
N GLU A 212 16.02 4.63 6.42
CA GLU A 212 15.58 4.04 5.14
C GLU A 212 15.92 4.93 3.96
N ILE A 213 16.43 4.31 2.90
CA ILE A 213 16.72 5.06 1.68
C ILE A 213 15.88 4.50 0.54
N ILE A 215 16.10 3.98 -3.73
CA ILE A 215 17.01 3.96 -4.84
C ILE A 215 16.15 3.94 -6.08
N ARG A 216 16.24 4.99 -6.89
CA ARG A 216 15.45 5.12 -8.12
C ARG A 216 16.35 5.05 -9.36
N ASN A 217 15.73 5.08 -10.54
CA ASN A 217 16.39 5.01 -11.85
C ASN A 217 17.17 3.70 -12.11
N LEU A 218 16.81 2.64 -11.40
CA LEU A 218 17.40 1.33 -11.67
C LEU A 218 16.76 0.68 -12.89
N SER A 219 17.55 -0.14 -13.57
CA SER A 219 17.07 -0.96 -14.69
C SER A 219 16.69 -2.36 -14.21
N THR A 220 16.08 -3.14 -15.11
CA THR A 220 15.79 -4.56 -14.88
C THR A 220 17.03 -5.32 -14.40
N GLU A 221 18.15 -5.12 -15.09
CA GLU A 221 19.41 -5.76 -14.73
C GLU A 221 19.83 -5.44 -13.31
N LEU A 222 19.66 -4.18 -12.91
CA LEU A 222 20.16 -3.73 -11.61
C LEU A 222 19.21 -4.07 -10.46
N LEU A 223 17.97 -4.41 -10.79
CA LEU A 223 16.99 -4.77 -9.76
C LEU A 223 17.30 -6.15 -9.25
N ASP A 224 18.35 -6.23 -8.43
CA ASP A 224 18.82 -7.49 -7.87
C ASP A 224 19.28 -7.30 -6.44
N GLU A 225 18.58 -7.99 -5.54
CA GLU A 225 18.87 -8.07 -4.12
C GLU A 225 20.38 -8.12 -3.82
N ASN A 226 21.09 -8.95 -4.58
CA ASN A 226 22.51 -9.14 -4.36
C ASN A 226 23.45 -8.05 -4.80
N LEU A 227 23.34 -7.58 -6.04
CA LEU A 227 24.16 -6.47 -6.49
C LEU A 227 23.92 -5.23 -5.61
N LEU A 228 22.71 -5.10 -5.07
CA LEU A 228 22.41 -3.97 -4.20
C LEU A 228 23.13 -4.11 -2.85
N ARG A 229 23.02 -5.30 -2.25
CA ARG A 229 23.71 -5.63 -1.03
C ARG A 229 25.20 -5.36 -1.20
N GLU A 230 25.81 -5.96 -2.22
CA GLU A 230 27.23 -5.78 -2.49
C GLU A 230 27.57 -4.31 -2.65
N SER A 231 26.73 -3.57 -3.36
CA SER A 231 26.99 -2.15 -3.56
C SER A 231 26.80 -1.22 -2.36
N PHE A 232 25.95 -1.57 -1.40
CA PHE A 232 25.68 -0.64 -0.27
C PHE A 232 26.26 -1.03 1.10
N GLU A 233 26.69 -2.27 1.26
CA GLU A 233 27.10 -2.79 2.57
C GLU A 233 28.34 -2.11 3.14
N GLY A 234 29.12 -1.45 2.29
CA GLY A 234 30.29 -0.69 2.72
C GLY A 234 29.92 0.53 3.56
N PHE A 235 28.65 0.91 3.54
CA PHE A 235 28.23 2.07 4.29
C PHE A 235 27.81 1.75 5.73
N GLY A 236 27.74 0.47 6.06
CA GLY A 236 27.28 0.03 7.38
C GLY A 236 26.26 -1.07 7.21
N SER A 237 25.89 -1.73 8.31
CA SER A 237 25.03 -2.93 8.28
C SER A 237 23.64 -2.67 7.72
N ILE A 238 23.21 -3.59 6.86
CA ILE A 238 21.93 -3.47 6.19
C ILE A 238 20.89 -4.35 6.89
N GLU A 239 19.81 -3.74 7.34
CA GLU A 239 18.71 -4.47 7.99
C GLU A 239 17.83 -5.21 6.98
N LYS A 240 17.40 -4.50 5.94
CA LYS A 240 16.43 -5.05 5.00
C LYS A 240 16.61 -4.44 3.63
N ILE A 241 16.35 -5.22 2.59
CA ILE A 241 16.29 -4.72 1.22
C ILE A 241 14.94 -5.11 0.67
N ASN A 242 14.21 -4.12 0.21
CA ASN A 242 12.85 -4.28 -0.19
C ASN A 242 12.70 -3.84 -1.64
N ILE A 243 12.27 -4.77 -2.46
CA ILE A 243 12.00 -4.47 -3.84
C ILE A 243 10.55 -4.81 -4.11
N PRO A 244 9.73 -3.78 -4.38
CA PRO A 244 8.31 -3.96 -4.72
C PRO A 244 8.12 -4.83 -5.95
N ALA A 245 7.28 -5.85 -5.81
CA ALA A 245 7.17 -6.92 -6.77
C ALA A 245 6.81 -6.46 -8.18
N GLY A 246 7.26 -7.24 -9.15
CA GLY A 246 6.90 -7.10 -10.58
C GLY A 246 7.05 -5.72 -11.18
N GLN A 247 8.29 -5.30 -11.44
CA GLN A 247 8.53 -4.04 -12.13
C GLN A 247 9.01 -4.22 -13.58
N LYS A 248 9.15 -5.47 -14.02
CA LYS A 248 9.41 -5.80 -15.44
C LYS A 248 8.32 -5.25 -16.36
N PHE A 252 9.98 1.49 -16.53
CA PHE A 252 10.37 2.42 -17.60
C PHE A 252 11.76 3.02 -17.37
N ASN A 253 12.72 2.15 -17.06
CA ASN A 253 14.01 2.52 -16.45
C ASN A 253 13.73 3.35 -15.21
N ASN A 254 12.62 3.00 -14.55
CA ASN A 254 12.10 3.76 -13.44
C ASN A 254 12.09 2.94 -12.15
N CYS A 255 12.51 1.67 -12.26
CA CYS A 255 12.57 0.72 -11.14
C CYS A 255 13.21 1.25 -9.89
N CYS A 256 12.73 0.77 -8.75
CA CYS A 256 13.28 1.22 -7.49
C CYS A 256 13.33 0.15 -6.42
N ALA A 257 14.13 0.44 -5.41
CA ALA A 257 14.37 -0.46 -4.30
C ALA A 257 14.43 0.35 -3.01
N PHE A 258 14.00 -0.23 -1.90
CA PHE A 258 14.15 0.40 -0.61
C PHE A 258 15.12 -0.37 0.24
N VAL A 260 16.71 -0.49 4.26
CA VAL A 260 16.76 -0.09 5.68
C VAL A 260 18.12 -0.44 6.30
N PHE A 261 18.75 0.54 6.96
CA PHE A 261 20.02 0.32 7.64
C PHE A 261 19.81 0.24 9.13
N GLU A 262 20.70 -0.46 9.82
CA GLU A 262 20.67 -0.53 11.28
C GLU A 262 20.74 0.83 11.96
N ASN A 263 21.39 1.80 11.33
CA ASN A 263 21.52 3.12 11.93
C ASN A 263 21.61 4.28 10.94
N LYS A 264 21.21 5.45 11.41
CA LYS A 264 21.06 6.58 10.55
C LYS A 264 22.39 7.02 9.95
N ASP A 265 23.47 6.95 10.71
CA ASP A 265 24.77 7.29 10.14
C ASP A 265 25.00 6.49 8.85
N SER A 266 24.67 5.20 8.87
CA SER A 266 24.84 4.39 7.66
C SER A 266 23.99 4.84 6.47
N ALA A 267 22.69 5.02 6.68
CA ALA A 267 21.81 5.60 5.65
C ALA A 267 22.37 6.94 5.09
N GLU A 268 22.80 7.83 5.97
CA GLU A 268 23.34 9.10 5.53
C GLU A 268 24.50 8.89 4.59
N ARG A 269 25.39 7.96 4.95
CA ARG A 269 26.60 7.69 4.16
C ARG A 269 26.19 7.18 2.77
N ALA A 270 25.20 6.31 2.73
CA ALA A 270 24.67 5.76 1.49
C ALA A 270 24.09 6.82 0.57
N LEU A 271 23.68 7.96 1.11
CA LEU A 271 23.23 9.01 0.21
C LEU A 271 24.36 9.35 -0.78
N GLN A 272 25.63 9.10 -0.42
CA GLN A 272 26.71 9.28 -1.39
C GLN A 272 26.45 8.64 -2.76
N ASN A 274 23.90 8.57 -4.41
CA ASN A 274 23.07 9.42 -5.25
C ASN A 274 23.89 10.12 -6.33
N ARG A 275 23.34 10.19 -7.53
CA ARG A 275 24.03 10.72 -8.72
C ARG A 275 25.31 9.94 -9.04
N SER A 276 25.33 8.65 -8.71
CA SER A 276 26.50 7.80 -9.01
C SER A 276 26.25 6.74 -10.07
N LEU A 277 27.32 6.27 -10.67
CA LEU A 277 27.26 5.21 -11.66
C LEU A 277 27.17 3.86 -10.98
N LEU A 278 26.10 3.13 -11.30
CA LEU A 278 25.94 1.77 -10.81
C LEU A 278 25.66 0.85 -11.99
N GLY A 279 26.67 0.09 -12.36
CA GLY A 279 26.60 -0.72 -13.56
C GLY A 279 26.67 0.22 -14.74
N ASN A 280 25.56 0.32 -15.48
CA ASN A 280 25.49 1.24 -16.63
C ASN A 280 24.49 2.42 -16.50
N ARG A 281 24.05 2.70 -15.28
CA ARG A 281 23.05 3.72 -15.04
C ARG A 281 23.41 4.67 -13.92
N GLU A 282 23.00 5.92 -14.07
CA GLU A 282 23.12 6.88 -12.99
C GLU A 282 21.97 6.62 -12.05
N ILE A 283 22.27 6.22 -10.83
CA ILE A 283 21.18 6.02 -9.88
C ILE A 283 20.81 7.25 -9.05
N SER A 284 19.58 7.26 -8.56
CA SER A 284 19.12 8.27 -7.63
C SER A 284 18.93 7.63 -6.25
N VAL A 285 19.39 8.33 -5.21
CA VAL A 285 19.28 7.80 -3.85
C VAL A 285 18.83 8.91 -2.94
N SER A 286 17.83 8.64 -2.11
CA SER A 286 17.43 9.63 -1.09
C SER A 286 16.80 9.02 0.15
N LEU A 287 16.60 9.83 1.18
CA LEU A 287 15.88 9.37 2.35
C LEU A 287 14.42 9.08 2.00
N ALA A 288 13.92 7.90 2.38
CA ALA A 288 12.52 7.57 2.13
C ALA A 288 11.62 8.54 2.92
N ASP A 289 10.40 8.78 2.47
CA ASP A 289 9.45 9.53 3.30
C ASP A 289 9.10 8.67 4.50
N LYS A 290 8.70 9.29 5.60
CA LYS A 290 8.17 8.54 6.74
C LYS A 290 6.75 8.16 6.44
N LYS A 291 6.37 6.93 6.78
CA LYS A 291 5.07 6.38 6.39
C LYS A 291 3.94 7.09 7.14
N PRO A 292 2.87 7.51 6.40
CA PRO A 292 1.85 8.42 6.96
C PRO A 292 1.51 8.12 8.43
N THR B 42 39.81 21.16 -41.26
CA THR B 42 40.82 20.12 -41.64
C THR B 42 40.45 18.67 -41.30
N THR B 43 39.57 18.51 -40.31
CA THR B 43 39.06 17.20 -39.90
C THR B 43 37.74 16.95 -40.60
N VAL B 44 37.41 15.66 -40.76
CA VAL B 44 36.25 15.25 -41.57
C VAL B 44 35.51 14.07 -40.95
N LEU B 45 34.19 14.01 -41.14
CA LEU B 45 33.37 12.90 -40.65
C LEU B 45 33.01 11.97 -41.79
N VAL B 46 33.18 10.67 -41.61
CA VAL B 46 32.63 9.74 -42.59
C VAL B 46 31.60 8.89 -41.90
N LYS B 47 30.37 8.95 -42.40
CA LYS B 47 29.26 8.15 -41.89
C LYS B 47 28.92 7.02 -42.86
N ASN B 48 28.45 5.90 -42.30
CA ASN B 48 27.95 4.71 -43.04
C ASN B 48 28.99 3.89 -43.82
N LEU B 49 30.19 3.75 -43.26
CA LEU B 49 31.22 2.85 -43.81
C LEU B 49 30.85 1.42 -43.49
N PRO B 50 31.26 0.46 -44.35
CA PRO B 50 30.93 -0.93 -44.07
C PRO B 50 31.38 -1.31 -42.67
N LYS B 51 30.69 -2.27 -42.05
CA LYS B 51 30.96 -2.60 -40.64
C LYS B 51 32.34 -3.24 -40.36
N SER B 52 33.03 -3.66 -41.43
CA SER B 52 34.33 -4.29 -41.30
C SER B 52 35.49 -3.40 -41.73
N TYR B 53 35.25 -2.11 -41.91
CA TYR B 53 36.32 -1.18 -42.27
C TYR B 53 37.16 -0.78 -41.06
N ASN B 54 38.45 -1.07 -41.12
CA ASN B 54 39.38 -0.60 -40.09
C ASN B 54 40.12 0.67 -40.52
N GLN B 55 41.01 1.17 -39.67
CA GLN B 55 41.76 2.40 -39.94
C GLN B 55 42.48 2.32 -41.27
N ASN B 56 43.04 1.16 -41.56
CA ASN B 56 43.79 0.96 -42.79
C ASN B 56 42.98 1.10 -44.06
N LYS B 57 41.83 0.46 -44.08
CA LYS B 57 40.99 0.49 -45.26
C LYS B 57 40.54 1.94 -45.49
N VAL B 58 40.24 2.62 -44.39
CA VAL B 58 39.81 4.01 -44.47
C VAL B 58 40.97 4.86 -45.00
N TYR B 59 42.16 4.66 -44.44
CA TYR B 59 43.34 5.35 -44.93
C TYR B 59 43.56 5.07 -46.41
N LYS B 60 43.61 3.78 -46.78
CA LYS B 60 43.76 3.36 -48.15
C LYS B 60 42.85 4.19 -49.06
N TYR B 61 41.57 4.30 -48.69
CA TYR B 61 40.60 5.02 -49.51
C TYR B 61 40.89 6.51 -49.65
N PHE B 62 41.26 7.15 -48.54
CA PHE B 62 41.27 8.60 -48.51
C PHE B 62 42.65 9.21 -48.70
N LYS B 63 43.69 8.40 -48.67
CA LYS B 63 45.08 8.90 -48.73
C LYS B 63 45.33 9.77 -49.95
N HIS B 64 44.62 9.49 -51.03
CA HIS B 64 44.82 10.19 -52.29
C HIS B 64 44.23 11.61 -52.32
N CYS B 65 43.43 11.96 -51.30
CA CYS B 65 42.85 13.31 -51.13
C CYS B 65 43.85 14.38 -50.67
N GLY B 66 44.86 13.94 -49.93
CA GLY B 66 45.88 14.82 -49.38
C GLY B 66 46.58 14.10 -48.24
N PRO B 67 47.69 14.67 -47.76
CA PRO B 67 48.34 14.12 -46.57
C PRO B 67 47.37 14.01 -45.40
N ILE B 68 47.33 12.83 -44.78
CA ILE B 68 46.44 12.54 -43.66
C ILE B 68 47.22 12.46 -42.35
N ILE B 69 46.74 13.18 -41.35
CA ILE B 69 47.39 13.22 -40.05
C ILE B 69 46.85 12.17 -39.06
N HIS B 70 45.53 11.98 -39.02
CA HIS B 70 44.92 10.96 -38.14
C HIS B 70 43.71 10.27 -38.75
N VAL B 71 43.61 8.96 -38.54
CA VAL B 71 42.40 8.20 -38.86
C VAL B 71 41.83 7.53 -37.61
N ASP B 72 40.56 7.77 -37.33
CA ASP B 72 39.90 7.02 -36.27
C ASP B 72 38.57 6.48 -36.74
N VAL B 73 38.26 5.26 -36.29
CA VAL B 73 37.10 4.52 -36.77
C VAL B 73 36.23 4.03 -35.61
N ALA B 74 34.94 4.34 -35.63
CA ALA B 74 34.08 3.92 -34.55
C ALA B 74 32.79 3.23 -35.02
N ASP B 75 32.36 2.21 -34.27
CA ASP B 75 31.09 1.52 -34.50
C ASP B 75 29.90 2.44 -34.31
N SER B 76 28.88 2.26 -35.12
CA SER B 76 27.59 2.94 -34.94
C SER B 76 26.91 2.38 -33.70
N LEU B 77 25.86 3.05 -33.22
CA LEU B 77 25.14 2.59 -32.02
C LEU B 77 24.63 1.14 -32.13
N LYS B 78 23.82 0.86 -33.15
CA LYS B 78 23.29 -0.50 -33.40
C LYS B 78 24.29 -1.46 -34.07
N LYS B 79 25.52 -0.97 -34.30
CA LYS B 79 26.63 -1.83 -34.70
C LYS B 79 26.57 -2.33 -36.15
N ASN B 80 25.72 -1.71 -36.98
CA ASN B 80 25.61 -2.12 -38.39
C ASN B 80 26.43 -1.31 -39.42
N PHE B 81 27.06 -0.21 -38.98
CA PHE B 81 28.07 0.52 -39.80
C PHE B 81 29.15 1.17 -38.95
N ARG B 82 30.16 1.75 -39.59
CA ARG B 82 31.21 2.44 -38.85
C ARG B 82 31.33 3.89 -39.25
N PHE B 83 31.65 4.73 -38.28
CA PHE B 83 32.00 6.10 -38.57
C PHE B 83 33.52 6.15 -38.66
N ALA B 84 34.04 7.22 -39.25
CA ALA B 84 35.47 7.49 -39.14
C ALA B 84 35.72 9.00 -39.02
N ARG B 85 36.79 9.33 -38.30
CA ARG B 85 37.29 10.68 -38.20
C ARG B 85 38.62 10.71 -38.92
N ILE B 86 38.72 11.56 -39.94
CA ILE B 86 39.98 11.75 -40.69
C ILE B 86 40.45 13.20 -40.58
N GLU B 87 41.68 13.37 -40.09
CA GLU B 87 42.27 14.69 -39.94
C GLU B 87 43.36 14.90 -40.97
N PHE B 88 43.13 15.86 -41.86
CA PHE B 88 44.09 16.16 -42.91
C PHE B 88 45.07 17.22 -42.48
N ALA B 89 46.25 17.19 -43.10
CA ALA B 89 47.29 18.18 -42.87
C ALA B 89 46.79 19.56 -43.29
N ARG B 90 46.11 19.61 -44.42
CA ARG B 90 45.69 20.89 -44.99
C ARG B 90 44.23 20.85 -45.41
N TYR B 91 43.58 22.02 -45.34
CA TYR B 91 42.17 22.22 -45.66
C TYR B 91 41.71 21.57 -46.96
N ASP B 92 42.54 21.64 -48.00
CA ASP B 92 42.18 21.06 -49.29
C ASP B 92 42.16 19.52 -49.29
N GLY B 93 42.88 18.92 -48.35
CA GLY B 93 42.75 17.49 -48.14
C GLY B 93 41.32 17.17 -47.73
N ALA B 94 40.80 17.95 -46.78
CA ALA B 94 39.44 17.77 -46.29
C ALA B 94 38.43 18.06 -47.39
N LEU B 95 38.63 19.14 -48.15
CA LEU B 95 37.75 19.48 -49.26
C LEU B 95 37.65 18.31 -50.23
N ALA B 96 38.80 17.72 -50.56
CA ALA B 96 38.83 16.60 -51.49
C ALA B 96 38.12 15.38 -50.91
N ALA B 97 38.23 15.17 -49.59
CA ALA B 97 37.49 14.08 -48.93
C ALA B 97 35.99 14.28 -49.03
N ILE B 98 35.53 15.51 -48.84
CA ILE B 98 34.12 15.85 -48.97
C ILE B 98 33.54 15.50 -50.34
N THR B 99 34.31 15.73 -51.41
CA THR B 99 33.88 15.36 -52.75
C THR B 99 33.59 13.86 -52.87
N LYS B 100 34.03 13.09 -51.89
CA LYS B 100 33.75 11.64 -51.84
C LYS B 100 32.38 11.32 -51.22
N THR B 101 31.60 12.35 -50.89
CA THR B 101 30.30 12.13 -50.29
C THR B 101 29.30 11.55 -51.31
N HIS B 102 28.33 10.78 -50.82
CA HIS B 102 27.39 10.00 -51.66
C HIS B 102 28.04 8.95 -52.60
N LYS B 103 29.31 8.65 -52.41
CA LYS B 103 29.93 7.58 -53.18
C LYS B 103 29.63 6.22 -52.55
N VAL B 104 29.73 5.13 -53.33
CA VAL B 104 29.62 3.82 -52.70
C VAL B 104 30.99 3.25 -52.34
N VAL B 105 31.11 2.82 -51.10
CA VAL B 105 32.30 2.14 -50.59
C VAL B 105 31.81 0.81 -50.00
N GLY B 106 32.28 -0.30 -50.55
CA GLY B 106 31.73 -1.59 -50.18
C GLY B 106 30.32 -1.65 -50.76
N GLN B 107 29.33 -1.83 -49.90
CA GLN B 107 27.94 -1.90 -50.35
C GLN B 107 27.21 -0.70 -49.80
N ASN B 108 27.95 0.21 -49.20
CA ASN B 108 27.38 1.32 -48.49
C ASN B 108 27.51 2.63 -49.19
N GLU B 109 26.46 3.44 -49.16
CA GLU B 109 26.58 4.82 -49.59
C GLU B 109 27.11 5.60 -48.40
N ILE B 110 28.25 6.27 -48.55
CA ILE B 110 28.80 7.03 -47.41
C ILE B 110 28.37 8.50 -47.43
N ILE B 111 28.48 9.16 -46.28
CA ILE B 111 28.35 10.61 -46.22
C ILE B 111 29.64 11.17 -45.61
N VAL B 112 30.20 12.22 -46.23
CA VAL B 112 31.42 12.86 -45.74
C VAL B 112 31.14 14.34 -45.53
N SER B 113 31.53 14.87 -44.37
CA SER B 113 31.25 16.27 -44.03
C SER B 113 32.30 16.86 -43.07
N HIS B 114 32.34 18.19 -42.98
CA HIS B 114 33.20 18.88 -42.02
C HIS B 114 32.80 18.55 -40.60
N LEU B 115 33.79 18.21 -39.79
CA LEU B 115 33.56 17.90 -38.39
C LEU B 115 34.00 19.11 -37.59
N THR B 116 33.05 19.75 -36.94
CA THR B 116 33.32 21.05 -36.35
C THR B 116 32.52 21.12 -35.06
N GLU B 117 33.10 21.71 -34.02
CA GLU B 117 32.47 21.81 -32.70
C GLU B 117 31.92 20.51 -32.10
N CYS B 118 32.59 19.39 -32.36
CA CYS B 118 32.20 18.11 -31.75
C CYS B 118 33.23 17.58 -30.75
N THR B 119 33.97 18.48 -30.11
CA THR B 119 35.07 18.08 -29.24
C THR B 119 34.76 18.41 -27.77
N LEU B 120 34.84 17.42 -26.91
CA LEU B 120 34.77 17.70 -25.48
C LEU B 120 35.94 17.10 -24.73
N TRP B 121 36.23 17.64 -23.55
CA TRP B 121 37.24 17.04 -22.68
C TRP B 121 36.57 16.51 -21.45
N THR B 123 37.62 14.59 -17.41
CA THR B 123 38.69 14.42 -16.44
C THR B 123 38.10 14.09 -15.07
N ASN B 124 38.99 13.79 -14.13
CA ASN B 124 38.64 13.33 -12.79
C ASN B 124 37.82 12.05 -12.84
N PHE B 125 38.11 11.20 -13.82
CA PHE B 125 37.68 9.80 -13.76
C PHE B 125 38.73 9.00 -12.96
N PRO B 126 38.38 7.78 -12.53
CA PRO B 126 39.33 6.92 -11.84
C PRO B 126 40.65 6.76 -12.61
N PRO B 127 41.79 6.79 -11.90
CA PRO B 127 43.12 6.54 -12.43
C PRO B 127 43.20 5.27 -13.24
N SER B 128 42.46 4.25 -12.82
CA SER B 128 42.43 2.96 -13.53
C SER B 128 41.57 2.94 -14.79
N TYR B 129 40.88 4.04 -15.10
CA TYR B 129 40.02 4.10 -16.29
C TYR B 129 40.85 4.00 -17.57
N THR B 130 40.51 3.03 -18.42
CA THR B 130 41.13 2.93 -19.74
C THR B 130 40.19 3.54 -20.76
N GLN B 131 40.70 3.70 -21.97
CA GLN B 131 39.95 4.30 -23.06
C GLN B 131 38.64 3.56 -23.38
N ARG B 132 38.65 2.24 -23.14
CA ARG B 132 37.43 1.41 -23.17
C ARG B 132 36.43 1.89 -22.11
N ASN B 133 36.88 2.08 -20.87
CA ASN B 133 35.96 2.61 -19.85
C ASN B 133 35.22 3.88 -20.33
N ILE B 134 35.96 4.87 -20.83
CA ILE B 134 35.34 6.11 -21.35
C ILE B 134 34.33 5.82 -22.45
N ARG B 135 34.69 4.92 -23.37
CA ARG B 135 33.78 4.52 -24.44
C ARG B 135 32.53 3.85 -23.88
N ASP B 136 32.68 3.08 -22.80
CA ASP B 136 31.51 2.44 -22.17
C ASP B 136 30.55 3.47 -21.58
N LEU B 137 31.10 4.51 -20.95
CA LEU B 137 30.29 5.63 -20.45
C LEU B 137 29.42 6.24 -21.53
N LEU B 138 30.07 6.64 -22.63
CA LEU B 138 29.39 7.34 -23.70
C LEU B 138 28.33 6.44 -24.27
N GLN B 139 28.58 5.15 -24.18
CA GLN B 139 27.66 4.16 -24.70
C GLN B 139 26.42 4.11 -23.81
N ASP B 140 26.63 4.09 -22.50
CA ASP B 140 25.56 4.19 -21.50
C ASP B 140 24.52 5.25 -21.81
N ILE B 141 24.94 6.34 -22.44
CA ILE B 141 24.02 7.38 -22.85
C ILE B 141 23.83 7.43 -24.38
N ASN B 142 24.07 6.30 -25.04
CA ASN B 142 23.89 6.17 -26.49
C ASN B 142 24.62 7.21 -27.34
N VAL B 143 25.88 7.43 -27.01
CA VAL B 143 26.71 8.31 -27.78
C VAL B 143 27.89 7.54 -28.33
N VAL B 144 28.05 7.60 -29.65
CA VAL B 144 29.19 7.03 -30.32
C VAL B 144 30.37 7.95 -30.05
N ALA B 145 31.49 7.39 -29.62
CA ALA B 145 32.71 8.18 -29.44
C ALA B 145 33.59 7.99 -30.68
N LEU B 146 33.82 9.09 -31.39
CA LEU B 146 34.49 9.04 -32.68
C LEU B 146 35.97 8.76 -32.45
N SER B 147 36.50 9.42 -31.41
CA SER B 147 37.85 9.20 -30.95
C SER B 147 37.94 9.61 -29.48
N ILE B 148 38.91 8.99 -28.82
CA ILE B 148 39.20 9.22 -27.41
C ILE B 148 40.71 9.27 -27.36
N ARG B 149 41.28 10.44 -27.08
CA ARG B 149 42.72 10.45 -26.80
C ARG B 149 43.04 10.71 -25.33
N LEU B 150 43.93 9.90 -24.81
CA LEU B 150 44.06 9.69 -23.39
C LEU B 150 45.50 9.32 -23.12
N PRO B 151 46.19 10.05 -22.23
CA PRO B 151 47.40 9.54 -21.59
C PRO B 151 47.26 8.09 -21.07
N SER B 152 48.03 7.19 -21.67
CA SER B 152 48.01 5.78 -21.27
C SER B 152 48.33 5.56 -19.77
N LEU B 153 47.90 4.42 -19.22
CA LEU B 153 48.15 4.05 -17.82
C LEU B 153 49.64 4.01 -17.50
N ARG B 154 50.45 3.55 -18.47
CA ARG B 154 51.94 3.51 -18.40
C ARG B 154 52.57 4.77 -17.82
N PHE B 155 51.85 5.89 -17.92
CA PHE B 155 52.39 7.21 -17.62
C PHE B 155 51.96 7.73 -16.28
N ASN B 156 50.81 7.25 -15.80
CA ASN B 156 50.31 7.61 -14.48
C ASN B 156 50.14 9.15 -14.37
N THR B 157 49.88 9.79 -15.51
CA THR B 157 49.78 11.25 -15.60
C THR B 157 48.95 11.85 -14.47
N SER B 158 49.48 12.95 -13.91
CA SER B 158 48.84 13.73 -12.88
C SER B 158 47.74 14.63 -13.49
N ARG B 159 46.58 14.69 -12.83
CA ARG B 159 45.39 15.47 -13.30
C ARG B 159 44.98 15.06 -14.75
N ARG B 160 45.00 13.74 -14.98
CA ARG B 160 44.77 13.10 -16.26
C ARG B 160 43.44 13.44 -16.95
N PHE B 161 43.50 13.91 -18.19
CA PHE B 161 42.30 14.32 -18.93
C PHE B 161 42.25 13.70 -20.33
N ALA B 162 41.05 13.54 -20.87
CA ALA B 162 40.88 12.89 -22.16
C ALA B 162 40.14 13.81 -23.08
N TYR B 163 40.62 13.93 -24.32
CA TYR B 163 39.81 14.57 -25.36
C TYR B 163 39.00 13.53 -26.09
N ILE B 164 37.72 13.83 -26.27
CA ILE B 164 36.77 12.97 -26.96
C ILE B 164 36.07 13.72 -28.09
N ASP B 165 36.09 13.13 -29.29
CA ASP B 165 35.31 13.65 -30.40
C ASP B 165 34.06 12.84 -30.55
N VAL B 166 32.95 13.53 -30.82
CA VAL B 166 31.66 12.86 -31.07
C VAL B 166 31.16 13.11 -32.50
N THR B 167 30.00 12.59 -32.88
CA THR B 167 29.59 12.64 -34.30
C THR B 167 28.73 13.85 -34.67
N SER B 168 28.26 14.59 -33.68
CA SER B 168 27.38 15.74 -33.93
C SER B 168 27.53 16.70 -32.80
N LYS B 169 27.41 17.98 -33.11
CA LYS B 169 27.40 19.06 -32.14
C LYS B 169 26.48 18.76 -30.97
N GLU B 170 25.25 18.31 -31.26
CA GLU B 170 24.28 18.01 -30.23
C GLU B 170 24.78 16.96 -29.28
N ASP B 171 25.44 15.93 -29.84
CA ASP B 171 26.02 14.89 -28.99
C ASP B 171 27.00 15.41 -27.96
N ALA B 172 27.85 16.36 -28.37
CA ALA B 172 28.81 16.92 -27.41
C ALA B 172 28.08 17.63 -26.27
N ARG B 173 27.08 18.43 -26.63
CA ARG B 173 26.38 19.20 -25.62
C ARG B 173 25.62 18.26 -24.70
N TYR B 174 24.96 17.27 -25.31
CA TYR B 174 24.20 16.29 -24.56
C TYR B 174 25.08 15.51 -23.59
N CYS B 175 26.20 15.05 -24.10
CA CYS B 175 27.15 14.25 -23.39
C CYS B 175 27.67 14.96 -22.11
N VAL B 176 28.13 16.20 -22.25
CA VAL B 176 28.51 17.03 -21.11
C VAL B 176 27.37 17.13 -20.09
N GLU B 177 26.16 17.44 -20.55
CA GLU B 177 25.05 17.57 -19.62
C GLU B 177 24.65 16.33 -18.87
N LYS B 178 24.69 15.18 -19.54
CA LYS B 178 24.31 13.94 -18.90
C LYS B 178 25.40 13.46 -17.94
N LEU B 179 26.66 13.73 -18.27
CA LEU B 179 27.75 13.05 -17.56
C LEU B 179 28.42 13.89 -16.50
N ASN B 180 28.31 15.20 -16.61
CA ASN B 180 29.00 16.04 -15.66
C ASN B 180 28.47 15.91 -14.24
N GLY B 181 29.36 15.72 -13.27
CA GLY B 181 28.94 15.60 -11.88
C GLY B 181 28.61 14.15 -11.53
N LEU B 182 28.73 13.26 -12.51
CA LEU B 182 28.55 11.85 -12.28
C LEU B 182 29.63 11.35 -11.31
N LYS B 183 29.21 10.47 -10.40
CA LYS B 183 30.14 9.94 -9.40
C LYS B 183 30.58 8.52 -9.75
N ILE B 184 31.87 8.38 -10.00
CA ILE B 184 32.45 7.09 -10.32
C ILE B 184 33.54 6.75 -9.31
N GLU B 185 33.28 5.71 -8.51
CA GLU B 185 34.21 5.28 -7.45
C GLU B 185 34.70 6.42 -6.54
N GLY B 186 33.80 7.32 -6.18
CA GLY B 186 34.14 8.45 -5.34
C GLY B 186 34.66 9.71 -6.04
N TYR B 187 35.01 9.61 -7.32
CA TYR B 187 35.44 10.77 -8.08
C TYR B 187 34.23 11.41 -8.75
N THR B 188 34.11 12.73 -8.62
CA THR B 188 33.03 13.43 -9.29
C THR B 188 33.54 13.87 -10.67
N LEU B 189 32.89 13.38 -11.74
CA LEU B 189 33.34 13.61 -13.11
C LEU B 189 33.21 15.10 -13.57
N VAL B 190 34.20 15.61 -14.31
CA VAL B 190 34.10 16.96 -14.92
C VAL B 190 34.27 16.94 -16.46
N THR B 191 33.28 17.45 -17.19
CA THR B 191 33.34 17.53 -18.66
C THR B 191 32.85 18.87 -19.16
N LYS B 192 33.44 19.33 -20.25
CA LYS B 192 32.99 20.56 -20.87
C LYS B 192 33.22 20.42 -22.35
N VAL B 193 32.42 21.12 -23.13
CA VAL B 193 32.62 21.15 -24.55
C VAL B 193 33.90 21.95 -24.70
N SER B 194 34.72 21.58 -25.66
CA SER B 194 35.97 22.24 -25.83
C SER B 194 35.73 23.68 -26.27
N ASN B 195 36.64 24.58 -25.89
CA ASN B 195 36.54 25.99 -26.24
C ASN B 195 37.78 26.46 -27.00
N PRO B 196 37.70 26.61 -28.35
CA PRO B 196 38.91 26.70 -29.18
C PRO B 196 39.39 28.15 -29.37
N LEU B 197 40.70 28.35 -29.61
CA LEU B 197 41.26 29.69 -29.87
C LEU B 197 40.96 30.13 -31.31
N THR B 207 41.68 38.71 -25.32
CA THR B 207 42.67 37.67 -25.68
C THR B 207 43.25 36.89 -24.48
N LEU B 208 43.19 37.46 -23.27
CA LEU B 208 43.37 36.70 -22.04
C LEU B 208 42.06 36.05 -21.58
N GLU B 209 40.96 36.49 -22.19
CA GLU B 209 39.62 36.11 -21.75
C GLU B 209 39.40 34.59 -21.74
N GLY B 210 39.29 34.03 -20.53
CA GLY B 210 39.04 32.62 -20.38
C GLY B 210 40.29 31.78 -20.29
N ARG B 211 41.45 32.43 -20.32
CA ARG B 211 42.71 31.74 -20.16
C ARG B 211 43.32 32.09 -18.83
N GLU B 212 42.69 33.01 -18.11
CA GLU B 212 43.29 33.53 -16.89
C GLU B 212 42.43 33.17 -15.68
N ILE B 213 43.08 32.62 -14.66
CA ILE B 213 42.40 32.30 -13.43
C ILE B 213 42.99 33.11 -12.29
N ILE B 215 43.56 32.86 -8.14
CA ILE B 215 43.64 31.92 -7.02
C ILE B 215 43.59 32.73 -5.72
N ARG B 216 42.66 32.38 -4.81
CA ARG B 216 42.47 33.16 -3.55
C ARG B 216 42.62 32.32 -2.28
N ASN B 217 42.49 32.94 -1.11
CA ASN B 217 42.61 32.23 0.17
C ASN B 217 44.01 31.58 0.40
N LEU B 218 45.03 32.13 -0.25
CA LEU B 218 46.39 31.62 -0.08
C LEU B 218 47.02 32.21 1.15
N SER B 219 47.81 31.37 1.85
CA SER B 219 48.64 31.83 2.96
C SER B 219 49.97 32.40 2.41
N THR B 220 50.75 33.01 3.28
CA THR B 220 52.08 33.47 2.91
C THR B 220 52.98 32.34 2.42
N GLU B 221 52.82 31.16 3.02
CA GLU B 221 53.70 30.02 2.74
C GLU B 221 53.30 29.37 1.45
N LEU B 222 52.03 29.54 1.07
CA LEU B 222 51.53 28.98 -0.18
C LEU B 222 51.77 29.91 -1.36
N LEU B 223 52.23 31.12 -1.08
CA LEU B 223 52.52 32.07 -2.14
C LEU B 223 53.87 31.77 -2.77
N ASP B 224 54.01 30.57 -3.34
CA ASP B 224 55.27 30.12 -3.92
C ASP B 224 55.07 29.75 -5.39
N GLU B 225 55.79 30.44 -6.27
CA GLU B 225 55.61 30.24 -7.71
C GLU B 225 55.82 28.79 -8.13
N ASN B 226 56.89 28.17 -7.65
CA ASN B 226 57.13 26.76 -7.97
C ASN B 226 55.98 25.90 -7.51
N LEU B 227 55.51 26.12 -6.28
CA LEU B 227 54.42 25.33 -5.73
C LEU B 227 53.18 25.39 -6.62
N LEU B 228 52.78 26.59 -7.00
CA LEU B 228 51.59 26.77 -7.83
C LEU B 228 51.84 26.15 -9.19
N ARG B 229 52.98 26.46 -9.81
CA ARG B 229 53.33 25.83 -11.08
C ARG B 229 53.10 24.34 -10.99
N GLU B 230 53.70 23.72 -9.99
CA GLU B 230 53.57 22.29 -9.81
C GLU B 230 52.14 21.85 -9.56
N SER B 231 51.42 22.62 -8.75
CA SER B 231 50.02 22.31 -8.41
C SER B 231 49.09 22.40 -9.57
N PHE B 232 49.38 23.25 -10.54
CA PHE B 232 48.48 23.44 -11.66
C PHE B 232 48.98 22.91 -13.01
N GLU B 233 50.24 22.50 -13.13
CA GLU B 233 50.78 22.24 -14.49
C GLU B 233 50.15 21.06 -15.23
N GLY B 234 49.46 20.21 -14.47
CA GLY B 234 48.81 19.04 -15.05
C GLY B 234 47.58 19.45 -15.84
N PHE B 235 47.04 20.62 -15.56
CA PHE B 235 45.83 21.06 -16.28
C PHE B 235 46.08 21.49 -17.73
N GLY B 236 47.35 21.57 -18.13
CA GLY B 236 47.69 22.09 -19.45
C GLY B 236 48.76 23.15 -19.34
N SER B 237 49.33 23.58 -20.45
CA SER B 237 50.52 24.43 -20.39
C SER B 237 50.31 25.79 -19.78
N ILE B 238 51.19 26.16 -18.86
CA ILE B 238 51.13 27.47 -18.20
C ILE B 238 51.91 28.54 -18.96
N GLU B 239 51.23 29.62 -19.31
CA GLU B 239 51.89 30.74 -19.97
C GLU B 239 52.60 31.68 -19.01
N LYS B 240 51.94 32.04 -17.91
CA LYS B 240 52.54 32.97 -16.96
C LYS B 240 51.92 32.83 -15.59
N ILE B 241 52.76 32.83 -14.57
CA ILE B 241 52.33 32.94 -13.19
C ILE B 241 52.67 34.34 -12.65
N ASN B 242 51.69 34.97 -12.04
CA ASN B 242 51.77 36.37 -11.72
C ASN B 242 51.27 36.58 -10.29
N ILE B 243 52.14 37.12 -9.44
CA ILE B 243 51.90 37.15 -8.01
C ILE B 243 52.11 38.55 -7.50
N PRO B 244 51.03 39.31 -7.28
CA PRO B 244 51.21 40.69 -6.84
C PRO B 244 52.07 40.81 -5.57
N ALA B 245 52.96 41.80 -5.54
CA ALA B 245 53.84 42.02 -4.41
C ALA B 245 53.10 42.63 -3.22
N GLY B 246 53.74 42.59 -2.06
CA GLY B 246 53.27 43.31 -0.87
C GLY B 246 52.36 42.49 0.02
N GLN B 247 51.74 41.48 -0.58
CA GLN B 247 50.82 40.57 0.10
C GLN B 247 51.33 40.03 1.44
N LYS B 248 52.52 39.43 1.45
CA LYS B 248 53.22 39.02 2.69
C LYS B 248 53.43 40.23 3.64
N PHE B 252 46.13 38.17 6.32
CA PHE B 252 44.80 37.63 6.61
C PHE B 252 44.50 36.33 5.88
N ASN B 253 45.52 35.80 5.20
CA ASN B 253 45.34 34.62 4.36
C ASN B 253 44.45 34.95 3.16
N ASN B 254 44.53 36.20 2.72
CA ASN B 254 43.78 36.63 1.56
C ASN B 254 44.73 36.93 0.42
N CYS B 255 45.83 36.20 0.41
CA CYS B 255 46.77 36.29 -0.68
C CYS B 255 46.20 35.69 -1.95
N CYS B 256 46.55 36.28 -3.09
CA CYS B 256 46.06 35.77 -4.36
C CYS B 256 47.14 35.70 -5.39
N ALA B 257 46.93 34.85 -6.40
CA ALA B 257 47.87 34.73 -7.50
C ALA B 257 47.11 34.62 -8.81
N PHE B 258 47.62 35.25 -9.87
CA PHE B 258 47.01 35.07 -11.18
C PHE B 258 47.81 34.10 -12.05
N VAL B 260 47.89 32.44 -16.01
CA VAL B 260 47.48 32.49 -17.41
C VAL B 260 47.94 31.21 -18.11
N PHE B 261 47.00 30.53 -18.75
CA PHE B 261 47.30 29.30 -19.48
C PHE B 261 47.39 29.54 -20.98
N GLU B 262 48.06 28.63 -21.67
CA GLU B 262 48.17 28.74 -23.14
C GLU B 262 46.81 28.73 -23.85
N ASN B 263 45.93 27.83 -23.44
CA ASN B 263 44.60 27.77 -24.00
C ASN B 263 43.50 27.84 -22.92
N LYS B 264 42.25 28.05 -23.33
CA LYS B 264 41.09 28.20 -22.44
C LYS B 264 40.67 26.88 -21.81
N ASP B 265 40.77 25.79 -22.56
CA ASP B 265 40.41 24.50 -22.00
C ASP B 265 41.25 24.18 -20.76
N SER B 266 42.52 24.62 -20.77
CA SER B 266 43.41 24.36 -19.63
C SER B 266 42.96 25.17 -18.44
N ALA B 267 42.67 26.43 -18.68
CA ALA B 267 42.24 27.29 -17.58
C ALA B 267 40.92 26.81 -17.02
N GLU B 268 40.03 26.31 -17.88
CA GLU B 268 38.79 25.67 -17.44
C GLU B 268 39.04 24.47 -16.51
N ARG B 269 39.87 23.50 -16.92
CA ARG B 269 40.13 22.30 -16.10
C ARG B 269 40.73 22.71 -14.72
N ALA B 270 41.41 23.86 -14.74
CA ALA B 270 42.16 24.28 -13.57
C ALA B 270 41.16 24.72 -12.54
N LEU B 271 39.95 25.01 -12.98
CA LEU B 271 38.90 25.41 -12.04
C LEU B 271 38.54 24.26 -11.09
N GLN B 272 38.98 23.04 -11.38
CA GLN B 272 38.75 21.98 -10.41
C GLN B 272 39.44 22.25 -9.07
N ASN B 274 39.24 24.82 -7.36
CA ASN B 274 38.36 25.56 -6.48
C ASN B 274 37.80 24.64 -5.41
N ARG B 275 37.70 25.13 -4.18
CA ARG B 275 37.25 24.30 -3.03
C ARG B 275 38.12 23.04 -2.77
N SER B 276 39.40 23.12 -3.10
CA SER B 276 40.29 21.98 -2.93
C SER B 276 41.42 22.30 -1.96
N LEU B 277 41.92 21.26 -1.30
CA LEU B 277 43.02 21.40 -0.35
C LEU B 277 44.37 21.62 -1.04
N LEU B 278 45.01 22.76 -0.81
CA LEU B 278 46.40 22.96 -1.23
C LEU B 278 47.25 23.18 0.03
N GLY B 279 48.26 22.35 0.23
CA GLY B 279 48.99 22.29 1.49
C GLY B 279 48.02 22.14 2.64
N ASN B 280 47.84 23.23 3.39
CA ASN B 280 46.94 23.23 4.53
C ASN B 280 45.77 24.24 4.44
N ARG B 281 45.46 24.71 3.24
CA ARG B 281 44.34 25.62 3.07
C ARG B 281 43.43 25.17 1.94
N GLU B 282 42.17 25.61 2.01
CA GLU B 282 41.21 25.39 0.93
C GLU B 282 41.29 26.61 0.05
N ILE B 283 41.80 26.45 -1.16
CA ILE B 283 41.96 27.65 -1.97
C ILE B 283 40.67 27.91 -2.75
N SER B 284 40.51 29.12 -3.29
CA SER B 284 39.39 29.35 -4.22
C SER B 284 39.92 29.75 -5.58
N VAL B 285 39.32 29.16 -6.63
CA VAL B 285 39.78 29.40 -8.01
C VAL B 285 38.61 29.80 -8.89
N SER B 286 38.73 30.97 -9.50
CA SER B 286 37.73 31.48 -10.40
C SER B 286 38.45 32.03 -11.63
N LEU B 287 37.71 32.24 -12.72
CA LEU B 287 38.24 32.89 -13.93
C LEU B 287 38.43 34.36 -13.68
N ALA B 288 39.60 34.87 -14.00
CA ALA B 288 39.88 36.32 -13.83
C ALA B 288 38.90 37.22 -14.55
N ASP B 289 38.48 38.28 -13.85
CA ASP B 289 37.64 39.30 -14.46
C ASP B 289 38.38 39.84 -15.67
N LYS B 290 37.69 39.90 -16.81
CA LYS B 290 38.36 40.35 -18.03
C LYS B 290 38.66 41.82 -17.92
N LYS B 291 39.75 42.25 -18.54
CA LYS B 291 40.24 43.60 -18.35
C LYS B 291 39.54 44.61 -19.29
N PRO B 292 39.12 45.77 -18.73
CA PRO B 292 38.32 46.77 -19.46
C PRO B 292 39.09 47.52 -20.56
N THR C 42 13.85 25.15 30.47
CA THR C 42 13.42 26.47 29.91
C THR C 42 12.01 26.39 29.25
N THR C 43 11.71 25.23 28.63
CA THR C 43 10.50 24.95 27.78
C THR C 43 10.15 23.44 27.80
N VAL C 44 8.89 23.09 27.63
CA VAL C 44 8.41 21.71 27.89
C VAL C 44 7.60 21.12 26.72
N LEU C 45 7.77 19.83 26.41
CA LEU C 45 6.96 19.14 25.40
C LEU C 45 5.91 18.30 26.10
N VAL C 46 4.66 18.41 25.70
CA VAL C 46 3.60 17.56 26.26
C VAL C 46 3.08 16.66 25.14
N LYS C 47 3.05 15.34 25.39
CA LYS C 47 2.66 14.38 24.35
C LYS C 47 1.51 13.49 24.77
N ASN C 48 0.66 13.16 23.80
CA ASN C 48 -0.53 12.33 23.97
C ASN C 48 -1.66 12.99 24.79
N LEU C 49 -1.86 14.29 24.61
CA LEU C 49 -3.06 14.95 25.14
C LEU C 49 -4.27 14.42 24.37
N PRO C 50 -5.47 14.48 24.98
CA PRO C 50 -6.63 14.19 24.13
C PRO C 50 -6.83 15.23 23.01
N LYS C 51 -7.35 14.76 21.87
CA LYS C 51 -7.55 15.58 20.66
C LYS C 51 -8.42 16.80 20.87
N SER C 52 -9.40 16.69 21.76
CA SER C 52 -10.30 17.79 22.10
C SER C 52 -9.61 18.91 22.88
N TYR C 53 -8.43 18.62 23.41
CA TYR C 53 -7.70 19.58 24.21
C TYR C 53 -7.22 20.79 23.43
N ASN C 54 -7.96 21.87 23.71
CA ASN C 54 -7.72 23.22 23.26
C ASN C 54 -6.40 23.77 23.83
N GLN C 55 -5.96 24.92 23.32
CA GLN C 55 -4.84 25.65 23.92
C GLN C 55 -5.17 26.14 25.32
N ASN C 56 -6.38 26.67 25.47
CA ASN C 56 -6.93 27.10 26.74
C ASN C 56 -6.94 26.01 27.78
N LYS C 57 -7.52 24.86 27.43
CA LYS C 57 -7.56 23.70 28.34
C LYS C 57 -6.16 23.28 28.83
N VAL C 58 -5.20 23.24 27.91
CA VAL C 58 -3.81 22.97 28.26
C VAL C 58 -3.25 24.04 29.23
N TYR C 59 -3.51 25.30 28.92
CA TYR C 59 -3.10 26.42 29.76
C TYR C 59 -3.70 26.28 31.16
N LYS C 60 -4.95 25.83 31.20
CA LYS C 60 -5.67 25.61 32.44
C LYS C 60 -5.05 24.46 33.26
N TYR C 61 -4.77 23.35 32.60
CA TYR C 61 -4.18 22.20 33.27
C TYR C 61 -2.81 22.50 33.90
N PHE C 62 -2.03 23.37 33.26
CA PHE C 62 -0.65 23.61 33.70
C PHE C 62 -0.42 24.93 34.42
N LYS C 63 -1.42 25.82 34.43
CA LYS C 63 -1.24 27.17 34.99
C LYS C 63 -0.87 27.22 36.49
N HIS C 64 -1.03 26.10 37.17
CA HIS C 64 -0.58 25.99 38.57
C HIS C 64 0.85 25.46 38.70
N CYS C 65 1.68 25.78 37.69
CA CYS C 65 3.09 25.41 37.69
C CYS C 65 4.03 26.61 37.73
N GLY C 66 3.50 27.78 37.43
CA GLY C 66 4.30 29.00 37.37
C GLY C 66 3.79 29.83 36.22
N PRO C 67 4.31 31.07 36.07
CA PRO C 67 3.83 31.92 34.97
C PRO C 67 4.16 31.30 33.61
N ILE C 68 3.21 31.34 32.70
CA ILE C 68 3.42 30.76 31.37
C ILE C 68 3.55 31.87 30.32
N ILE C 69 4.65 31.86 29.59
CA ILE C 69 4.88 32.83 28.51
C ILE C 69 4.09 32.47 27.23
N HIS C 70 4.24 31.23 26.77
CA HIS C 70 3.59 30.74 25.55
C HIS C 70 3.03 29.34 25.70
N VAL C 71 1.90 29.10 25.03
CA VAL C 71 1.33 27.77 24.87
C VAL C 71 1.03 27.56 23.39
N ASP C 72 1.44 26.42 22.86
CA ASP C 72 1.18 26.08 21.47
C ASP C 72 0.69 24.64 21.45
N VAL C 73 -0.29 24.34 20.61
CA VAL C 73 -0.84 23.00 20.54
C VAL C 73 -0.80 22.52 19.10
N ALA C 74 -0.55 21.23 18.88
CA ALA C 74 -0.56 20.72 17.50
C ALA C 74 -1.13 19.32 17.40
N ASP C 75 -1.75 19.02 16.26
CA ASP C 75 -2.32 17.70 16.03
C ASP C 75 -1.22 16.68 15.75
N SER C 76 -1.45 15.45 16.19
CA SER C 76 -0.59 14.33 15.79
C SER C 76 -0.76 14.12 14.29
N LEU C 77 0.22 13.51 13.65
CA LEU C 77 0.16 13.18 12.22
C LEU C 77 -1.19 12.60 11.80
N LYS C 78 -1.66 11.62 12.57
CA LYS C 78 -2.87 10.89 12.26
C LYS C 78 -4.03 11.47 13.06
N LYS C 79 -3.81 12.65 13.61
CA LYS C 79 -4.85 13.47 14.23
C LYS C 79 -5.63 12.79 15.35
N ASN C 80 -5.02 11.84 16.06
CA ASN C 80 -5.73 11.19 17.17
C ASN C 80 -5.28 11.52 18.60
N PHE C 81 -4.26 12.36 18.71
CA PHE C 81 -3.99 13.05 19.98
C PHE C 81 -3.38 14.40 19.67
N ARG C 82 -2.97 15.11 20.72
CA ARG C 82 -2.26 16.39 20.54
C ARG C 82 -0.98 16.51 21.34
N PHE C 83 -0.05 17.28 20.78
CA PHE C 83 1.14 17.74 21.47
C PHE C 83 0.91 19.17 21.97
N ALA C 84 1.56 19.54 23.07
CA ALA C 84 1.69 20.97 23.38
C ALA C 84 3.14 21.41 23.63
N ARG C 85 3.42 22.67 23.32
CA ARG C 85 4.67 23.32 23.67
C ARG C 85 4.34 24.37 24.70
N ILE C 86 4.82 24.20 25.92
CA ILE C 86 4.63 25.19 26.97
C ILE C 86 6.00 25.74 27.39
N GLU C 87 6.16 27.04 27.19
CA GLU C 87 7.33 27.75 27.61
C GLU C 87 6.98 28.38 28.96
N PHE C 88 7.88 28.26 29.93
CA PHE C 88 7.62 28.86 31.23
C PHE C 88 8.54 30.06 31.43
N ALA C 89 8.23 30.87 32.44
CA ALA C 89 9.09 32.01 32.80
C ALA C 89 10.36 31.52 33.49
N ARG C 90 10.22 30.55 34.39
CA ARG C 90 11.33 30.01 35.17
C ARG C 90 11.53 28.51 34.97
N TYR C 91 12.74 28.03 35.28
CA TYR C 91 13.10 26.62 35.18
C TYR C 91 12.24 25.68 36.04
N ASP C 92 12.04 26.02 37.31
CA ASP C 92 11.25 25.16 38.21
C ASP C 92 9.82 25.02 37.70
N GLY C 93 9.34 26.03 36.98
CA GLY C 93 8.03 25.97 36.33
C GLY C 93 7.91 24.79 35.37
N ALA C 94 8.97 24.58 34.57
CA ALA C 94 9.03 23.44 33.66
C ALA C 94 9.19 22.13 34.44
N LEU C 95 10.08 22.13 35.44
CA LEU C 95 10.31 20.94 36.25
C LEU C 95 9.06 20.52 36.99
N ALA C 96 8.22 21.50 37.31
CA ALA C 96 6.91 21.24 37.91
C ALA C 96 6.03 20.52 36.90
N ALA C 97 6.05 20.96 35.65
CA ALA C 97 5.22 20.37 34.60
C ALA C 97 5.68 18.95 34.29
N ILE C 98 6.96 18.68 34.50
CA ILE C 98 7.55 17.37 34.24
C ILE C 98 7.06 16.32 35.24
N THR C 99 6.84 16.73 36.49
CA THR C 99 6.26 15.83 37.50
C THR C 99 4.86 15.41 37.10
N LYS C 100 4.25 16.19 36.20
CA LYS C 100 2.92 15.89 35.66
C LYS C 100 2.98 14.81 34.57
N THR C 101 4.19 14.42 34.17
CA THR C 101 4.39 13.32 33.23
C THR C 101 3.71 12.03 33.71
N HIS C 102 3.31 11.17 32.77
CA HIS C 102 2.65 9.89 33.07
C HIS C 102 1.31 10.01 33.84
N LYS C 103 0.90 11.23 34.16
CA LYS C 103 -0.43 11.49 34.74
C LYS C 103 -1.52 11.28 33.68
N VAL C 104 -2.72 10.96 34.13
CA VAL C 104 -3.82 10.69 33.19
C VAL C 104 -4.72 11.91 33.02
N VAL C 105 -4.77 12.41 31.79
CA VAL C 105 -5.69 13.47 31.41
C VAL C 105 -6.74 12.89 30.49
N GLY C 106 -8.01 13.01 30.88
CA GLY C 106 -9.13 12.43 30.12
C GLY C 106 -9.06 10.92 30.22
N GLN C 107 -8.64 10.27 29.15
CA GLN C 107 -8.36 8.83 29.17
C GLN C 107 -7.03 8.57 28.50
N ASN C 108 -6.20 9.60 28.50
CA ASN C 108 -4.89 9.60 27.85
C ASN C 108 -3.80 9.72 28.89
N GLU C 109 -2.83 8.81 28.84
CA GLU C 109 -1.66 8.96 29.68
C GLU C 109 -0.71 9.90 28.95
N ILE C 110 -0.27 10.96 29.62
CA ILE C 110 0.56 11.97 28.96
C ILE C 110 2.04 11.88 29.32
N ILE C 111 2.89 12.33 28.40
CA ILE C 111 4.32 12.34 28.63
C ILE C 111 4.87 13.77 28.50
N VAL C 112 5.54 14.23 29.55
CA VAL C 112 6.12 15.57 29.60
C VAL C 112 7.64 15.52 29.74
N SER C 113 8.35 16.11 28.78
CA SER C 113 9.81 16.23 28.83
C SER C 113 10.29 17.66 28.51
N HIS C 114 11.56 17.94 28.78
CA HIS C 114 12.20 19.18 28.32
C HIS C 114 12.21 19.17 26.80
N LEU C 115 11.74 20.26 26.17
CA LEU C 115 11.84 20.39 24.70
C LEU C 115 13.25 20.85 24.37
N THR C 116 14.11 19.92 23.99
CA THR C 116 15.48 20.31 23.71
C THR C 116 15.89 19.83 22.34
N GLU C 117 16.69 20.64 21.66
CA GLU C 117 17.23 20.35 20.32
C GLU C 117 16.20 20.06 19.22
N CYS C 118 15.01 20.63 19.35
CA CYS C 118 13.99 20.52 18.31
C CYS C 118 13.68 21.82 17.54
N THR C 119 14.65 22.72 17.37
CA THR C 119 14.38 24.03 16.75
C THR C 119 15.18 24.27 15.48
N LEU C 120 14.50 24.56 14.40
CA LEU C 120 15.21 24.86 13.16
C LEU C 120 14.84 26.26 12.69
N TRP C 121 15.67 26.89 11.87
CA TRP C 121 15.23 28.10 11.18
C TRP C 121 15.13 27.82 9.70
N THR C 123 14.43 29.90 5.78
CA THR C 123 14.49 31.20 5.15
C THR C 123 14.59 31.05 3.64
N ASN C 124 14.43 32.17 2.95
CA ASN C 124 14.36 32.21 1.50
C ASN C 124 13.20 31.40 0.91
N PHE C 125 12.06 31.44 1.60
CA PHE C 125 10.80 31.04 1.00
C PHE C 125 10.18 32.24 0.28
N PRO C 126 9.14 32.01 -0.53
CA PRO C 126 8.50 33.14 -1.21
C PRO C 126 7.94 34.19 -0.22
N PRO C 127 8.01 35.50 -0.56
CA PRO C 127 7.43 36.51 0.32
C PRO C 127 5.95 36.27 0.64
N SER C 128 5.21 35.70 -0.31
CA SER C 128 3.78 35.40 -0.12
C SER C 128 3.49 34.33 0.92
N TYR C 129 4.52 33.60 1.35
CA TYR C 129 4.35 32.47 2.26
C TYR C 129 3.88 32.83 3.65
N THR C 130 2.78 32.22 4.08
CA THR C 130 2.28 32.42 5.45
C THR C 130 2.71 31.28 6.39
N GLN C 131 2.33 31.40 7.66
CA GLN C 131 2.50 30.34 8.63
C GLN C 131 1.91 29.02 8.12
N ARG C 132 0.70 29.06 7.58
CA ARG C 132 0.04 27.85 7.07
C ARG C 132 0.82 27.20 5.93
N ASN C 133 1.43 28.02 5.10
CA ASN C 133 2.27 27.53 4.02
C ASN C 133 3.44 26.69 4.50
N ILE C 134 4.12 27.18 5.53
CA ILE C 134 5.20 26.47 6.20
C ILE C 134 4.71 25.15 6.81
N ARG C 135 3.60 25.18 7.52
CA ARG C 135 3.03 23.96 8.09
C ARG C 135 2.72 22.91 7.03
N ASP C 136 2.30 23.35 5.84
CA ASP C 136 1.99 22.45 4.71
C ASP C 136 3.24 21.73 4.25
N LEU C 137 4.33 22.49 4.19
CA LEU C 137 5.60 21.96 3.81
C LEU C 137 5.94 20.80 4.73
N LEU C 138 5.80 21.02 6.04
CA LEU C 138 6.22 19.99 6.96
C LEU C 138 5.30 18.79 6.90
N GLN C 139 4.04 19.05 6.61
CA GLN C 139 3.08 17.97 6.46
C GLN C 139 3.39 17.18 5.20
N ASP C 140 3.92 17.84 4.16
CA ASP C 140 4.29 17.12 2.93
C ASP C 140 5.36 16.07 3.24
N ILE C 141 6.17 16.28 4.27
CA ILE C 141 7.19 15.30 4.65
C ILE C 141 6.86 14.59 5.94
N ASN C 142 5.61 14.71 6.37
CA ASN C 142 5.06 14.07 7.59
C ASN C 142 5.75 14.44 8.90
N VAL C 143 5.86 15.74 9.12
CA VAL C 143 6.48 16.25 10.33
C VAL C 143 5.51 17.23 10.97
N VAL C 144 5.24 17.03 12.26
CA VAL C 144 4.39 17.92 13.04
C VAL C 144 5.12 19.21 13.34
N ALA C 145 4.49 20.32 13.03
CA ALA C 145 5.00 21.61 13.46
C ALA C 145 4.41 21.94 14.83
N LEU C 146 5.25 21.87 15.84
CA LEU C 146 4.85 22.13 17.20
C LEU C 146 4.50 23.59 17.33
N SER C 147 5.34 24.45 16.74
CA SER C 147 5.05 25.87 16.61
C SER C 147 5.90 26.52 15.51
N ILE C 148 5.34 27.53 14.85
CA ILE C 148 6.03 28.26 13.80
C ILE C 148 5.97 29.74 14.14
N ARG C 149 7.11 30.41 14.22
CA ARG C 149 7.09 31.83 14.49
C ARG C 149 7.72 32.61 13.36
N LEU C 150 6.90 33.49 12.78
CA LEU C 150 7.21 34.17 11.55
C LEU C 150 6.97 35.68 11.73
N PRO C 151 8.05 36.47 11.93
CA PRO C 151 8.11 37.91 12.19
C PRO C 151 6.79 38.69 12.00
N ARG C 159 14.66 40.57 5.17
CA ARG C 159 15.01 39.23 4.62
C ARG C 159 14.51 38.12 5.56
N ARG C 160 13.19 38.01 5.68
CA ARG C 160 12.49 37.18 6.66
C ARG C 160 12.94 35.75 6.80
N PHE C 161 12.93 35.29 8.06
CA PHE C 161 13.17 33.89 8.40
C PHE C 161 12.14 33.37 9.38
N ALA C 162 11.96 32.05 9.43
CA ALA C 162 11.02 31.44 10.37
C ALA C 162 11.77 30.55 11.34
N TYR C 163 11.31 30.55 12.60
CA TYR C 163 11.74 29.57 13.60
C TYR C 163 10.63 28.56 13.85
N ILE C 164 10.95 27.29 13.73
CA ILE C 164 9.96 26.23 13.85
C ILE C 164 10.43 25.23 14.88
N ASP C 165 9.54 24.88 15.79
CA ASP C 165 9.81 23.79 16.73
C ASP C 165 9.08 22.52 16.27
N VAL C 166 9.72 21.39 16.45
CA VAL C 166 9.11 20.12 16.07
C VAL C 166 9.11 19.17 17.28
N THR C 167 8.59 17.96 17.14
CA THR C 167 8.35 17.15 18.32
C THR C 167 9.46 16.19 18.70
N SER C 168 10.55 16.18 17.94
CA SER C 168 11.67 15.24 18.21
C SER C 168 12.96 15.74 17.55
N LYS C 169 14.10 15.41 18.17
CA LYS C 169 15.40 15.75 17.62
C LYS C 169 15.58 15.23 16.18
N GLU C 170 15.09 14.00 15.93
CA GLU C 170 15.19 13.44 14.57
C GLU C 170 14.36 14.24 13.56
N ASP C 171 13.12 14.57 13.92
CA ASP C 171 12.32 15.41 13.04
C ASP C 171 13.04 16.67 12.62
N ALA C 172 13.70 17.37 13.55
CA ALA C 172 14.49 18.54 13.18
C ALA C 172 15.52 18.21 12.07
N ARG C 173 16.31 17.15 12.26
CA ARG C 173 17.33 16.78 11.29
C ARG C 173 16.77 16.27 9.96
N TYR C 174 15.72 15.46 10.03
CA TYR C 174 15.05 14.91 8.86
C TYR C 174 14.46 16.06 8.06
N CYS C 175 13.79 16.92 8.76
CA CYS C 175 13.20 18.10 8.20
C CYS C 175 14.22 18.94 7.41
N VAL C 176 15.37 19.19 8.00
CA VAL C 176 16.43 19.93 7.31
C VAL C 176 16.99 19.13 6.12
N GLU C 177 17.25 17.85 6.35
CA GLU C 177 17.73 16.93 5.33
C GLU C 177 16.84 17.02 4.11
N LYS C 178 15.53 17.02 4.35
CA LYS C 178 14.53 16.86 3.29
C LYS C 178 14.15 18.12 2.52
N LEU C 179 14.28 19.28 3.15
CA LEU C 179 13.75 20.51 2.60
C LEU C 179 14.82 21.51 2.14
N ASN C 180 16.03 21.40 2.68
CA ASN C 180 17.08 22.31 2.29
C ASN C 180 17.37 22.25 0.81
N GLY C 181 17.30 23.41 0.15
CA GLY C 181 17.61 23.51 -1.27
C GLY C 181 16.43 23.18 -2.15
N LEU C 182 15.26 23.04 -1.54
CA LEU C 182 14.04 22.80 -2.28
C LEU C 182 13.58 24.08 -3.01
N LYS C 183 13.43 24.01 -4.33
CA LYS C 183 13.10 25.20 -5.11
C LYS C 183 11.61 25.46 -5.04
N ILE C 184 11.22 26.60 -4.47
CA ILE C 184 9.80 27.00 -4.44
C ILE C 184 9.65 28.34 -5.13
N GLU C 185 8.87 28.34 -6.22
CA GLU C 185 8.68 29.51 -7.07
C GLU C 185 9.99 30.21 -7.41
N GLY C 186 11.06 29.44 -7.65
CA GLY C 186 12.35 30.03 -8.06
C GLY C 186 13.30 30.38 -6.93
N TYR C 187 12.76 30.39 -5.71
CA TYR C 187 13.54 30.58 -4.48
C TYR C 187 13.99 29.21 -4.00
N THR C 188 15.29 29.04 -3.82
CA THR C 188 15.83 27.80 -3.28
C THR C 188 15.77 27.97 -1.79
N LEU C 189 15.03 27.11 -1.13
CA LEU C 189 14.84 27.19 0.31
C LEU C 189 16.17 26.99 1.07
N VAL C 190 16.33 27.67 2.21
CA VAL C 190 17.44 27.34 3.09
C VAL C 190 16.94 27.03 4.50
N THR C 191 17.31 25.85 5.02
CA THR C 191 17.02 25.44 6.41
C THR C 191 18.27 24.92 7.12
N LYS C 192 18.30 25.08 8.44
CA LYS C 192 19.34 24.50 9.29
C LYS C 192 18.77 24.35 10.68
N VAL C 193 19.27 23.37 11.40
CA VAL C 193 18.92 23.22 12.79
C VAL C 193 19.53 24.40 13.54
N SER C 194 18.83 24.90 14.54
CA SER C 194 19.34 25.96 15.38
C SER C 194 20.58 25.53 16.13
N ASN C 195 21.50 26.46 16.28
CA ASN C 195 22.76 26.24 16.97
C ASN C 195 22.81 27.10 18.26
N PRO C 196 22.65 26.43 19.41
CA PRO C 196 22.41 27.12 20.69
C PRO C 196 23.66 27.79 21.25
N LEU C 197 23.46 28.85 22.03
CA LEU C 197 24.52 29.60 22.75
C LEU C 197 25.56 28.74 23.50
N THR C 207 34.55 31.42 21.35
CA THR C 207 33.26 32.09 21.47
C THR C 207 32.89 32.81 20.18
N LEU C 208 33.90 33.32 19.48
CA LEU C 208 33.70 33.88 18.15
C LEU C 208 33.35 32.77 17.19
N GLU C 209 33.86 31.57 17.44
CA GLU C 209 33.60 30.40 16.61
C GLU C 209 32.13 30.32 16.19
N GLY C 210 31.86 30.20 14.90
CA GLY C 210 30.50 30.02 14.38
C GLY C 210 29.60 31.26 14.36
N ARG C 211 30.14 32.41 14.75
CA ARG C 211 29.39 33.68 14.79
C ARG C 211 30.09 34.73 13.94
N GLU C 212 31.32 34.45 13.58
CA GLU C 212 32.10 35.36 12.76
C GLU C 212 32.18 34.91 11.29
N ILE C 213 31.85 35.83 10.37
CA ILE C 213 31.96 35.57 8.93
C ILE C 213 33.04 36.45 8.31
N ILE C 215 33.91 38.28 4.58
CA ILE C 215 33.37 38.68 3.30
C ILE C 215 34.52 39.08 2.39
N ARG C 216 34.64 38.42 1.24
CA ARG C 216 35.79 38.59 0.36
C ARG C 216 35.38 39.03 -1.04
N ASN C 217 36.36 39.22 -1.91
CA ASN C 217 36.15 39.77 -3.25
C ASN C 217 35.49 41.15 -3.26
N LEU C 218 35.65 41.89 -2.18
CA LEU C 218 35.11 43.23 -2.13
C LEU C 218 35.99 44.20 -2.90
N SER C 219 35.37 45.25 -3.43
CA SER C 219 36.07 46.30 -4.12
C SER C 219 36.29 47.45 -3.16
N THR C 220 37.16 48.38 -3.53
CA THR C 220 37.43 49.55 -2.68
C THR C 220 36.14 50.29 -2.35
N GLU C 221 35.29 50.47 -3.37
CA GLU C 221 33.99 51.12 -3.20
C GLU C 221 33.08 50.42 -2.18
N LEU C 222 33.10 49.09 -2.18
CA LEU C 222 32.17 48.31 -1.37
C LEU C 222 32.64 48.13 0.07
N LEU C 223 33.84 48.63 0.37
CA LEU C 223 34.44 48.41 1.67
C LEU C 223 33.95 49.46 2.66
N ASP C 224 32.63 49.56 2.75
CA ASP C 224 31.96 50.58 3.54
C ASP C 224 31.24 49.94 4.73
N GLU C 225 31.45 50.52 5.90
CA GLU C 225 30.87 49.97 7.12
C GLU C 225 29.33 49.97 7.07
N ASN C 226 28.75 51.10 6.69
CA ASN C 226 27.29 51.24 6.54
C ASN C 226 26.67 50.33 5.48
N LEU C 227 27.25 50.36 4.28
CA LEU C 227 26.79 49.51 3.18
C LEU C 227 26.73 48.03 3.59
N LEU C 228 27.74 47.55 4.33
CA LEU C 228 27.74 46.17 4.85
C LEU C 228 26.68 45.96 5.93
N ARG C 229 26.60 46.88 6.88
CA ARG C 229 25.58 46.84 7.94
C ARG C 229 24.19 46.68 7.33
N GLU C 230 23.86 47.60 6.43
CA GLU C 230 22.58 47.57 5.70
C GLU C 230 22.37 46.22 5.03
N SER C 231 23.41 45.72 4.36
CA SER C 231 23.32 44.49 3.60
C SER C 231 23.14 43.22 4.43
N PHE C 232 23.53 43.26 5.71
CA PHE C 232 23.62 42.07 6.56
C PHE C 232 22.71 42.03 7.81
N GLU C 233 22.32 43.18 8.33
CA GLU C 233 21.53 43.25 9.57
C GLU C 233 20.19 42.48 9.52
N GLY C 234 19.69 42.24 8.30
CA GLY C 234 18.51 41.40 8.12
C GLY C 234 18.66 39.97 8.63
N PHE C 235 19.89 39.48 8.72
CA PHE C 235 20.08 38.10 9.13
C PHE C 235 20.04 37.93 10.64
N GLY C 236 20.18 39.06 11.36
CA GLY C 236 20.19 39.05 12.82
C GLY C 236 21.13 40.10 13.38
N SER C 237 21.02 40.33 14.68
CA SER C 237 21.80 41.36 15.36
C SER C 237 23.29 41.33 15.08
N ILE C 238 23.83 42.46 14.64
CA ILE C 238 25.28 42.54 14.43
C ILE C 238 25.96 43.09 15.67
N GLU C 239 27.04 42.43 16.09
CA GLU C 239 27.78 42.84 17.26
C GLU C 239 28.91 43.75 16.84
N LYS C 240 29.60 43.40 15.78
CA LYS C 240 30.83 44.08 15.43
C LYS C 240 31.14 43.85 13.96
N ILE C 241 31.39 44.94 13.25
CA ILE C 241 31.90 44.91 11.90
C ILE C 241 33.34 45.41 11.96
N ASN C 242 34.23 44.64 11.36
CA ASN C 242 35.65 44.93 11.43
C ASN C 242 36.26 44.97 10.03
N ILE C 243 36.67 46.15 9.60
CA ILE C 243 37.30 46.30 8.28
C ILE C 243 38.78 46.65 8.45
N PRO C 244 39.68 45.69 8.16
CA PRO C 244 41.12 45.87 8.36
C PRO C 244 41.69 47.09 7.61
N ALA C 245 42.34 47.98 8.35
CA ALA C 245 42.78 49.27 7.83
C ALA C 245 43.66 49.16 6.58
N GLY C 246 43.71 50.25 5.81
CA GLY C 246 44.48 50.35 4.58
C GLY C 246 44.56 49.13 3.67
N GLN C 247 43.42 48.66 3.18
CA GLN C 247 43.44 47.68 2.11
C GLN C 247 43.34 48.40 0.77
N LYS C 248 43.08 49.69 0.84
CA LYS C 248 42.87 50.54 -0.32
C LYS C 248 44.20 50.92 -0.96
N PHE C 252 43.47 44.83 -6.65
CA PHE C 252 42.95 43.78 -7.52
C PHE C 252 41.63 43.17 -7.01
N ASN C 253 40.75 44.05 -6.52
CA ASN C 253 39.37 43.70 -6.12
C ASN C 253 39.19 42.55 -5.13
N ASN C 254 40.22 42.31 -4.32
CA ASN C 254 40.13 41.32 -3.27
C ASN C 254 40.30 41.91 -1.87
N CYS C 255 39.35 42.76 -1.51
CA CYS C 255 39.21 43.25 -0.16
C CYS C 255 38.33 42.32 0.65
N CYS C 256 38.49 42.41 1.97
CA CYS C 256 37.74 41.60 2.91
C CYS C 256 37.24 42.42 4.08
N ALA C 257 36.29 41.83 4.81
CA ALA C 257 35.76 42.42 6.00
C ALA C 257 35.33 41.27 6.89
N PHE C 258 35.40 41.51 8.19
CA PHE C 258 34.88 40.55 9.15
C PHE C 258 33.66 41.14 9.87
N VAL C 260 30.85 40.13 13.07
CA VAL C 260 30.53 39.25 14.18
C VAL C 260 29.06 39.39 14.52
N PHE C 261 28.32 38.29 14.39
CA PHE C 261 26.91 38.31 14.79
C PHE C 261 26.72 37.99 16.27
N GLU C 262 25.64 38.49 16.87
CA GLU C 262 25.41 38.21 18.28
C GLU C 262 25.28 36.72 18.55
N ASN C 263 24.61 36.01 17.66
CA ASN C 263 24.43 34.57 17.82
C ASN C 263 24.81 33.81 16.56
N LYS C 264 24.98 32.49 16.68
CA LYS C 264 25.49 31.71 15.55
C LYS C 264 24.48 31.56 14.41
N ASP C 265 23.22 31.41 14.76
CA ASP C 265 22.20 31.24 13.75
C ASP C 265 22.29 32.34 12.74
N SER C 266 22.51 33.56 13.23
CA SER C 266 22.55 34.72 12.36
C SER C 266 23.73 34.61 11.40
N ALA C 267 24.90 34.32 11.92
CA ALA C 267 26.04 34.00 11.05
C ALA C 267 25.68 32.94 9.99
N GLU C 268 25.06 31.84 10.39
CA GLU C 268 24.72 30.79 9.43
C GLU C 268 23.80 31.34 8.35
N ARG C 269 22.92 32.25 8.72
CA ARG C 269 21.99 32.78 7.75
C ARG C 269 22.75 33.65 6.78
N ALA C 270 23.67 34.44 7.32
CA ALA C 270 24.47 35.35 6.51
C ALA C 270 25.26 34.62 5.42
N LEU C 271 25.55 33.33 5.61
CA LEU C 271 26.23 32.54 4.60
C LEU C 271 25.51 32.55 3.25
N GLN C 272 24.20 32.75 3.25
CA GLN C 272 23.48 32.94 1.98
C GLN C 272 24.09 34.04 1.10
N ASN C 274 26.89 34.39 0.28
CA ASN C 274 27.99 33.86 -0.48
C ASN C 274 27.56 33.71 -1.91
N ARG C 275 28.43 34.06 -2.85
CA ARG C 275 28.12 33.94 -4.29
C ARG C 275 26.93 34.80 -4.71
N SER C 276 26.86 36.01 -4.17
CA SER C 276 25.70 36.85 -4.41
C SER C 276 26.13 38.25 -4.79
N LEU C 277 25.32 38.88 -5.65
CA LEU C 277 25.62 40.22 -6.16
C LEU C 277 25.43 41.27 -5.09
N LEU C 278 26.54 41.91 -4.73
CA LEU C 278 26.52 43.06 -3.84
C LEU C 278 26.98 44.26 -4.61
N GLY C 279 26.06 45.20 -4.83
CA GLY C 279 26.34 46.34 -5.67
C GLY C 279 26.66 45.88 -7.07
N ASN C 280 27.94 45.67 -7.34
CA ASN C 280 28.37 45.30 -8.68
C ASN C 280 29.48 44.24 -8.70
N ARG C 281 29.57 43.45 -7.64
CA ARG C 281 30.55 42.39 -7.57
C ARG C 281 29.91 41.17 -6.90
N GLU C 282 30.39 39.99 -7.29
CA GLU C 282 30.03 38.76 -6.60
C GLU C 282 30.92 38.67 -5.37
N ILE C 283 30.30 38.65 -4.20
CA ILE C 283 31.07 38.48 -2.97
C ILE C 283 31.12 37.01 -2.59
N SER C 284 32.13 36.63 -1.82
CA SER C 284 32.12 35.32 -1.14
C SER C 284 32.10 35.44 0.40
N VAL C 285 31.31 34.57 1.02
CA VAL C 285 31.06 34.63 2.45
C VAL C 285 31.25 33.26 3.06
N SER C 286 32.05 33.17 4.13
CA SER C 286 32.23 31.90 4.83
C SER C 286 32.52 32.16 6.29
N LEU C 287 32.36 31.13 7.12
CA LEU C 287 32.72 31.21 8.53
C LEU C 287 34.22 31.55 8.66
N ALA C 288 34.55 32.47 9.55
CA ALA C 288 35.93 32.91 9.67
C ALA C 288 36.72 31.76 10.25
N ASP C 289 38.01 31.71 9.94
CA ASP C 289 38.85 30.74 10.59
C ASP C 289 38.82 31.06 12.07
N LYS C 290 39.07 30.09 12.92
CA LYS C 290 39.09 30.39 14.35
C LYS C 290 40.50 30.62 14.86
N LYS C 291 40.68 31.70 15.63
CA LYS C 291 41.97 32.13 16.21
C LYS C 291 42.60 30.99 16.98
N PRO C 292 43.90 30.75 16.79
CA PRO C 292 44.54 29.65 17.52
C PRO C 292 44.46 29.84 19.05
N THR D 42 21.55 35.83 -41.81
CA THR D 42 20.50 36.90 -41.74
C THR D 42 20.78 37.97 -40.69
N THR D 43 21.69 37.69 -39.76
CA THR D 43 22.10 38.65 -38.73
C THR D 43 23.58 39.01 -38.89
N VAL D 44 23.90 40.24 -38.54
CA VAL D 44 25.18 40.87 -38.84
C VAL D 44 25.73 41.74 -37.69
N LEU D 45 27.01 41.59 -37.36
CA LEU D 45 27.65 42.43 -36.34
C LEU D 45 28.49 43.49 -37.00
N VAL D 46 28.32 44.75 -36.58
CA VAL D 46 29.19 45.83 -37.04
C VAL D 46 30.09 46.27 -35.89
N LYS D 47 31.40 46.37 -36.18
CA LYS D 47 32.38 46.72 -35.16
C LYS D 47 33.11 47.99 -35.54
N ASN D 48 33.31 48.85 -34.53
CA ASN D 48 34.13 50.05 -34.67
C ASN D 48 33.51 51.13 -35.53
N LEU D 49 32.29 51.55 -35.17
CA LEU D 49 31.65 52.72 -35.77
C LEU D 49 31.99 53.94 -34.93
N PRO D 50 31.89 55.15 -35.49
CA PRO D 50 32.12 56.32 -34.62
C PRO D 50 31.07 56.43 -33.52
N LYS D 51 31.53 56.75 -32.30
CA LYS D 51 30.67 56.84 -31.11
C LYS D 51 29.37 57.64 -31.32
N SER D 52 29.41 58.68 -32.15
CA SER D 52 28.24 59.50 -32.48
C SER D 52 27.26 58.82 -33.46
N TYR D 53 26.93 57.55 -33.21
CA TYR D 53 26.06 56.78 -34.12
C TYR D 53 24.77 56.23 -33.51
N ASN D 54 23.65 56.67 -34.08
CA ASN D 54 22.31 56.22 -33.69
C ASN D 54 22.00 54.88 -34.28
N GLN D 55 20.80 54.37 -33.96
CA GLN D 55 20.19 53.32 -34.77
C GLN D 55 19.87 53.87 -36.15
N ASN D 56 19.44 55.14 -36.18
CA ASN D 56 19.11 55.82 -37.43
C ASN D 56 20.30 56.01 -38.36
N LYS D 57 21.44 56.41 -37.79
CA LYS D 57 22.66 56.65 -38.56
C LYS D 57 23.14 55.37 -39.25
N VAL D 58 23.01 54.25 -38.54
CA VAL D 58 23.36 52.94 -39.06
C VAL D 58 22.33 52.47 -40.07
N TYR D 59 21.06 52.68 -39.73
CA TYR D 59 19.94 52.34 -40.61
C TYR D 59 20.05 53.04 -41.97
N LYS D 60 20.45 54.32 -41.98
CA LYS D 60 20.65 55.09 -43.23
C LYS D 60 21.92 54.70 -44.00
N TYR D 61 22.87 54.09 -43.31
CA TYR D 61 24.08 53.61 -43.97
C TYR D 61 23.81 52.25 -44.62
N PHE D 62 23.01 51.43 -43.96
CA PHE D 62 22.78 50.06 -44.40
C PHE D 62 21.44 49.81 -45.09
N LYS D 63 20.71 50.89 -45.40
CA LYS D 63 19.39 50.76 -46.01
C LYS D 63 19.40 50.00 -47.34
N HIS D 64 20.44 50.21 -48.15
CA HIS D 64 20.52 49.71 -49.54
C HIS D 64 20.85 48.22 -49.70
N CYS D 65 20.77 47.47 -48.60
CA CYS D 65 21.05 46.04 -48.62
C CYS D 65 19.78 45.20 -48.55
N GLY D 66 18.64 45.86 -48.51
CA GLY D 66 17.35 45.18 -48.43
C GLY D 66 16.65 45.44 -47.12
N PRO D 67 15.40 44.95 -46.99
CA PRO D 67 14.58 45.10 -45.78
C PRO D 67 15.30 44.69 -44.51
N ILE D 68 15.24 45.57 -43.52
CA ILE D 68 15.81 45.34 -42.20
C ILE D 68 14.68 45.20 -41.20
N ILE D 69 14.67 44.11 -40.44
CA ILE D 69 13.68 43.94 -39.38
C ILE D 69 14.08 44.72 -38.12
N HIS D 70 15.26 44.45 -37.58
CA HIS D 70 15.73 45.15 -36.36
C HIS D 70 17.13 45.75 -36.52
N VAL D 71 17.33 46.92 -35.90
CA VAL D 71 18.65 47.55 -35.78
C VAL D 71 18.90 47.88 -34.33
N ASP D 72 19.95 47.28 -33.76
CA ASP D 72 20.35 47.58 -32.38
C ASP D 72 21.76 48.18 -32.34
N VAL D 73 21.94 49.16 -31.47
CA VAL D 73 23.21 49.88 -31.30
C VAL D 73 23.68 49.73 -29.85
N ALA D 74 24.99 49.60 -29.65
CA ALA D 74 25.54 49.45 -28.31
C ALA D 74 26.93 50.06 -28.17
N ASP D 75 27.19 50.65 -27.01
CA ASP D 75 28.45 51.34 -26.74
C ASP D 75 29.57 50.33 -26.53
N SER D 76 30.77 50.69 -26.98
CA SER D 76 31.96 49.85 -26.76
C SER D 76 32.34 49.84 -25.27
N LEU D 77 33.15 48.86 -24.86
CA LEU D 77 33.66 48.81 -23.50
C LEU D 77 34.20 50.18 -23.05
N LYS D 78 35.26 50.63 -23.71
CA LYS D 78 35.92 51.89 -23.40
C LYS D 78 35.14 53.12 -23.93
N LYS D 79 33.92 52.89 -24.42
CA LYS D 79 33.01 53.94 -24.91
C LYS D 79 33.52 54.80 -26.08
N ASN D 80 34.68 54.44 -26.63
CA ASN D 80 35.28 55.22 -27.72
C ASN D 80 34.68 54.98 -29.10
N PHE D 81 34.09 53.79 -29.30
CA PHE D 81 33.40 53.46 -30.53
C PHE D 81 32.06 52.75 -30.28
N ARG D 82 31.39 52.31 -31.33
CA ARG D 82 30.10 51.63 -31.18
C ARG D 82 29.99 50.32 -31.94
N PHE D 83 29.16 49.42 -31.40
CA PHE D 83 28.78 48.20 -32.10
C PHE D 83 27.37 48.36 -32.66
N ALA D 84 27.02 47.48 -33.58
CA ALA D 84 25.67 47.44 -34.13
C ALA D 84 25.27 46.01 -34.49
N ARG D 85 24.02 45.66 -34.16
CA ARG D 85 23.43 44.41 -34.59
C ARG D 85 22.34 44.75 -35.59
N ILE D 86 22.53 44.33 -36.84
CA ILE D 86 21.54 44.54 -37.88
C ILE D 86 21.00 43.19 -38.33
N GLU D 87 19.69 43.02 -38.17
CA GLU D 87 19.04 41.78 -38.60
C GLU D 87 18.28 42.03 -39.90
N PHE D 88 18.50 41.16 -40.89
CA PHE D 88 17.92 41.32 -42.22
C PHE D 88 16.75 40.40 -42.55
N ALA D 89 16.12 40.67 -43.68
CA ALA D 89 15.02 39.86 -44.22
C ALA D 89 15.47 38.45 -44.64
N ARG D 90 16.36 38.38 -45.63
CA ARG D 90 16.88 37.08 -46.12
C ARG D 90 18.41 36.98 -46.07
N TYR D 91 18.91 35.83 -46.53
CA TYR D 91 20.35 35.52 -46.58
C TYR D 91 21.15 36.56 -47.38
N ASP D 92 20.73 36.84 -48.61
CA ASP D 92 21.42 37.85 -49.45
C ASP D 92 21.29 39.29 -48.94
N GLY D 93 20.22 39.56 -48.19
CA GLY D 93 20.06 40.85 -47.52
C GLY D 93 21.20 41.10 -46.55
N ALA D 94 21.74 40.03 -45.98
CA ALA D 94 22.83 40.12 -45.01
C ALA D 94 24.21 40.03 -45.66
N LEU D 95 24.30 39.26 -46.74
CA LEU D 95 25.58 39.05 -47.42
C LEU D 95 26.01 40.31 -48.18
N ALA D 96 25.03 41.17 -48.47
CA ALA D 96 25.29 42.48 -49.05
C ALA D 96 25.99 43.38 -48.03
N ALA D 97 25.56 43.30 -46.77
CA ALA D 97 26.16 44.08 -45.69
C ALA D 97 27.62 43.74 -45.49
N ILE D 98 27.93 42.44 -45.61
CA ILE D 98 29.28 41.91 -45.43
C ILE D 98 30.26 42.45 -46.49
N THR D 99 29.79 42.61 -47.72
CA THR D 99 30.62 43.19 -48.77
C THR D 99 30.89 44.68 -48.52
N LYS D 100 30.51 45.18 -47.34
CA LYS D 100 30.81 46.54 -46.93
C LYS D 100 31.75 46.58 -45.70
N THR D 101 32.42 45.45 -45.46
CA THR D 101 33.48 45.34 -44.45
C THR D 101 34.74 46.10 -44.89
N HIS D 102 35.57 46.43 -43.92
CA HIS D 102 36.83 47.19 -44.12
C HIS D 102 36.64 48.62 -44.62
N LYS D 103 35.38 49.06 -44.71
CA LYS D 103 35.09 50.40 -45.23
C LYS D 103 35.26 51.48 -44.16
N VAL D 104 35.57 52.69 -44.62
CA VAL D 104 35.87 53.82 -43.73
C VAL D 104 34.64 54.72 -43.52
N VAL D 105 34.21 54.83 -42.26
CA VAL D 105 33.13 55.72 -41.87
C VAL D 105 33.61 56.62 -40.73
N GLY D 106 33.25 57.90 -40.79
CA GLY D 106 33.80 58.89 -39.87
C GLY D 106 35.29 58.92 -40.10
N GLN D 107 36.05 58.48 -39.11
CA GLN D 107 37.47 58.18 -39.31
C GLN D 107 37.81 56.79 -38.79
N ASN D 108 36.79 55.93 -38.73
CA ASN D 108 36.95 54.55 -38.30
C ASN D 108 36.76 53.59 -39.47
N GLU D 109 37.69 52.66 -39.62
CA GLU D 109 37.51 51.54 -40.52
C GLU D 109 36.62 50.52 -39.83
N ILE D 110 35.55 50.09 -40.50
CA ILE D 110 34.60 49.14 -39.88
C ILE D 110 34.83 47.68 -40.26
N ILE D 111 34.51 46.79 -39.33
CA ILE D 111 34.48 45.36 -39.61
C ILE D 111 33.02 44.92 -39.61
N VAL D 112 32.64 44.12 -40.61
CA VAL D 112 31.27 43.60 -40.72
C VAL D 112 31.31 42.11 -40.98
N SER D 113 30.78 41.31 -40.03
CA SER D 113 30.77 39.86 -40.16
C SER D 113 29.49 39.21 -39.57
N HIS D 114 29.25 37.96 -39.95
CA HIS D 114 28.08 37.19 -39.49
C HIS D 114 28.01 37.10 -37.97
N LEU D 115 26.85 37.44 -37.40
CA LEU D 115 26.66 37.27 -35.96
C LEU D 115 26.26 35.83 -35.66
N THR D 116 27.24 35.01 -35.33
CA THR D 116 27.01 33.59 -35.20
C THR D 116 27.48 33.11 -33.85
N GLU D 117 26.60 32.36 -33.18
CA GLU D 117 26.89 31.75 -31.88
C GLU D 117 27.18 32.73 -30.76
N CYS D 118 26.61 33.92 -30.84
CA CYS D 118 26.81 34.93 -29.82
C CYS D 118 25.58 35.16 -28.95
N THR D 119 24.77 34.12 -28.78
CA THR D 119 23.47 34.27 -28.18
C THR D 119 23.33 33.37 -26.97
N LEU D 120 22.93 33.97 -25.86
CA LEU D 120 22.68 33.23 -24.64
C LEU D 120 21.28 33.53 -24.13
N TRP D 121 20.71 32.64 -23.32
CA TRP D 121 19.50 33.03 -22.60
C TRP D 121 19.80 33.07 -21.11
N THR D 123 17.65 33.43 -17.20
CA THR D 123 16.37 33.42 -16.50
C THR D 123 16.51 33.35 -14.99
N ASN D 124 15.38 33.35 -14.32
CA ASN D 124 15.26 33.37 -12.85
C ASN D 124 15.97 34.53 -12.19
N PHE D 125 15.92 35.66 -12.85
CA PHE D 125 16.30 36.90 -12.24
C PHE D 125 15.07 37.49 -11.53
N PRO D 126 15.25 38.56 -10.75
CA PRO D 126 14.10 39.10 -10.03
C PRO D 126 12.99 39.68 -10.94
N PRO D 127 11.70 39.49 -10.60
CA PRO D 127 10.58 40.01 -11.38
C PRO D 127 10.69 41.49 -11.77
N SER D 128 11.11 42.31 -10.81
CA SER D 128 11.36 43.72 -11.02
C SER D 128 12.44 44.03 -12.09
N TYR D 129 13.33 43.10 -12.40
CA TYR D 129 14.44 43.35 -13.33
C TYR D 129 13.96 43.80 -14.69
N THR D 130 14.46 44.95 -15.13
CA THR D 130 14.21 45.46 -16.48
C THR D 130 15.41 45.20 -17.37
N GLN D 131 15.32 45.66 -18.61
CA GLN D 131 16.39 45.50 -19.58
C GLN D 131 17.69 46.08 -19.05
N ARG D 132 17.66 47.28 -18.45
CA ARG D 132 18.87 47.94 -17.96
C ARG D 132 19.58 47.08 -16.93
N ASN D 133 18.81 46.46 -16.05
CA ASN D 133 19.37 45.58 -15.04
C ASN D 133 20.25 44.48 -15.62
N ILE D 134 19.77 43.85 -16.69
CA ILE D 134 20.56 42.87 -17.46
C ILE D 134 21.83 43.53 -18.02
N ARG D 135 21.68 44.67 -18.71
CA ARG D 135 22.84 45.37 -19.27
C ARG D 135 23.84 45.67 -18.18
N ASP D 136 23.35 45.98 -17.00
CA ASP D 136 24.19 46.24 -15.83
C ASP D 136 24.98 45.01 -15.41
N LEU D 137 24.32 43.85 -15.38
CA LEU D 137 24.99 42.61 -15.01
C LEU D 137 26.17 42.41 -15.92
N LEU D 138 25.92 42.49 -17.22
CA LEU D 138 26.95 42.28 -18.22
C LEU D 138 28.05 43.32 -18.16
N GLN D 139 27.67 44.56 -17.86
CA GLN D 139 28.67 45.61 -17.62
C GLN D 139 29.55 45.33 -16.39
N ASP D 140 29.03 44.60 -15.40
CA ASP D 140 29.78 44.26 -14.19
C ASP D 140 30.97 43.38 -14.53
N ILE D 141 30.85 42.60 -15.60
CA ILE D 141 31.89 41.63 -15.97
C ILE D 141 32.54 41.98 -17.29
N ASN D 142 32.49 43.26 -17.61
CA ASN D 142 33.12 43.81 -18.80
C ASN D 142 32.71 43.18 -20.13
N VAL D 143 31.40 42.95 -20.28
CA VAL D 143 30.87 42.31 -21.48
C VAL D 143 29.80 43.19 -22.18
N VAL D 144 30.01 43.51 -23.44
CA VAL D 144 29.05 44.32 -24.17
C VAL D 144 27.78 43.51 -24.55
N ALA D 145 26.62 44.11 -24.28
CA ALA D 145 25.31 43.57 -24.67
C ALA D 145 24.89 44.19 -25.98
N LEU D 146 24.92 43.40 -27.06
CA LEU D 146 24.53 43.89 -28.36
C LEU D 146 23.03 44.16 -28.37
N SER D 147 22.26 43.22 -27.80
CA SER D 147 20.80 43.34 -27.68
C SER D 147 20.26 42.44 -26.58
N ILE D 148 19.18 42.87 -25.95
CA ILE D 148 18.47 42.12 -24.91
C ILE D 148 16.98 42.10 -25.27
N ARG D 149 16.41 40.91 -25.42
CA ARG D 149 14.96 40.80 -25.63
C ARG D 149 14.28 40.12 -24.44
N LEU D 150 13.47 40.91 -23.75
CA LEU D 150 12.63 40.48 -22.63
C LEU D 150 11.18 40.53 -23.05
N PRO D 151 10.33 39.64 -22.51
CA PRO D 151 8.89 39.67 -22.76
C PRO D 151 8.26 41.05 -22.90
N ARG D 159 6.98 32.53 -15.85
CA ARG D 159 8.41 32.40 -15.47
C ARG D 159 9.42 32.89 -16.55
N ARG D 160 9.65 34.21 -16.56
CA ARG D 160 10.27 34.89 -17.71
C ARG D 160 11.78 34.71 -17.92
N PHE D 161 12.15 34.58 -19.18
CA PHE D 161 13.55 34.44 -19.58
C PHE D 161 13.87 35.55 -20.57
N ALA D 162 15.15 35.89 -20.70
CA ALA D 162 15.61 36.91 -21.65
C ALA D 162 16.58 36.24 -22.60
N TYR D 163 16.58 36.71 -23.84
CA TYR D 163 17.56 36.28 -24.82
C TYR D 163 18.52 37.43 -25.11
N ILE D 164 19.81 37.14 -25.03
CA ILE D 164 20.86 38.14 -25.14
C ILE D 164 21.87 37.82 -26.26
N ASP D 165 22.20 38.82 -27.09
CA ASP D 165 23.27 38.71 -28.08
C ASP D 165 24.49 39.53 -27.64
N VAL D 166 25.68 38.93 -27.72
CA VAL D 166 26.92 39.62 -27.39
C VAL D 166 27.81 39.78 -28.62
N THR D 167 29.04 40.25 -28.45
CA THR D 167 29.85 40.63 -29.62
C THR D 167 30.84 39.58 -30.11
N SER D 168 30.96 38.47 -29.41
CA SER D 168 31.94 37.44 -29.77
C SER D 168 31.59 36.15 -29.07
N LYS D 169 31.88 35.02 -29.71
CA LYS D 169 31.64 33.69 -29.14
C LYS D 169 32.18 33.56 -27.73
N GLU D 170 33.41 34.04 -27.50
CA GLU D 170 34.07 33.90 -26.20
C GLU D 170 33.29 34.63 -25.13
N ASP D 171 32.86 35.83 -25.46
CA ASP D 171 32.00 36.59 -24.57
C ASP D 171 30.75 35.84 -24.14
N ALA D 172 30.08 35.15 -25.08
CA ALA D 172 28.88 34.39 -24.75
C ALA D 172 29.19 33.31 -23.70
N ARG D 173 30.25 32.54 -23.95
CA ARG D 173 30.67 31.49 -23.03
C ARG D 173 31.11 32.06 -21.67
N TYR D 174 31.92 33.10 -21.71
CA TYR D 174 32.46 33.72 -20.50
C TYR D 174 31.34 34.28 -19.61
N CYS D 175 30.36 34.89 -20.26
CA CYS D 175 29.19 35.41 -19.60
C CYS D 175 28.51 34.31 -18.77
N VAL D 176 28.25 33.20 -19.43
CA VAL D 176 27.61 32.07 -18.76
C VAL D 176 28.42 31.60 -17.54
N GLU D 177 29.71 31.36 -17.69
CA GLU D 177 30.50 30.85 -16.57
C GLU D 177 30.37 31.78 -15.39
N LYS D 178 30.64 33.08 -15.62
CA LYS D 178 30.73 34.05 -14.54
C LYS D 178 29.39 34.28 -13.83
N LEU D 179 28.30 34.21 -14.57
CA LEU D 179 27.02 34.60 -13.99
C LEU D 179 26.11 33.42 -13.60
N ASN D 180 26.22 32.28 -14.26
CA ASN D 180 25.34 31.23 -13.86
C ASN D 180 25.49 30.97 -12.37
N GLY D 181 24.36 30.95 -11.67
CA GLY D 181 24.38 30.61 -10.25
C GLY D 181 24.61 31.79 -9.32
N LEU D 182 24.78 32.98 -9.88
CA LEU D 182 24.85 34.20 -9.08
C LEU D 182 23.53 34.42 -8.34
N LYS D 183 23.59 34.70 -7.04
CA LYS D 183 22.35 35.01 -6.32
C LYS D 183 22.05 36.50 -6.34
N ILE D 184 20.81 36.83 -6.69
CA ILE D 184 20.33 38.21 -6.69
C ILE D 184 18.98 38.23 -5.97
N GLU D 185 18.96 38.96 -4.85
CA GLU D 185 17.80 39.10 -3.98
C GLU D 185 17.03 37.79 -3.74
N GLY D 186 17.77 36.73 -3.42
CA GLY D 186 17.18 35.42 -3.12
C GLY D 186 16.97 34.51 -4.32
N TYR D 187 17.17 35.03 -5.53
CA TYR D 187 16.97 34.29 -6.77
C TYR D 187 18.28 33.82 -7.30
N THR D 188 18.43 32.51 -7.52
CA THR D 188 19.66 31.98 -8.14
C THR D 188 19.63 32.03 -9.68
N LEU D 189 20.51 32.85 -10.25
CA LEU D 189 20.45 33.16 -11.67
C LEU D 189 20.77 31.94 -12.54
N VAL D 190 20.12 31.84 -13.70
CA VAL D 190 20.32 30.68 -14.59
C VAL D 190 20.54 31.10 -16.03
N THR D 191 21.71 30.73 -16.58
CA THR D 191 22.09 31.09 -17.95
C THR D 191 22.73 29.94 -18.66
N LYS D 192 22.56 29.90 -19.98
CA LYS D 192 23.26 28.98 -20.86
C LYS D 192 23.42 29.68 -22.21
N VAL D 193 24.45 29.26 -22.95
CA VAL D 193 24.62 29.62 -24.34
C VAL D 193 23.47 28.96 -25.08
N SER D 194 22.90 29.65 -26.06
CA SER D 194 21.78 29.08 -26.82
C SER D 194 22.19 27.81 -27.56
N ASN D 195 21.23 26.88 -27.71
CA ASN D 195 21.47 25.62 -28.39
C ASN D 195 20.61 25.52 -29.66
N PRO D 196 21.17 25.93 -30.81
CA PRO D 196 20.45 26.01 -32.12
C PRO D 196 19.90 24.68 -32.66
N LEU D 197 18.93 24.77 -33.57
CA LEU D 197 18.46 23.61 -34.35
C LEU D 197 19.50 23.30 -35.42
N THR D 207 16.87 13.19 -33.01
CA THR D 207 16.56 14.63 -32.85
C THR D 207 15.40 14.97 -31.88
N LEU D 208 14.93 14.00 -31.12
CA LEU D 208 14.31 14.33 -29.86
C LEU D 208 15.42 14.74 -28.87
N GLU D 209 16.64 14.29 -29.14
CA GLU D 209 17.81 14.59 -28.33
C GLU D 209 17.88 16.07 -27.95
N GLY D 210 17.90 16.34 -26.64
CA GLY D 210 18.02 17.71 -26.16
C GLY D 210 16.68 18.41 -26.02
N ARG D 211 15.63 17.84 -26.59
CA ARG D 211 14.30 18.44 -26.50
C ARG D 211 13.36 17.67 -25.58
N GLU D 212 13.79 16.52 -25.08
CA GLU D 212 12.88 15.69 -24.30
C GLU D 212 13.32 15.69 -22.85
N ILE D 213 12.38 15.94 -21.93
CA ILE D 213 12.67 15.85 -20.49
C ILE D 213 11.88 14.72 -19.82
N ILE D 215 10.13 13.70 -16.18
CA ILE D 215 9.67 14.17 -14.89
C ILE D 215 9.41 12.98 -13.98
N ARG D 216 10.08 12.96 -12.83
CA ARG D 216 9.96 11.86 -11.88
C ARG D 216 9.47 12.28 -10.50
N ASN D 217 9.13 11.27 -9.69
CA ASN D 217 8.66 11.40 -8.30
C ASN D 217 7.24 11.91 -8.17
N LEU D 218 6.48 11.89 -9.27
CA LEU D 218 5.11 12.36 -9.22
C LEU D 218 4.21 11.36 -8.47
N SER D 219 3.22 11.91 -7.77
CA SER D 219 2.13 11.12 -7.20
C SER D 219 1.12 10.78 -8.29
N THR D 220 0.09 10.00 -7.95
CA THR D 220 -1.07 9.81 -8.84
C THR D 220 -1.78 11.14 -9.14
N GLU D 221 -2.00 11.94 -8.09
CA GLU D 221 -2.69 13.23 -8.18
C GLU D 221 -1.98 14.17 -9.15
N LEU D 222 -0.66 14.09 -9.22
CA LEU D 222 0.11 15.00 -10.05
C LEU D 222 0.23 14.51 -11.49
N LEU D 223 -0.09 13.25 -11.72
CA LEU D 223 0.03 12.65 -13.05
C LEU D 223 -1.10 13.13 -13.96
N ASP D 224 -1.27 14.45 -14.06
CA ASP D 224 -2.37 15.03 -14.80
C ASP D 224 -1.85 15.92 -15.91
N GLU D 225 -2.33 15.67 -17.13
CA GLU D 225 -1.81 16.34 -18.31
C GLU D 225 -1.94 17.85 -18.29
N ASN D 226 -3.06 18.37 -17.80
CA ASN D 226 -3.23 19.82 -17.73
C ASN D 226 -2.22 20.44 -16.76
N LEU D 227 -2.09 19.84 -15.60
CA LEU D 227 -1.21 20.36 -14.59
C LEU D 227 0.23 20.49 -15.12
N LEU D 228 0.77 19.39 -15.61
CA LEU D 228 2.11 19.38 -16.20
C LEU D 228 2.26 20.45 -17.28
N ARG D 229 1.30 20.53 -18.20
CA ARG D 229 1.27 21.62 -19.20
C ARG D 229 1.50 22.96 -18.54
N GLU D 230 0.54 23.37 -17.72
CA GLU D 230 0.54 24.68 -17.11
C GLU D 230 1.75 24.91 -16.20
N SER D 231 2.25 23.84 -15.60
CA SER D 231 3.50 23.92 -14.83
C SER D 231 4.74 24.07 -15.68
N PHE D 232 4.68 23.70 -16.95
CA PHE D 232 5.90 23.78 -17.77
C PHE D 232 5.85 24.80 -18.93
N GLU D 233 4.67 25.31 -19.26
CA GLU D 233 4.53 26.06 -20.52
C GLU D 233 5.38 27.30 -20.54
N GLY D 234 5.48 27.95 -19.38
CA GLY D 234 6.33 29.12 -19.18
C GLY D 234 7.75 28.98 -19.69
N PHE D 235 8.24 27.76 -19.86
CA PHE D 235 9.62 27.62 -20.37
C PHE D 235 9.76 27.75 -21.88
N GLY D 236 8.65 27.59 -22.59
CA GLY D 236 8.66 27.51 -24.06
C GLY D 236 7.59 26.56 -24.57
N SER D 237 7.42 26.54 -25.89
CA SER D 237 6.42 25.67 -26.53
C SER D 237 6.58 24.16 -26.30
N ILE D 238 5.50 23.57 -25.81
CA ILE D 238 5.45 22.12 -25.62
C ILE D 238 4.84 21.46 -26.86
N GLU D 239 5.60 20.54 -27.43
CA GLU D 239 5.14 19.80 -28.61
C GLU D 239 4.25 18.62 -28.21
N LYS D 240 4.49 18.03 -27.05
CA LYS D 240 3.88 16.76 -26.70
C LYS D 240 4.15 16.42 -25.23
N ILE D 241 3.11 15.94 -24.54
CA ILE D 241 3.25 15.39 -23.21
C ILE D 241 2.84 13.93 -23.29
N ASN D 242 3.60 13.08 -22.60
CA ASN D 242 3.47 11.65 -22.74
C ASN D 242 3.50 11.02 -21.36
N ILE D 243 2.39 10.40 -20.97
CA ILE D 243 2.26 9.83 -19.64
C ILE D 243 2.01 8.36 -19.77
N PRO D 244 3.06 7.55 -19.60
CA PRO D 244 2.92 6.10 -19.84
C PRO D 244 1.72 5.47 -19.13
N ALA D 245 1.04 4.59 -19.86
CA ALA D 245 -0.25 4.04 -19.45
C ALA D 245 -0.21 3.38 -18.07
N GLY D 246 -1.34 3.53 -17.35
CA GLY D 246 -1.60 2.85 -16.07
C GLY D 246 -0.45 2.75 -15.09
N GLN D 247 -0.16 3.84 -14.36
CA GLN D 247 0.82 3.79 -13.30
C GLN D 247 0.14 3.69 -11.91
N LYS D 248 -1.14 3.33 -11.93
CA LYS D 248 -1.96 3.02 -10.74
C LYS D 248 -1.39 1.86 -9.94
N PHE D 252 4.04 4.25 -5.05
CA PHE D 252 5.22 4.70 -4.28
C PHE D 252 5.58 6.17 -4.57
N ASN D 253 4.68 6.89 -5.22
CA ASN D 253 4.97 8.24 -5.71
C ASN D 253 6.21 8.21 -6.59
N ASN D 254 6.30 7.17 -7.42
CA ASN D 254 7.36 7.01 -8.40
C ASN D 254 6.77 6.99 -9.82
N CYS D 255 5.78 7.84 -10.05
CA CYS D 255 5.24 8.03 -11.38
C CYS D 255 6.07 9.01 -12.16
N CYS D 256 6.07 8.83 -13.47
CA CYS D 256 6.78 9.74 -14.34
C CYS D 256 6.00 10.09 -15.60
N ALA D 257 6.52 11.06 -16.32
CA ALA D 257 5.91 11.49 -17.54
C ALA D 257 7.02 12.11 -18.37
N PHE D 258 6.88 12.08 -19.68
CA PHE D 258 7.83 12.69 -20.59
C PHE D 258 7.17 13.88 -21.26
N VAL D 260 8.10 16.71 -24.44
CA VAL D 260 8.95 17.12 -25.54
C VAL D 260 8.66 18.58 -25.87
N PHE D 261 9.70 19.40 -25.83
CA PHE D 261 9.58 20.80 -26.21
C PHE D 261 9.87 20.96 -27.69
N GLU D 262 9.58 22.14 -28.23
CA GLU D 262 9.81 22.37 -29.65
C GLU D 262 11.27 22.64 -29.94
N ASN D 263 11.94 23.35 -29.02
CA ASN D 263 13.34 23.68 -29.21
C ASN D 263 14.15 23.34 -27.99
N LYS D 264 15.46 23.17 -28.17
CA LYS D 264 16.32 22.67 -27.10
C LYS D 264 16.37 23.62 -25.89
N ASP D 265 16.43 24.91 -26.15
CA ASP D 265 16.52 25.90 -25.10
C ASP D 265 15.38 25.81 -24.07
N SER D 266 14.18 25.48 -24.55
CA SER D 266 13.04 25.30 -23.65
C SER D 266 13.22 24.07 -22.76
N ALA D 267 13.71 22.98 -23.32
CA ALA D 267 13.99 21.79 -22.52
C ALA D 267 15.03 22.13 -21.43
N GLU D 268 16.11 22.79 -21.81
CA GLU D 268 17.13 23.28 -20.86
C GLU D 268 16.54 24.14 -19.75
N ARG D 269 15.73 25.12 -20.14
CA ARG D 269 15.09 26.00 -19.18
C ARG D 269 14.22 25.19 -18.24
N ALA D 270 13.52 24.19 -18.79
CA ALA D 270 12.64 23.35 -17.98
C ALA D 270 13.38 22.61 -16.90
N LEU D 271 14.69 22.39 -17.09
CA LEU D 271 15.50 21.67 -16.10
C LEU D 271 15.54 22.38 -14.74
N GLN D 272 15.09 23.63 -14.71
CA GLN D 272 14.93 24.34 -13.45
C GLN D 272 13.92 23.63 -12.54
N ASN D 274 13.75 20.80 -11.64
CA ASN D 274 14.35 19.74 -10.86
C ASN D 274 14.60 20.20 -9.43
N ARG D 275 14.25 19.33 -8.48
CA ARG D 275 14.31 19.65 -7.05
C ARG D 275 13.33 20.79 -6.71
N SER D 276 12.21 20.86 -7.43
CA SER D 276 11.23 21.91 -7.12
C SER D 276 9.93 21.33 -6.60
N LEU D 277 9.24 22.12 -5.80
CA LEU D 277 7.98 21.71 -5.23
C LEU D 277 6.87 21.77 -6.27
N LEU D 278 6.21 20.65 -6.55
CA LEU D 278 5.03 20.63 -7.41
C LEU D 278 3.88 20.01 -6.64
N GLY D 279 2.84 20.80 -6.40
CA GLY D 279 1.81 20.43 -5.45
C GLY D 279 2.47 20.19 -4.10
N ASN D 280 2.45 18.92 -3.69
CA ASN D 280 3.01 18.53 -2.41
C ASN D 280 4.21 17.56 -2.52
N ARG D 281 4.88 17.56 -3.67
CA ARG D 281 6.03 16.67 -3.89
C ARG D 281 7.24 17.42 -4.47
N GLU D 282 8.44 16.94 -4.13
CA GLU D 282 9.65 17.43 -4.76
C GLU D 282 9.76 16.70 -6.08
N ILE D 283 9.80 17.41 -7.19
CA ILE D 283 9.96 16.64 -8.41
C ILE D 283 11.41 16.49 -8.89
N SER D 284 11.63 15.50 -9.75
CA SER D 284 12.91 15.35 -10.41
C SER D 284 12.73 15.58 -11.90
N VAL D 285 13.64 16.34 -12.51
CA VAL D 285 13.54 16.62 -13.95
C VAL D 285 14.91 16.49 -14.60
N SER D 286 14.98 15.82 -15.75
CA SER D 286 16.26 15.63 -16.45
C SER D 286 16.06 15.41 -17.95
N LEU D 287 17.15 15.43 -18.71
CA LEU D 287 17.05 15.12 -20.13
C LEU D 287 16.82 13.63 -20.26
N ALA D 288 15.86 13.26 -21.09
CA ALA D 288 15.55 11.86 -21.31
C ALA D 288 16.71 11.22 -22.05
N ASP D 289 16.92 9.93 -21.82
CA ASP D 289 17.88 9.17 -22.59
C ASP D 289 17.49 9.20 -24.06
N LYS D 290 18.48 9.17 -24.95
CA LYS D 290 18.15 9.14 -26.36
C LYS D 290 17.78 7.72 -26.83
N LYS D 291 16.82 7.65 -27.75
CA LYS D 291 16.27 6.37 -28.25
C LYS D 291 17.38 5.55 -28.91
N PRO D 292 17.58 4.30 -28.46
CA PRO D 292 18.67 3.42 -28.93
C PRO D 292 18.63 3.10 -30.43
N THR E 42 -24.24 -36.28 41.18
CA THR E 42 -23.22 -37.35 41.43
C THR E 42 -21.78 -36.96 41.05
N THR E 43 -21.62 -35.92 40.23
CA THR E 43 -20.31 -35.40 39.82
C THR E 43 -20.10 -33.96 40.31
N VAL E 44 -18.89 -33.64 40.71
CA VAL E 44 -18.65 -32.42 41.45
C VAL E 44 -17.52 -31.62 40.80
N LEU E 45 -17.59 -30.30 40.91
CA LEU E 45 -16.59 -29.39 40.34
C LEU E 45 -15.82 -28.68 41.43
N VAL E 46 -14.51 -28.86 41.50
CA VAL E 46 -13.73 -28.14 42.50
C VAL E 46 -12.96 -27.06 41.78
N LYS E 47 -13.04 -25.82 42.27
CA LYS E 47 -12.36 -24.68 41.66
C LYS E 47 -11.38 -24.05 42.63
N ASN E 48 -10.29 -23.56 42.08
CA ASN E 48 -9.24 -22.86 42.80
C ASN E 48 -8.36 -23.75 43.68
N LEU E 49 -8.20 -25.02 43.30
CA LEU E 49 -7.17 -25.84 43.97
C LEU E 49 -5.79 -25.25 43.74
N PRO E 50 -4.87 -25.40 44.69
CA PRO E 50 -3.56 -24.83 44.41
C PRO E 50 -2.94 -25.47 43.17
N LYS E 51 -2.13 -24.71 42.45
CA LYS E 51 -1.69 -25.13 41.13
C LYS E 51 -0.85 -26.40 41.13
N SER E 52 -0.25 -26.69 42.27
CA SER E 52 0.54 -27.90 42.46
C SER E 52 -0.27 -29.17 42.72
N TYR E 53 -1.60 -29.05 42.79
CA TYR E 53 -2.46 -30.22 43.04
C TYR E 53 -2.63 -31.19 41.87
N ASN E 54 -2.38 -32.44 42.22
CA ASN E 54 -2.38 -33.63 41.41
C ASN E 54 -3.74 -34.31 41.54
N GLN E 55 -4.08 -35.20 40.61
CA GLN E 55 -5.30 -35.99 40.81
C GLN E 55 -5.13 -36.86 42.06
N ASN E 56 -3.88 -37.22 42.33
CA ASN E 56 -3.52 -37.92 43.55
C ASN E 56 -3.82 -37.16 44.85
N LYS E 57 -3.31 -35.93 44.97
CA LYS E 57 -3.54 -35.09 46.18
C LYS E 57 -5.00 -34.69 46.36
N VAL E 58 -5.69 -34.53 45.24
CA VAL E 58 -7.12 -34.24 45.22
C VAL E 58 -7.92 -35.44 45.73
N TYR E 59 -7.56 -36.62 45.25
CA TYR E 59 -8.19 -37.85 45.68
C TYR E 59 -8.11 -38.01 47.19
N LYS E 60 -6.94 -37.71 47.76
CA LYS E 60 -6.73 -37.91 49.20
C LYS E 60 -7.57 -36.94 50.03
N TYR E 61 -7.69 -35.70 49.58
CA TYR E 61 -8.49 -34.69 50.29
C TYR E 61 -9.95 -35.10 50.39
N PHE E 62 -10.48 -35.72 49.34
CA PHE E 62 -11.91 -36.02 49.26
C PHE E 62 -12.31 -37.46 49.54
N LYS E 63 -11.33 -38.35 49.66
CA LYS E 63 -11.61 -39.78 49.79
C LYS E 63 -12.54 -40.10 50.95
N HIS E 64 -12.57 -39.21 51.95
CA HIS E 64 -13.41 -39.42 53.12
C HIS E 64 -14.87 -38.98 52.95
N CYS E 65 -15.22 -38.43 51.78
CA CYS E 65 -16.61 -38.08 51.48
C CYS E 65 -17.43 -39.27 50.97
N GLY E 66 -16.73 -40.27 50.46
CA GLY E 66 -17.34 -41.45 49.89
C GLY E 66 -16.44 -42.01 48.80
N PRO E 67 -16.79 -43.20 48.28
CA PRO E 67 -16.02 -43.82 47.19
C PRO E 67 -16.08 -43.01 45.91
N ILE E 68 -14.94 -42.95 45.23
CA ILE E 68 -14.76 -42.12 44.04
C ILE E 68 -14.51 -42.99 42.81
N ILE E 69 -15.15 -42.67 41.70
CA ILE E 69 -14.93 -43.42 40.46
C ILE E 69 -13.85 -42.79 39.57
N HIS E 70 -13.87 -41.46 39.43
CA HIS E 70 -12.91 -40.77 38.57
C HIS E 70 -12.45 -39.45 39.14
N VAL E 71 -11.18 -39.10 38.89
CA VAL E 71 -10.65 -37.76 39.16
C VAL E 71 -9.95 -37.20 37.92
N ASP E 72 -10.35 -36.02 37.49
CA ASP E 72 -9.64 -35.29 36.46
C ASP E 72 -9.25 -33.92 37.00
N VAL E 73 -8.07 -33.46 36.63
CA VAL E 73 -7.53 -32.21 37.08
C VAL E 73 -7.16 -31.42 35.83
N ALA E 74 -7.44 -30.11 35.82
CA ALA E 74 -7.13 -29.26 34.66
C ALA E 74 -6.64 -27.89 35.13
N ASP E 75 -5.68 -27.32 34.42
CA ASP E 75 -5.14 -26.00 34.75
C ASP E 75 -6.12 -24.89 34.45
N SER E 76 -6.13 -23.88 35.31
CA SER E 76 -6.84 -22.63 35.04
C SER E 76 -6.24 -21.98 33.79
N LEU E 77 -6.97 -21.06 33.17
CA LEU E 77 -6.53 -20.33 31.96
C LEU E 77 -5.11 -19.75 32.05
N LYS E 78 -4.85 -18.97 33.10
CA LYS E 78 -3.54 -18.35 33.36
C LYS E 78 -2.66 -19.26 34.20
N LYS E 79 -3.10 -20.50 34.40
CA LYS E 79 -2.32 -21.50 35.12
C LYS E 79 -2.00 -21.14 36.58
N ASN E 80 -2.73 -20.18 37.17
CA ASN E 80 -2.51 -19.88 38.57
C ASN E 80 -3.35 -20.65 39.58
N PHE E 81 -4.15 -21.61 39.12
CA PHE E 81 -4.79 -22.58 40.03
C PHE E 81 -5.26 -23.79 39.25
N ARG E 82 -5.80 -24.79 39.96
CA ARG E 82 -6.35 -25.96 39.27
C ARG E 82 -7.85 -26.21 39.53
N PHE E 83 -8.51 -26.73 38.50
CA PHE E 83 -9.86 -27.24 38.60
C PHE E 83 -9.74 -28.75 38.77
N ALA E 84 -10.70 -29.34 39.45
CA ALA E 84 -10.91 -30.79 39.47
C ALA E 84 -12.36 -31.18 39.16
N ARG E 85 -12.50 -32.29 38.42
CA ARG E 85 -13.77 -32.98 38.26
C ARG E 85 -13.69 -34.27 39.05
N ILE E 86 -14.51 -34.41 40.08
CA ILE E 86 -14.56 -35.65 40.82
C ILE E 86 -15.90 -36.32 40.59
N GLU E 87 -15.88 -37.62 40.35
CA GLU E 87 -17.11 -38.33 40.14
C GLU E 87 -17.27 -39.37 41.23
N PHE E 88 -18.22 -39.12 42.12
CA PHE E 88 -18.52 -40.00 43.24
C PHE E 88 -19.50 -41.09 42.87
N ALA E 89 -19.34 -42.24 43.51
CA ALA E 89 -20.13 -43.43 43.20
C ALA E 89 -21.58 -43.24 43.62
N ARG E 90 -21.77 -42.55 44.74
CA ARG E 90 -23.11 -42.37 45.30
C ARG E 90 -23.39 -40.90 45.51
N TYR E 91 -24.65 -40.53 45.39
CA TYR E 91 -25.09 -39.15 45.49
C TYR E 91 -24.66 -38.47 46.78
N ASP E 92 -24.76 -39.16 47.91
CA ASP E 92 -24.36 -38.59 49.18
C ASP E 92 -22.84 -38.39 49.27
N GLY E 93 -22.10 -39.04 48.38
CA GLY E 93 -20.66 -38.83 48.27
C GLY E 93 -20.36 -37.41 47.80
N ALA E 94 -20.97 -37.04 46.66
CA ALA E 94 -20.91 -35.69 46.11
C ALA E 94 -21.43 -34.65 47.09
N LEU E 95 -22.60 -34.95 47.65
CA LEU E 95 -23.26 -34.12 48.62
C LEU E 95 -22.33 -33.76 49.77
N ALA E 96 -21.50 -34.71 50.18
CA ALA E 96 -20.51 -34.51 51.26
C ALA E 96 -19.36 -33.60 50.82
N ALA E 97 -18.98 -33.69 49.55
CA ALA E 97 -17.91 -32.88 49.03
C ALA E 97 -18.30 -31.41 48.96
N ILE E 98 -19.57 -31.15 48.64
CA ILE E 98 -20.04 -29.77 48.48
C ILE E 98 -19.91 -29.04 49.82
N THR E 99 -20.07 -29.75 50.91
CA THR E 99 -19.85 -29.13 52.22
C THR E 99 -18.38 -28.71 52.45
N LYS E 100 -17.47 -29.14 51.58
CA LYS E 100 -16.08 -28.66 51.66
C LYS E 100 -15.92 -27.28 51.02
N THR E 101 -16.95 -26.79 50.32
CA THR E 101 -16.84 -25.52 49.60
C THR E 101 -16.41 -24.40 50.56
N HIS E 102 -15.53 -23.53 50.08
CA HIS E 102 -14.95 -22.41 50.87
C HIS E 102 -13.89 -22.85 51.87
N LYS E 103 -13.65 -24.15 52.03
CA LYS E 103 -12.49 -24.63 52.82
C LYS E 103 -11.20 -24.11 52.22
N VAL E 104 -10.23 -23.84 53.07
CA VAL E 104 -8.90 -23.49 52.64
C VAL E 104 -8.05 -24.74 52.48
N VAL E 105 -7.49 -24.87 51.28
CA VAL E 105 -6.55 -25.92 50.94
C VAL E 105 -5.26 -25.23 50.52
N GLY E 106 -4.17 -25.53 51.21
CA GLY E 106 -2.93 -24.79 51.03
C GLY E 106 -3.11 -23.33 51.39
N GLN E 107 -3.12 -22.48 50.37
CA GLN E 107 -3.33 -21.05 50.58
C GLN E 107 -4.56 -20.59 49.79
N ASN E 108 -5.38 -21.54 49.35
CA ASN E 108 -6.47 -21.25 48.44
C ASN E 108 -7.84 -21.57 48.99
N GLU E 109 -8.78 -20.65 48.80
CA GLU E 109 -10.17 -20.88 49.14
C GLU E 109 -10.82 -21.64 47.99
N ILE E 110 -11.13 -22.92 48.22
CA ILE E 110 -11.76 -23.69 47.13
C ILE E 110 -13.29 -23.50 47.04
N ILE E 111 -13.84 -23.64 45.84
CA ILE E 111 -15.29 -23.71 45.69
C ILE E 111 -15.66 -25.10 45.15
N VAL E 112 -16.67 -25.73 45.75
CA VAL E 112 -17.14 -27.04 45.31
C VAL E 112 -18.64 -26.95 45.01
N SER E 113 -19.05 -27.50 43.87
CA SER E 113 -20.45 -27.47 43.43
C SER E 113 -20.81 -28.65 42.54
N HIS E 114 -22.11 -28.80 42.28
CA HIS E 114 -22.61 -29.85 41.41
C HIS E 114 -22.18 -29.53 39.99
N LEU E 115 -21.44 -30.43 39.34
CA LEU E 115 -21.13 -30.23 37.95
C LEU E 115 -22.37 -30.60 37.13
N THR E 116 -23.12 -29.59 36.70
CA THR E 116 -24.39 -29.83 36.08
C THR E 116 -24.46 -29.04 34.79
N GLU E 117 -25.06 -29.61 33.76
CA GLU E 117 -25.14 -28.98 32.43
C GLU E 117 -23.84 -28.37 31.87
N CYS E 118 -22.70 -28.99 32.15
CA CYS E 118 -21.41 -28.51 31.63
C CYS E 118 -20.79 -29.41 30.57
N THR E 119 -21.63 -30.14 29.83
CA THR E 119 -21.17 -31.17 28.94
C THR E 119 -21.62 -30.95 27.52
N LEU E 120 -20.69 -31.08 26.59
CA LEU E 120 -21.02 -31.03 25.19
C LEU E 120 -20.35 -32.17 24.49
N TRP E 121 -20.88 -32.55 23.33
CA TRP E 121 -20.25 -33.52 22.47
C TRP E 121 -19.85 -32.80 21.24
N THR E 123 -18.05 -33.52 17.17
CA THR E 123 -17.91 -34.52 16.11
C THR E 123 -17.63 -33.82 14.77
N ASN E 124 -17.31 -34.64 13.78
CA ASN E 124 -16.78 -34.23 12.48
C ASN E 124 -15.50 -33.40 12.52
N PHE E 125 -14.55 -33.84 13.32
CA PHE E 125 -13.18 -33.35 13.24
C PHE E 125 -12.33 -34.31 12.40
N PRO E 126 -11.10 -33.90 12.05
CA PRO E 126 -10.25 -34.77 11.24
C PRO E 126 -9.99 -36.11 11.94
N PRO E 127 -9.92 -37.21 11.18
CA PRO E 127 -9.73 -38.53 11.78
C PRO E 127 -8.47 -38.63 12.63
N SER E 128 -7.50 -37.74 12.38
CA SER E 128 -6.20 -37.76 13.08
C SER E 128 -6.19 -36.91 14.35
N TYR E 129 -7.30 -36.26 14.65
CA TYR E 129 -7.39 -35.46 15.86
C TYR E 129 -7.32 -36.31 17.10
N THR E 130 -6.49 -35.88 18.04
CA THR E 130 -6.37 -36.52 19.33
C THR E 130 -7.01 -35.65 20.41
N GLN E 131 -7.06 -36.17 21.63
CA GLN E 131 -7.53 -35.40 22.77
C GLN E 131 -6.79 -34.07 22.91
N ARG E 132 -5.48 -34.08 22.66
CA ARG E 132 -4.68 -32.86 22.68
C ARG E 132 -5.19 -31.82 21.68
N ASN E 133 -5.42 -32.23 20.43
CA ASN E 133 -6.05 -31.34 19.44
C ASN E 133 -7.33 -30.69 19.92
N ILE E 134 -8.17 -31.49 20.58
CA ILE E 134 -9.42 -31.00 21.11
C ILE E 134 -9.22 -30.02 22.28
N ARG E 135 -8.25 -30.29 23.16
CA ARG E 135 -7.91 -29.29 24.16
C ARG E 135 -7.46 -28.00 23.46
N ASP E 136 -6.66 -28.14 22.40
CA ASP E 136 -6.15 -26.98 21.66
C ASP E 136 -7.26 -26.08 21.14
N LEU E 137 -8.32 -26.69 20.64
CA LEU E 137 -9.46 -25.93 20.21
C LEU E 137 -10.06 -25.09 21.35
N LEU E 138 -10.36 -25.74 22.48
CA LEU E 138 -11.01 -25.04 23.56
C LEU E 138 -10.10 -23.99 24.11
N GLN E 139 -8.81 -24.26 24.07
CA GLN E 139 -7.83 -23.27 24.49
C GLN E 139 -7.86 -22.05 23.60
N ASP E 140 -7.90 -22.26 22.27
CA ASP E 140 -7.98 -21.21 21.28
C ASP E 140 -9.10 -20.21 21.62
N ILE E 141 -10.21 -20.72 22.14
CA ILE E 141 -11.30 -19.82 22.53
C ILE E 141 -11.35 -19.54 24.04
N ASN E 142 -10.27 -19.87 24.74
CA ASN E 142 -10.12 -19.51 26.15
C ASN E 142 -11.19 -20.14 27.04
N VAL E 143 -11.39 -21.43 26.81
CA VAL E 143 -12.27 -22.25 27.62
C VAL E 143 -11.44 -23.40 28.18
N VAL E 144 -11.51 -23.59 29.48
CA VAL E 144 -10.80 -24.68 30.11
C VAL E 144 -11.55 -25.95 29.82
N ALA E 145 -10.83 -26.97 29.36
CA ALA E 145 -11.43 -28.29 29.17
C ALA E 145 -11.21 -29.07 30.46
N LEU E 146 -12.31 -29.37 31.14
CA LEU E 146 -12.24 -30.08 32.39
C LEU E 146 -11.95 -31.54 32.13
N SER E 147 -12.67 -32.18 31.23
CA SER E 147 -12.25 -33.48 30.70
C SER E 147 -12.69 -33.72 29.26
N ILE E 148 -12.05 -34.71 28.62
CA ILE E 148 -12.32 -35.09 27.23
C ILE E 148 -12.34 -36.62 27.14
N ARG E 149 -13.43 -37.16 26.61
CA ARG E 149 -13.54 -38.60 26.38
C ARG E 149 -13.63 -38.83 24.86
N LEU E 150 -12.57 -39.42 24.32
CA LEU E 150 -12.43 -39.59 22.90
C LEU E 150 -12.21 -41.06 22.62
N PRO E 151 -13.28 -41.81 22.30
CA PRO E 151 -13.20 -43.23 21.95
C PRO E 151 -12.53 -43.52 20.58
N ARG E 159 -17.10 -42.78 12.47
CA ARG E 159 -17.09 -41.35 12.82
C ARG E 159 -16.97 -41.14 14.34
N ARG E 160 -15.83 -40.65 14.77
CA ARG E 160 -15.58 -40.48 16.17
C ARG E 160 -16.42 -39.32 16.71
N PHE E 161 -16.90 -39.43 17.94
CA PHE E 161 -17.39 -38.23 18.63
C PHE E 161 -16.73 -38.10 19.98
N ALA E 162 -16.51 -36.87 20.42
CA ALA E 162 -15.98 -36.67 21.77
C ALA E 162 -17.02 -36.07 22.70
N TYR E 163 -16.95 -36.43 23.99
CA TYR E 163 -17.67 -35.71 25.06
C TYR E 163 -16.68 -34.87 25.83
N ILE E 164 -17.04 -33.63 26.10
CA ILE E 164 -16.15 -32.66 26.69
C ILE E 164 -16.87 -31.98 27.85
N ASP E 165 -16.24 -31.98 29.02
CA ASP E 165 -16.77 -31.24 30.18
C ASP E 165 -16.02 -29.95 30.39
N VAL E 166 -16.75 -28.88 30.62
CA VAL E 166 -16.13 -27.59 30.86
C VAL E 166 -16.51 -27.13 32.26
N THR E 167 -16.15 -25.91 32.67
CA THR E 167 -16.20 -25.58 34.09
C THR E 167 -17.38 -24.66 34.46
N SER E 168 -18.14 -24.22 33.46
CA SER E 168 -19.35 -23.44 33.74
C SER E 168 -20.36 -23.65 32.62
N LYS E 169 -21.63 -23.55 32.99
CA LYS E 169 -22.72 -23.64 32.00
C LYS E 169 -22.50 -22.68 30.83
N GLU E 170 -22.19 -21.42 31.13
CA GLU E 170 -21.89 -20.45 30.09
C GLU E 170 -20.83 -20.98 29.15
N ASP E 171 -19.71 -21.45 29.71
CA ASP E 171 -18.66 -22.02 28.88
C ASP E 171 -19.13 -23.11 27.91
N ALA E 172 -20.08 -23.95 28.30
CA ALA E 172 -20.58 -24.97 27.37
C ALA E 172 -21.33 -24.31 26.22
N ARG E 173 -22.25 -23.39 26.55
CA ARG E 173 -23.03 -22.74 25.53
C ARG E 173 -22.09 -21.96 24.62
N TYR E 174 -21.17 -21.19 25.20
CA TYR E 174 -20.22 -20.37 24.47
C TYR E 174 -19.34 -21.18 23.55
N CYS E 175 -18.94 -22.33 24.06
CA CYS E 175 -18.00 -23.14 23.34
C CYS E 175 -18.70 -23.70 22.08
N VAL E 176 -19.96 -24.07 22.23
CA VAL E 176 -20.78 -24.54 21.11
C VAL E 176 -20.99 -23.41 20.10
N GLU E 177 -21.30 -22.22 20.59
CA GLU E 177 -21.52 -21.09 19.71
C GLU E 177 -20.29 -20.69 18.88
N LYS E 178 -19.08 -20.75 19.45
CA LYS E 178 -17.90 -20.36 18.69
C LYS E 178 -17.43 -21.49 17.78
N LEU E 179 -17.61 -22.74 18.21
CA LEU E 179 -16.95 -23.82 17.50
C LEU E 179 -17.79 -24.46 16.42
N ASN E 180 -19.10 -24.34 16.55
CA ASN E 180 -19.98 -25.05 15.64
C ASN E 180 -19.92 -24.46 14.23
N GLY E 181 -19.55 -25.32 13.28
CA GLY E 181 -19.42 -24.90 11.90
C GLY E 181 -18.01 -24.48 11.53
N LEU E 182 -17.08 -24.61 12.47
CA LEU E 182 -15.67 -24.37 12.20
C LEU E 182 -15.17 -25.39 11.18
N LYS E 183 -14.56 -24.91 10.10
CA LYS E 183 -14.00 -25.82 9.11
C LYS E 183 -12.57 -26.17 9.49
N ILE E 184 -12.35 -27.44 9.84
CA ILE E 184 -10.99 -27.94 10.05
C ILE E 184 -10.61 -28.93 8.95
N GLU E 185 -9.69 -28.53 8.07
CA GLU E 185 -9.18 -29.38 6.99
C GLU E 185 -10.28 -29.92 6.06
N GLY E 186 -11.34 -29.13 5.87
CA GLY E 186 -12.45 -29.51 4.99
C GLY E 186 -13.60 -30.23 5.69
N TYR E 187 -13.40 -30.56 6.97
CA TYR E 187 -14.46 -31.14 7.80
C TYR E 187 -15.13 -30.00 8.56
N THR E 188 -16.43 -29.80 8.33
CA THR E 188 -17.19 -28.81 9.07
C THR E 188 -17.52 -29.44 10.42
N LEU E 189 -17.09 -28.78 11.50
CA LEU E 189 -17.26 -29.31 12.87
C LEU E 189 -18.73 -29.31 13.35
N VAL E 190 -19.18 -30.36 14.00
CA VAL E 190 -20.51 -30.28 14.63
C VAL E 190 -20.33 -30.33 16.14
N THR E 191 -21.01 -29.45 16.87
CA THR E 191 -21.05 -29.50 18.35
C THR E 191 -22.38 -29.01 18.89
N LYS E 192 -22.85 -29.66 19.95
CA LYS E 192 -23.99 -29.15 20.68
C LYS E 192 -23.78 -29.51 22.14
N VAL E 193 -24.44 -28.74 22.99
CA VAL E 193 -24.49 -29.05 24.39
C VAL E 193 -25.21 -30.39 24.52
N SER E 194 -24.79 -31.22 25.46
CA SER E 194 -25.46 -32.48 25.66
C SER E 194 -26.91 -32.30 26.12
N ASN E 195 -27.75 -33.29 25.83
CA ASN E 195 -29.16 -33.24 26.19
C ASN E 195 -29.48 -34.43 27.07
N PRO E 196 -29.63 -34.19 28.38
CA PRO E 196 -29.80 -35.24 29.39
C PRO E 196 -31.24 -35.80 29.38
N LEU E 197 -31.67 -36.48 30.43
CA LEU E 197 -32.95 -37.20 30.41
C LEU E 197 -33.98 -36.67 31.40
N THR E 207 -39.75 -41.23 26.66
CA THR E 207 -40.53 -40.63 25.58
C THR E 207 -39.66 -40.39 24.35
N LEU E 208 -40.31 -40.41 23.20
CA LEU E 208 -39.62 -40.37 21.92
C LEU E 208 -39.12 -39.00 21.53
N GLU E 209 -39.67 -37.94 22.12
CA GLU E 209 -39.31 -36.58 21.71
C GLU E 209 -37.81 -36.35 21.76
N GLY E 210 -37.26 -35.98 20.60
CA GLY E 210 -35.87 -35.62 20.47
C GLY E 210 -34.98 -36.82 20.31
N ARG E 211 -35.58 -38.01 20.20
CA ARG E 211 -34.89 -39.31 20.11
C ARG E 211 -35.17 -40.01 18.77
N GLU E 212 -36.27 -39.60 18.14
CA GLU E 212 -36.68 -40.17 16.85
C GLU E 212 -36.29 -39.29 15.65
N ILE E 213 -35.78 -39.92 14.60
CA ILE E 213 -35.50 -39.16 13.38
C ILE E 213 -36.35 -39.71 12.26
N ILE E 215 -36.11 -40.21 8.03
CA ILE E 215 -35.25 -40.19 6.86
C ILE E 215 -36.12 -40.25 5.63
N ARG E 216 -36.08 -39.19 4.83
CA ARG E 216 -36.85 -39.08 3.60
C ARG E 216 -35.95 -39.16 2.36
N ASN E 217 -36.58 -39.13 1.18
CA ASN E 217 -35.90 -39.18 -0.14
C ASN E 217 -35.13 -40.47 -0.43
N LEU E 218 -35.50 -41.55 0.27
CA LEU E 218 -34.91 -42.85 0.01
C LEU E 218 -35.56 -43.51 -1.21
N SER E 219 -34.76 -44.32 -1.93
CA SER E 219 -35.29 -45.13 -3.03
C SER E 219 -35.63 -46.53 -2.52
N THR E 220 -36.21 -47.35 -3.41
CA THR E 220 -36.51 -48.74 -3.09
C THR E 220 -35.25 -49.49 -2.66
N GLU E 221 -34.15 -49.29 -3.39
CA GLU E 221 -32.84 -49.87 -3.05
C GLU E 221 -32.48 -49.61 -1.60
N LEU E 222 -32.59 -48.36 -1.19
CA LEU E 222 -32.09 -47.93 0.13
C LEU E 222 -33.04 -48.26 1.26
N LEU E 223 -34.28 -48.60 0.92
CA LEU E 223 -35.24 -48.93 1.94
C LEU E 223 -34.94 -50.34 2.47
N ASP E 224 -33.85 -50.44 3.22
CA ASP E 224 -33.42 -51.69 3.81
C ASP E 224 -32.97 -51.47 5.25
N GLU E 225 -33.61 -52.21 6.15
CA GLU E 225 -33.36 -52.13 7.58
C GLU E 225 -31.87 -52.27 7.89
N ASN E 226 -31.20 -53.11 7.11
CA ASN E 226 -29.78 -53.34 7.25
C ASN E 226 -28.85 -52.20 6.86
N LEU E 227 -28.95 -51.74 5.61
CA LEU E 227 -28.13 -50.61 5.16
C LEU E 227 -28.37 -49.38 6.03
N LEU E 228 -29.57 -49.24 6.58
CA LEU E 228 -29.82 -48.08 7.47
C LEU E 228 -29.12 -48.25 8.83
N ARG E 229 -29.24 -49.44 9.43
CA ARG E 229 -28.56 -49.75 10.68
C ARG E 229 -27.08 -49.48 10.51
N GLU E 230 -26.48 -50.09 9.48
CA GLU E 230 -25.05 -49.93 9.19
C GLU E 230 -24.70 -48.46 9.02
N SER E 231 -25.53 -47.72 8.31
CA SER E 231 -25.25 -46.29 8.10
C SER E 231 -25.47 -45.34 9.27
N PHE E 232 -26.31 -45.72 10.25
CA PHE E 232 -26.61 -44.81 11.37
C PHE E 232 -26.05 -45.19 12.74
N GLU E 233 -25.59 -46.42 12.91
CA GLU E 233 -25.17 -46.94 14.21
C GLU E 233 -23.92 -46.29 14.80
N GLY E 234 -23.14 -45.63 13.95
CA GLY E 234 -21.97 -44.89 14.40
C GLY E 234 -22.32 -43.68 15.25
N PHE E 235 -23.60 -43.30 15.26
CA PHE E 235 -24.03 -42.12 16.01
C PHE E 235 -24.46 -42.42 17.43
N GLY E 236 -24.58 -43.70 17.76
CA GLY E 236 -25.04 -44.13 19.07
C GLY E 236 -26.04 -45.27 18.93
N SER E 237 -26.37 -45.92 20.04
CA SER E 237 -27.24 -47.09 20.01
C SER E 237 -28.61 -46.81 19.41
N ILE E 238 -29.06 -47.75 18.58
CA ILE E 238 -30.31 -47.64 17.86
C ILE E 238 -31.36 -48.53 18.54
N GLU E 239 -32.44 -47.91 19.01
CA GLU E 239 -33.49 -48.67 19.68
C GLU E 239 -34.41 -49.39 18.68
N LYS E 240 -34.81 -48.68 17.62
CA LYS E 240 -35.79 -49.24 16.71
C LYS E 240 -35.64 -48.60 15.34
N ILE E 241 -35.88 -49.40 14.30
CA ILE E 241 -35.95 -48.92 12.91
C ILE E 241 -37.33 -49.24 12.38
N ASN E 242 -38.02 -48.22 11.91
CA ASN E 242 -39.39 -48.38 11.46
C ASN E 242 -39.52 -47.99 10.01
N ILE E 243 -39.90 -48.93 9.16
CA ILE E 243 -40.24 -48.59 7.80
C ILE E 243 -41.71 -48.98 7.57
N PRO E 244 -42.58 -47.99 7.28
CA PRO E 244 -43.99 -48.26 7.01
C PRO E 244 -44.15 -49.07 5.74
N ALA E 245 -44.93 -50.14 5.80
CA ALA E 245 -44.96 -51.13 4.73
C ALA E 245 -45.43 -50.58 3.38
N GLY E 246 -45.06 -51.31 2.33
CA GLY E 246 -45.57 -51.12 0.96
C GLY E 246 -45.56 -49.71 0.43
N GLN E 247 -44.37 -49.17 0.21
CA GLN E 247 -44.22 -47.93 -0.55
C GLN E 247 -43.34 -48.14 -1.78
N LYS E 248 -43.53 -49.29 -2.44
CA LYS E 248 -42.73 -49.72 -3.59
C LYS E 248 -42.75 -48.74 -4.77
N PHE E 252 -42.43 -41.68 -5.90
CA PHE E 252 -41.41 -41.08 -6.75
C PHE E 252 -40.13 -40.75 -5.96
N ASN E 253 -39.35 -41.79 -5.67
CA ASN E 253 -38.19 -41.70 -4.76
C ASN E 253 -38.52 -40.86 -3.54
N ASN E 254 -39.60 -41.25 -2.89
CA ASN E 254 -40.22 -40.52 -1.81
C ASN E 254 -40.39 -41.42 -0.57
N CYS E 255 -39.67 -42.53 -0.55
CA CYS E 255 -39.72 -43.47 0.57
C CYS E 255 -39.07 -42.95 1.80
N CYS E 256 -39.53 -43.44 2.94
CA CYS E 256 -38.95 -43.00 4.19
C CYS E 256 -39.00 -44.05 5.27
N ALA E 257 -38.15 -43.83 6.29
CA ALA E 257 -38.05 -44.69 7.44
C ALA E 257 -37.89 -43.84 8.70
N PHE E 258 -38.32 -44.41 9.83
CA PHE E 258 -38.16 -43.78 11.13
C PHE E 258 -37.15 -44.54 11.96
N VAL E 260 -35.54 -44.67 15.96
CA VAL E 260 -35.46 -44.24 17.37
C VAL E 260 -34.13 -44.63 18.01
N PHE E 261 -33.48 -43.66 18.64
CA PHE E 261 -32.20 -43.86 19.31
C PHE E 261 -32.41 -43.94 20.80
N GLU E 262 -31.47 -44.55 21.51
CA GLU E 262 -31.55 -44.70 22.95
C GLU E 262 -31.54 -43.37 23.66
N ASN E 263 -30.85 -42.39 23.07
CA ASN E 263 -30.75 -41.08 23.69
C ASN E 263 -30.69 -39.98 22.67
N LYS E 264 -31.09 -38.79 23.13
CA LYS E 264 -31.23 -37.65 22.29
C LYS E 264 -29.91 -37.27 21.67
N ASP E 265 -28.82 -37.30 22.44
CA ASP E 265 -27.54 -36.92 21.87
C ASP E 265 -27.29 -37.69 20.56
N SER E 266 -27.64 -38.97 20.56
CA SER E 266 -27.43 -39.78 19.36
C SER E 266 -28.31 -39.39 18.16
N ALA E 267 -29.59 -39.13 18.39
CA ALA E 267 -30.46 -38.58 17.36
C ALA E 267 -29.89 -37.25 16.78
N GLU E 268 -29.48 -36.34 17.66
CA GLU E 268 -28.93 -35.05 17.25
C GLU E 268 -27.76 -35.24 16.30
N ARG E 269 -26.90 -36.21 16.62
CA ARG E 269 -25.70 -36.47 15.85
C ARG E 269 -26.08 -36.98 14.45
N ALA E 270 -27.06 -37.87 14.42
CA ALA E 270 -27.60 -38.43 13.18
C ALA E 270 -28.19 -37.35 12.27
N LEU E 271 -28.60 -36.22 12.82
CA LEU E 271 -29.03 -35.15 11.93
C LEU E 271 -27.91 -34.81 10.93
N GLN E 272 -26.65 -35.06 11.28
CA GLN E 272 -25.56 -34.86 10.31
C GLN E 272 -25.81 -35.54 8.96
N ASN E 274 -28.41 -35.61 7.32
CA ASN E 274 -29.20 -34.76 6.46
C ASN E 274 -28.37 -34.07 5.39
N ARG E 275 -28.90 -34.06 4.16
CA ARG E 275 -28.25 -33.47 2.99
C ARG E 275 -26.98 -34.23 2.63
N SER E 276 -26.93 -35.52 2.95
CA SER E 276 -25.77 -36.36 2.65
C SER E 276 -26.05 -37.45 1.61
N LEU E 277 -24.97 -37.94 1.02
CA LEU E 277 -25.07 -39.00 0.05
C LEU E 277 -25.12 -40.34 0.74
N LEU E 278 -26.17 -41.10 0.47
CA LEU E 278 -26.31 -42.47 0.94
C LEU E 278 -26.58 -43.33 -0.28
N GLY E 279 -25.61 -44.14 -0.64
CA GLY E 279 -25.68 -44.92 -1.86
C GLY E 279 -25.62 -43.95 -3.02
N ASN E 280 -26.73 -43.84 -3.75
CA ASN E 280 -26.80 -42.93 -4.91
C ASN E 280 -27.82 -41.77 -4.79
N ARG E 281 -28.27 -41.49 -3.57
CA ARG E 281 -29.26 -40.44 -3.35
C ARG E 281 -28.89 -39.49 -2.21
N GLU E 282 -29.23 -38.22 -2.38
CA GLU E 282 -29.12 -37.28 -1.28
C GLU E 282 -30.29 -37.51 -0.35
N ILE E 283 -30.02 -37.92 0.88
CA ILE E 283 -31.14 -38.12 1.81
C ILE E 283 -31.51 -36.88 2.62
N SER E 284 -32.74 -36.85 3.13
CA SER E 284 -33.08 -35.82 4.12
C SER E 284 -33.33 -36.48 5.47
N VAL E 285 -32.89 -35.81 6.53
CA VAL E 285 -33.01 -36.38 7.87
C VAL E 285 -33.41 -35.25 8.78
N SER E 286 -34.36 -35.51 9.66
CA SER E 286 -34.83 -34.49 10.60
C SER E 286 -35.48 -35.13 11.83
N LEU E 287 -35.77 -34.31 12.84
CA LEU E 287 -36.43 -34.81 14.03
C LEU E 287 -37.89 -35.08 13.71
N ALA E 288 -38.38 -36.26 14.08
CA ALA E 288 -39.76 -36.63 13.86
C ALA E 288 -40.72 -35.70 14.63
N ASP E 289 -41.94 -35.52 14.15
CA ASP E 289 -42.92 -34.75 14.91
C ASP E 289 -43.25 -35.51 16.17
N LYS E 290 -43.70 -34.83 17.21
CA LYS E 290 -44.19 -35.59 18.37
C LYS E 290 -45.59 -36.09 18.10
N LYS E 291 -45.85 -37.33 18.49
CA LYS E 291 -47.10 -38.04 18.16
C LYS E 291 -48.28 -37.32 18.81
N PRO E 292 -49.23 -36.80 17.98
CA PRO E 292 -50.38 -36.02 18.44
C PRO E 292 -50.80 -36.37 19.85
N THR F 42 -12.49 -23.10 -29.46
CA THR F 42 -11.49 -24.12 -29.93
C THR F 42 -11.86 -25.57 -29.56
N THR F 43 -12.75 -25.70 -28.59
CA THR F 43 -13.25 -27.01 -28.17
C THR F 43 -14.55 -27.29 -28.90
N VAL F 44 -14.86 -28.57 -29.09
CA VAL F 44 -16.00 -29.00 -29.91
C VAL F 44 -16.75 -30.19 -29.29
N LEU F 45 -18.06 -30.25 -29.52
CA LEU F 45 -18.89 -31.36 -28.99
C LEU F 45 -19.29 -32.28 -30.12
N VAL F 46 -19.11 -33.57 -29.95
CA VAL F 46 -19.65 -34.49 -30.93
C VAL F 46 -20.67 -35.37 -30.22
N LYS F 47 -21.90 -35.31 -30.69
CA LYS F 47 -22.99 -36.11 -30.16
C LYS F 47 -23.37 -37.22 -31.14
N ASN F 48 -23.83 -38.36 -30.61
CA ASN F 48 -24.33 -39.53 -31.38
C ASN F 48 -23.28 -40.37 -32.14
N LEU F 49 -22.08 -40.49 -31.56
CA LEU F 49 -21.04 -41.38 -32.09
C LEU F 49 -21.39 -42.82 -31.77
N PRO F 50 -20.99 -43.78 -32.62
CA PRO F 50 -21.37 -45.17 -32.34
C PRO F 50 -20.86 -45.59 -30.97
N LYS F 51 -21.54 -46.55 -30.35
CA LYS F 51 -21.27 -46.87 -28.94
C LYS F 51 -19.91 -47.50 -28.65
N SER F 52 -19.20 -47.90 -29.71
CA SER F 52 -17.88 -48.51 -29.56
C SER F 52 -16.74 -47.61 -30.06
N TYR F 53 -16.99 -46.31 -30.22
CA TYR F 53 -15.94 -45.40 -30.60
C TYR F 53 -15.10 -45.00 -29.41
N ASN F 54 -13.80 -45.27 -29.48
CA ASN F 54 -12.87 -44.84 -28.44
C ASN F 54 -12.11 -43.58 -28.87
N GLN F 55 -11.24 -43.07 -28.00
CA GLN F 55 -10.51 -41.82 -28.27
C GLN F 55 -9.79 -41.89 -29.59
N ASN F 56 -9.24 -43.07 -29.89
CA ASN F 56 -8.47 -43.29 -31.11
C ASN F 56 -9.26 -43.13 -32.39
N LYS F 57 -10.41 -43.81 -32.43
CA LYS F 57 -11.26 -43.74 -33.62
C LYS F 57 -11.72 -42.30 -33.84
N VAL F 58 -12.01 -41.62 -32.73
CA VAL F 58 -12.43 -40.23 -32.79
C VAL F 58 -11.29 -39.38 -33.32
N TYR F 59 -10.09 -39.55 -32.75
CA TYR F 59 -8.90 -38.85 -33.24
C TYR F 59 -8.70 -39.13 -34.73
N LYS F 60 -8.63 -40.41 -35.08
CA LYS F 60 -8.50 -40.85 -36.45
C LYS F 60 -9.41 -40.02 -37.38
N TYR F 61 -10.70 -39.92 -37.03
CA TYR F 61 -11.67 -39.20 -37.86
C TYR F 61 -11.37 -37.72 -38.01
N PHE F 62 -11.04 -37.06 -36.89
CA PHE F 62 -10.98 -35.61 -36.89
C PHE F 62 -9.60 -35.01 -37.07
N LYS F 63 -8.56 -35.84 -36.99
CA LYS F 63 -7.18 -35.34 -37.05
C LYS F 63 -6.94 -34.47 -38.28
N HIS F 64 -7.69 -34.76 -39.35
CA HIS F 64 -7.51 -34.08 -40.63
C HIS F 64 -8.07 -32.65 -40.66
N CYS F 65 -8.85 -32.28 -39.64
CA CYS F 65 -9.43 -30.94 -39.49
C CYS F 65 -8.43 -29.88 -39.01
N GLY F 66 -7.43 -30.32 -38.26
CA GLY F 66 -6.42 -29.44 -37.70
C GLY F 66 -5.71 -30.14 -36.56
N PRO F 67 -4.56 -29.60 -36.11
CA PRO F 67 -3.90 -30.09 -34.90
C PRO F 67 -4.87 -30.18 -33.72
N ILE F 68 -4.89 -31.35 -33.07
CA ILE F 68 -5.79 -31.64 -31.97
C ILE F 68 -5.02 -31.72 -30.67
N ILE F 69 -5.49 -31.01 -29.64
CA ILE F 69 -4.83 -31.02 -28.35
C ILE F 69 -5.41 -32.07 -27.39
N HIS F 70 -6.73 -32.23 -27.35
CA HIS F 70 -7.33 -33.28 -26.49
C HIS F 70 -8.54 -33.98 -27.11
N VAL F 71 -8.62 -35.28 -26.90
CA VAL F 71 -9.84 -36.01 -27.20
C VAL F 71 -10.40 -36.68 -25.96
N ASP F 72 -11.69 -36.48 -25.69
CA ASP F 72 -12.36 -37.21 -24.63
C ASP F 72 -13.70 -37.76 -25.07
N VAL F 73 -13.99 -38.98 -24.63
CA VAL F 73 -15.15 -39.74 -25.09
C VAL F 73 -16.03 -40.22 -23.93
N ALA F 74 -17.33 -39.90 -23.96
CA ALA F 74 -18.21 -40.33 -22.87
C ALA F 74 -19.48 -41.02 -23.34
N ASP F 75 -19.87 -42.05 -22.58
CA ASP F 75 -21.14 -42.73 -22.77
C ASP F 75 -22.34 -41.80 -22.56
N SER F 76 -23.36 -42.00 -23.40
CA SER F 76 -24.68 -41.38 -23.25
C SER F 76 -25.36 -41.93 -22.01
N LEU F 77 -26.40 -41.25 -21.54
CA LEU F 77 -27.14 -41.69 -20.35
C LEU F 77 -27.64 -43.14 -20.45
N LYS F 78 -28.43 -43.42 -21.48
CA LYS F 78 -28.97 -44.75 -21.71
C LYS F 78 -27.95 -45.72 -22.35
N LYS F 79 -26.72 -45.23 -22.58
CA LYS F 79 -25.61 -46.06 -23.05
C LYS F 79 -25.71 -46.58 -24.48
N ASN F 80 -26.56 -45.98 -25.29
CA ASN F 80 -26.69 -46.35 -26.70
C ASN F 80 -25.82 -45.57 -27.70
N PHE F 81 -25.19 -44.48 -27.26
CA PHE F 81 -24.21 -43.75 -28.08
C PHE F 81 -23.09 -43.08 -27.25
N ARG F 82 -22.10 -42.50 -27.92
CA ARG F 82 -21.04 -41.81 -27.19
C ARG F 82 -20.94 -40.35 -27.57
N PHE F 83 -20.58 -39.52 -26.61
CA PHE F 83 -20.24 -38.15 -26.88
C PHE F 83 -18.72 -38.08 -26.97
N ALA F 84 -18.22 -37.02 -27.61
CA ALA F 84 -16.79 -36.70 -27.49
C ALA F 84 -16.56 -35.20 -27.34
N ARG F 85 -15.46 -34.88 -26.65
CA ARG F 85 -14.95 -33.53 -26.51
C ARG F 85 -13.62 -33.50 -27.24
N ILE F 86 -13.52 -32.68 -28.28
CA ILE F 86 -12.26 -32.48 -29.01
C ILE F 86 -11.79 -31.02 -28.87
N GLU F 87 -10.58 -30.84 -28.36
CA GLU F 87 -10.00 -29.51 -28.22
C GLU F 87 -8.93 -29.33 -29.27
N PHE F 88 -9.17 -28.40 -30.19
CA PHE F 88 -8.19 -28.08 -31.24
C PHE F 88 -7.23 -26.99 -30.79
N ALA F 89 -6.04 -27.00 -31.37
CA ALA F 89 -5.02 -25.99 -31.15
C ALA F 89 -5.52 -24.63 -31.60
N ARG F 90 -6.18 -24.60 -32.74
CA ARG F 90 -6.61 -23.35 -33.35
C ARG F 90 -8.09 -23.39 -33.74
N TYR F 91 -8.72 -22.21 -33.65
CA TYR F 91 -10.13 -22.02 -33.96
C TYR F 91 -10.57 -22.67 -35.27
N ASP F 92 -9.75 -22.62 -36.30
CA ASP F 92 -10.13 -23.15 -37.60
C ASP F 92 -10.13 -24.68 -37.64
N GLY F 93 -9.41 -25.30 -36.71
CA GLY F 93 -9.53 -26.74 -36.47
C GLY F 93 -10.95 -27.07 -36.06
N ALA F 94 -11.48 -26.31 -35.11
CA ALA F 94 -12.85 -26.48 -34.64
C ALA F 94 -13.86 -26.20 -35.74
N LEU F 95 -13.65 -25.09 -36.46
CA LEU F 95 -14.49 -24.73 -37.60
C LEU F 95 -14.60 -25.90 -38.57
N ALA F 96 -13.47 -26.50 -38.90
CA ALA F 96 -13.42 -27.65 -39.80
C ALA F 96 -14.14 -28.87 -39.21
N ALA F 97 -14.05 -29.08 -37.90
CA ALA F 97 -14.78 -30.17 -37.27
C ALA F 97 -16.29 -29.98 -37.36
N ILE F 98 -16.75 -28.75 -37.14
CA ILE F 98 -18.17 -28.41 -37.26
C ILE F 98 -18.75 -28.74 -38.64
N THR F 99 -17.97 -28.52 -39.70
CA THR F 99 -18.40 -28.88 -41.06
C THR F 99 -18.70 -30.37 -41.17
N LYS F 100 -18.28 -31.17 -40.19
CA LYS F 100 -18.55 -32.60 -40.17
C LYS F 100 -19.92 -32.91 -39.56
N THR F 101 -20.69 -31.88 -39.24
CA THR F 101 -21.98 -32.09 -38.61
C THR F 101 -22.98 -32.66 -39.61
N HIS F 102 -23.94 -33.44 -39.13
CA HIS F 102 -24.88 -34.21 -39.98
C HIS F 102 -24.24 -35.25 -40.94
N LYS F 103 -22.96 -35.58 -40.71
CA LYS F 103 -22.34 -36.66 -41.49
C LYS F 103 -22.64 -38.01 -40.84
N VAL F 104 -22.52 -39.09 -41.60
CA VAL F 104 -22.67 -40.41 -41.00
C VAL F 104 -21.30 -40.98 -40.65
N VAL F 105 -21.18 -41.37 -39.39
CA VAL F 105 -20.03 -42.10 -38.88
C VAL F 105 -20.59 -43.41 -38.32
N GLY F 106 -20.13 -44.54 -38.84
CA GLY F 106 -20.69 -45.83 -38.44
C GLY F 106 -22.08 -45.97 -39.05
N GLN F 107 -23.10 -46.02 -38.20
CA GLN F 107 -24.46 -46.13 -38.68
C GLN F 107 -25.19 -44.91 -38.19
N ASN F 108 -24.44 -44.08 -37.49
CA ASN F 108 -25.01 -42.95 -36.80
C ASN F 108 -24.82 -41.66 -37.55
N GLU F 109 -25.84 -40.81 -37.48
CA GLU F 109 -25.70 -39.43 -37.90
C GLU F 109 -25.15 -38.65 -36.72
N ILE F 110 -24.00 -37.99 -36.88
CA ILE F 110 -23.43 -37.22 -35.74
C ILE F 110 -23.87 -35.76 -35.75
N ILE F 111 -23.76 -35.10 -34.61
CA ILE F 111 -23.92 -33.64 -34.51
C ILE F 111 -22.62 -33.05 -33.89
N VAL F 112 -22.08 -32.01 -34.53
CA VAL F 112 -20.85 -31.37 -34.07
C VAL F 112 -21.09 -29.88 -33.85
N SER F 113 -20.73 -29.36 -32.67
CA SER F 113 -21.00 -27.96 -32.34
C SER F 113 -19.95 -27.38 -31.37
N HIS F 114 -19.92 -26.04 -31.28
CA HIS F 114 -19.08 -25.34 -30.33
C HIS F 114 -19.50 -25.67 -28.91
N LEU F 115 -18.52 -26.06 -28.10
CA LEU F 115 -18.71 -26.31 -26.69
C LEU F 115 -18.27 -25.09 -25.93
N THR F 116 -19.22 -24.41 -25.32
CA THR F 116 -18.96 -23.15 -24.66
C THR F 116 -19.73 -23.14 -23.36
N GLU F 117 -19.14 -22.59 -22.31
CA GLU F 117 -19.77 -22.46 -21.00
C GLU F 117 -20.30 -23.77 -20.41
N CYS F 118 -19.60 -24.86 -20.66
CA CYS F 118 -19.98 -26.16 -20.12
C CYS F 118 -19.00 -26.72 -19.09
N THR F 119 -18.27 -25.81 -18.42
CA THR F 119 -17.17 -26.15 -17.54
C THR F 119 -17.49 -25.82 -16.07
N LEU F 120 -17.39 -26.82 -15.20
CA LEU F 120 -17.53 -26.56 -13.78
C LEU F 120 -16.35 -27.17 -13.00
N TRP F 121 -16.02 -26.57 -11.87
CA TRP F 121 -15.04 -27.19 -11.00
C TRP F 121 -15.74 -27.76 -9.77
N THR F 123 -14.62 -29.53 -5.73
CA THR F 123 -13.56 -29.73 -4.75
C THR F 123 -14.17 -30.08 -3.41
N ASN F 124 -13.29 -30.34 -2.46
CA ASN F 124 -13.64 -30.85 -1.15
C ASN F 124 -14.43 -32.15 -1.19
N PHE F 125 -14.10 -33.02 -2.13
CA PHE F 125 -14.54 -34.41 -2.04
C PHE F 125 -13.52 -35.23 -1.25
N PRO F 126 -13.88 -36.45 -0.83
CA PRO F 126 -12.90 -37.24 -0.09
C PRO F 126 -11.61 -37.42 -0.87
N PRO F 127 -10.46 -37.41 -0.16
CA PRO F 127 -9.13 -37.66 -0.71
C PRO F 127 -9.04 -38.94 -1.52
N SER F 128 -9.79 -39.96 -1.10
CA SER F 128 -9.85 -41.24 -1.81
C SER F 128 -10.68 -41.23 -3.09
N TYR F 129 -11.35 -40.13 -3.40
CA TYR F 129 -12.18 -40.07 -4.62
C TYR F 129 -11.36 -40.21 -5.90
N THR F 130 -11.68 -41.22 -6.70
CA THR F 130 -11.10 -41.37 -8.03
C THR F 130 -12.03 -40.70 -9.03
N GLN F 131 -11.54 -40.55 -10.25
CA GLN F 131 -12.30 -39.88 -11.31
C GLN F 131 -13.58 -40.65 -11.68
N ARG F 132 -13.57 -41.96 -11.48
CA ARG F 132 -14.78 -42.79 -11.48
C ARG F 132 -15.80 -42.31 -10.43
N ASN F 133 -15.34 -42.06 -9.21
CA ASN F 133 -16.26 -41.57 -8.16
C ASN F 133 -17.02 -40.35 -8.64
N ILE F 134 -16.30 -39.36 -9.13
CA ILE F 134 -16.92 -38.14 -9.65
C ILE F 134 -17.93 -38.48 -10.77
N ARG F 135 -17.53 -39.36 -11.69
CA ARG F 135 -18.43 -39.76 -12.77
C ARG F 135 -19.69 -40.42 -12.20
N ASP F 136 -19.55 -41.21 -11.13
CA ASP F 136 -20.72 -41.83 -10.51
C ASP F 136 -21.69 -40.82 -9.87
N LEU F 137 -21.15 -39.77 -9.27
CA LEU F 137 -21.95 -38.64 -8.77
C LEU F 137 -22.81 -38.03 -9.86
N LEU F 138 -22.16 -37.65 -10.97
CA LEU F 138 -22.87 -36.93 -12.00
C LEU F 138 -23.94 -37.81 -12.59
N GLN F 139 -23.69 -39.11 -12.53
CA GLN F 139 -24.59 -40.12 -13.01
C GLN F 139 -25.83 -40.17 -12.13
N ASP F 140 -25.62 -40.21 -10.81
CA ASP F 140 -26.71 -40.14 -9.81
C ASP F 140 -27.76 -39.09 -10.12
N ILE F 141 -27.34 -37.97 -10.69
CA ILE F 141 -28.26 -36.93 -11.12
C ILE F 141 -28.46 -36.89 -12.65
N ASN F 142 -28.20 -38.01 -13.33
CA ASN F 142 -28.44 -38.11 -14.78
C ASN F 142 -27.71 -37.07 -15.61
N VAL F 143 -26.43 -36.87 -15.32
CA VAL F 143 -25.61 -35.99 -16.12
C VAL F 143 -24.40 -36.74 -16.65
N VAL F 144 -24.23 -36.68 -17.97
CA VAL F 144 -23.07 -37.23 -18.63
C VAL F 144 -21.91 -36.30 -18.32
N ALA F 145 -20.77 -36.86 -17.93
CA ALA F 145 -19.54 -36.07 -17.78
C ALA F 145 -18.69 -36.26 -19.03
N LEU F 146 -18.45 -35.17 -19.72
CA LEU F 146 -17.75 -35.20 -21.00
C LEU F 146 -16.28 -35.48 -20.76
N SER F 147 -15.74 -34.84 -19.72
CA SER F 147 -14.39 -35.05 -19.28
C SER F 147 -14.28 -34.67 -17.81
N ILE F 148 -13.34 -35.30 -17.14
CA ILE F 148 -13.05 -35.00 -15.75
C ILE F 148 -11.54 -34.96 -15.67
N ARG F 149 -10.97 -33.79 -15.39
CA ARG F 149 -9.53 -33.77 -15.11
C ARG F 149 -9.22 -33.50 -13.64
N LEU F 150 -8.35 -34.35 -13.11
CA LEU F 150 -8.17 -34.53 -11.69
C LEU F 150 -6.72 -34.91 -11.49
N PRO F 151 -6.00 -34.19 -10.61
CA PRO F 151 -4.71 -34.72 -10.16
C PRO F 151 -4.85 -36.10 -9.51
N SER F 152 -4.13 -37.10 -10.05
CA SER F 152 -4.21 -38.47 -9.55
C SER F 152 -3.78 -38.61 -8.07
N LEU F 153 -4.40 -39.56 -7.36
CA LEU F 153 -4.19 -39.84 -5.92
C LEU F 153 -2.71 -39.90 -5.49
N ARG F 154 -1.88 -40.48 -6.39
CA ARG F 154 -0.43 -40.65 -6.20
C ARG F 154 0.35 -39.33 -6.01
N PHE F 155 -0.34 -38.19 -6.18
CA PHE F 155 0.27 -36.86 -6.08
C PHE F 155 -0.05 -36.15 -4.79
N ASN F 156 -1.05 -36.66 -4.06
CA ASN F 156 -1.33 -36.21 -2.69
C ASN F 156 -1.79 -34.74 -2.64
N THR F 157 -1.91 -34.13 -3.82
CA THR F 157 -2.31 -32.73 -3.95
C THR F 157 -3.21 -32.29 -2.80
N SER F 158 -2.76 -31.29 -2.04
CA SER F 158 -3.60 -30.71 -1.01
C SER F 158 -4.63 -29.77 -1.65
N ARG F 159 -5.78 -29.64 -0.99
CA ARG F 159 -6.97 -28.97 -1.54
C ARG F 159 -7.24 -29.29 -3.03
N ARG F 160 -7.26 -30.58 -3.37
CA ARG F 160 -7.48 -31.02 -4.76
C ARG F 160 -8.85 -30.71 -5.35
N PHE F 161 -8.80 -30.23 -6.58
CA PHE F 161 -10.00 -29.84 -7.27
C PHE F 161 -9.99 -30.46 -8.65
N ALA F 162 -11.17 -30.66 -9.21
CA ALA F 162 -11.32 -31.32 -10.47
C ALA F 162 -12.13 -30.42 -11.37
N TYR F 163 -11.68 -30.30 -12.62
CA TYR F 163 -12.47 -29.66 -13.65
C TYR F 163 -13.27 -30.70 -14.41
N ILE F 164 -14.55 -30.41 -14.56
CA ILE F 164 -15.51 -31.28 -15.24
C ILE F 164 -16.19 -30.52 -16.38
N ASP F 165 -16.14 -31.09 -17.57
CA ASP F 165 -16.91 -30.58 -18.69
C ASP F 165 -18.19 -31.40 -18.86
N VAL F 166 -19.30 -30.71 -19.15
CA VAL F 166 -20.60 -31.40 -19.38
C VAL F 166 -21.11 -31.17 -20.81
N THR F 167 -22.27 -31.71 -21.18
CA THR F 167 -22.69 -31.64 -22.59
C THR F 167 -23.53 -30.41 -22.95
N SER F 168 -24.08 -29.73 -21.96
CA SER F 168 -24.92 -28.56 -22.21
C SER F 168 -24.75 -27.57 -21.10
N LYS F 169 -24.90 -26.28 -21.42
CA LYS F 169 -24.90 -25.20 -20.43
C LYS F 169 -25.83 -25.51 -19.26
N GLU F 170 -27.08 -25.91 -19.56
CA GLU F 170 -28.04 -26.26 -18.53
C GLU F 170 -27.52 -27.34 -17.60
N ASP F 171 -26.89 -28.37 -18.16
CA ASP F 171 -26.27 -29.39 -17.33
C ASP F 171 -25.30 -28.85 -16.31
N ALA F 172 -24.45 -27.88 -16.66
CA ALA F 172 -23.49 -27.37 -15.68
C ALA F 172 -24.23 -26.66 -14.53
N ARG F 173 -25.18 -25.83 -14.91
CA ARG F 173 -25.91 -25.11 -13.91
C ARG F 173 -26.68 -26.07 -13.01
N TYR F 174 -27.32 -27.07 -13.61
CA TYR F 174 -28.10 -28.03 -12.86
C TYR F 174 -27.22 -28.84 -11.90
N CYS F 175 -26.12 -29.30 -12.43
CA CYS F 175 -25.14 -30.05 -11.71
C CYS F 175 -24.62 -29.34 -10.42
N VAL F 176 -24.14 -28.10 -10.56
CA VAL F 176 -23.74 -27.29 -9.41
C VAL F 176 -24.89 -27.21 -8.40
N GLU F 177 -26.09 -26.93 -8.89
CA GLU F 177 -27.19 -26.71 -8.01
C GLU F 177 -27.60 -27.92 -7.22
N LYS F 178 -27.55 -29.09 -7.84
CA LYS F 178 -27.94 -30.32 -7.18
C LYS F 178 -26.86 -30.82 -6.25
N LEU F 179 -25.61 -30.55 -6.59
CA LEU F 179 -24.50 -31.21 -5.88
C LEU F 179 -23.84 -30.38 -4.79
N ASN F 180 -23.91 -29.06 -4.94
CA ASN F 180 -23.21 -28.23 -4.02
C ASN F 180 -23.77 -28.33 -2.61
N GLY F 181 -22.88 -28.55 -1.64
CA GLY F 181 -23.29 -28.64 -0.23
C GLY F 181 -23.62 -30.07 0.14
N LEU F 182 -23.53 -30.98 -0.82
CA LEU F 182 -23.72 -32.42 -0.59
C LEU F 182 -22.63 -32.90 0.35
N LYS F 183 -23.01 -33.78 1.25
CA LYS F 183 -22.06 -34.25 2.25
C LYS F 183 -21.66 -35.68 1.92
N ILE F 184 -20.36 -35.88 1.70
CA ILE F 184 -19.81 -37.19 1.37
C ILE F 184 -18.72 -37.49 2.36
N GLU F 185 -18.94 -38.50 3.18
CA GLU F 185 -17.97 -38.92 4.19
C GLU F 185 -17.51 -37.80 5.12
N GLY F 186 -18.45 -36.93 5.48
CA GLY F 186 -18.11 -35.80 6.34
C GLY F 186 -17.61 -34.52 5.65
N TYR F 187 -17.31 -34.61 4.35
CA TYR F 187 -16.85 -33.48 3.59
C TYR F 187 -18.07 -32.81 2.94
N THR F 188 -18.23 -31.51 3.14
CA THR F 188 -19.29 -30.80 2.43
C THR F 188 -18.74 -30.37 1.05
N LEU F 189 -19.43 -30.79 -0.02
CA LEU F 189 -18.95 -30.60 -1.39
C LEU F 189 -19.06 -29.14 -1.87
N VAL F 190 -18.10 -28.67 -2.65
CA VAL F 190 -18.17 -27.32 -3.24
C VAL F 190 -17.99 -27.35 -4.78
N THR F 191 -19.01 -26.89 -5.54
CA THR F 191 -18.95 -26.78 -7.00
C THR F 191 -19.41 -25.41 -7.45
N LYS F 192 -18.81 -24.87 -8.51
CA LYS F 192 -19.37 -23.71 -9.19
C LYS F 192 -19.12 -23.88 -10.68
N VAL F 193 -19.95 -23.23 -11.49
CA VAL F 193 -19.68 -23.12 -12.91
C VAL F 193 -18.39 -22.29 -13.02
N SER F 194 -17.52 -22.68 -13.94
CA SER F 194 -16.28 -21.98 -14.12
C SER F 194 -16.54 -20.55 -14.58
N ASN F 195 -15.65 -19.64 -14.19
CA ASN F 195 -15.75 -18.23 -14.55
C ASN F 195 -14.51 -17.77 -15.31
N PRO F 196 -14.60 -17.73 -16.65
CA PRO F 196 -13.43 -17.59 -17.50
C PRO F 196 -12.97 -16.14 -17.63
N LEU F 197 -11.65 -15.97 -17.79
CA LEU F 197 -10.95 -14.68 -17.98
C LEU F 197 -11.75 -13.48 -18.55
N THR F 207 -11.34 -6.21 -13.61
CA THR F 207 -9.99 -6.68 -13.93
C THR F 207 -9.25 -7.39 -12.77
N LEU F 208 -9.24 -6.77 -11.58
CA LEU F 208 -8.96 -7.50 -10.35
C LEU F 208 -10.25 -8.18 -9.90
N GLU F 209 -11.36 -7.74 -10.50
CA GLU F 209 -12.70 -8.12 -10.12
C GLU F 209 -12.85 -9.62 -10.10
N GLY F 210 -13.00 -10.17 -8.91
CA GLY F 210 -13.26 -11.59 -8.75
C GLY F 210 -12.00 -12.42 -8.63
N ARG F 211 -10.86 -11.77 -8.66
CA ARG F 211 -9.58 -12.44 -8.53
C ARG F 211 -8.99 -12.15 -7.16
N GLU F 212 -9.57 -11.18 -6.48
CA GLU F 212 -8.99 -10.70 -5.24
C GLU F 212 -9.85 -11.04 -4.03
N ILE F 213 -9.21 -11.60 -3.01
CA ILE F 213 -9.90 -11.92 -1.77
C ILE F 213 -9.31 -11.11 -0.62
N ILE F 215 -8.76 -11.41 3.51
CA ILE F 215 -8.72 -12.29 4.67
C ILE F 215 -8.75 -11.46 5.95
N ARG F 216 -9.64 -11.78 6.88
CA ARG F 216 -9.78 -11.01 8.14
C ARG F 216 -9.66 -11.88 9.39
N ASN F 217 -9.77 -11.26 10.58
CA ASN F 217 -9.61 -11.93 11.88
C ASN F 217 -8.22 -12.57 12.08
N LEU F 218 -7.22 -12.04 11.39
CA LEU F 218 -5.86 -12.53 11.56
C LEU F 218 -5.22 -11.93 12.79
N SER F 219 -4.42 -12.75 13.48
CA SER F 219 -3.61 -12.30 14.61
C SER F 219 -2.30 -11.73 14.07
N THR F 220 -1.51 -11.15 14.95
CA THR F 220 -0.19 -10.68 14.56
C THR F 220 0.70 -11.83 14.09
N GLU F 221 0.53 -13.00 14.72
CA GLU F 221 1.35 -14.18 14.45
C GLU F 221 1.00 -14.78 13.12
N LEU F 222 -0.24 -14.59 12.71
CA LEU F 222 -0.74 -15.18 11.49
C LEU F 222 -0.51 -14.26 10.31
N LEU F 223 0.00 -13.07 10.59
CA LEU F 223 0.26 -12.10 9.55
C LEU F 223 1.62 -12.40 8.89
N ASP F 224 1.75 -13.61 8.35
CA ASP F 224 3.00 -14.09 7.73
C ASP F 224 2.77 -14.43 6.25
N GLU F 225 3.47 -13.70 5.38
CA GLU F 225 3.33 -13.90 3.94
C GLU F 225 3.54 -15.34 3.51
N ASN F 226 4.59 -15.98 4.01
CA ASN F 226 4.84 -17.37 3.65
C ASN F 226 3.72 -18.27 4.15
N LEU F 227 3.27 -18.06 5.39
CA LEU F 227 2.16 -18.84 5.94
C LEU F 227 0.92 -18.76 5.06
N LEU F 228 0.53 -17.54 4.69
CA LEU F 228 -0.64 -17.35 3.85
C LEU F 228 -0.42 -18.01 2.48
N ARG F 229 0.72 -17.71 1.85
CA ARG F 229 1.07 -18.33 0.58
C ARG F 229 0.83 -19.80 0.71
N GLU F 230 1.42 -20.43 1.72
CA GLU F 230 1.32 -21.86 1.85
C GLU F 230 -0.10 -22.31 2.13
N SER F 231 -0.82 -21.52 2.92
CA SER F 231 -2.21 -21.84 3.29
C SER F 231 -3.17 -21.73 2.12
N PHE F 232 -2.83 -20.95 1.11
CA PHE F 232 -3.75 -20.73 0.01
C PHE F 232 -3.30 -21.23 -1.35
N GLU F 233 -2.03 -21.62 -1.50
CA GLU F 233 -1.52 -21.85 -2.86
C GLU F 233 -2.12 -23.06 -3.56
N GLY F 234 -2.77 -23.93 -2.79
CA GLY F 234 -3.44 -25.10 -3.35
C GLY F 234 -4.65 -24.72 -4.17
N PHE F 235 -5.27 -23.59 -3.87
CA PHE F 235 -6.47 -23.19 -4.61
C PHE F 235 -6.24 -22.77 -6.06
N GLY F 236 -4.98 -22.64 -6.45
CA GLY F 236 -4.64 -22.16 -7.79
C GLY F 236 -3.55 -21.13 -7.63
N SER F 237 -2.97 -20.66 -8.74
CA SER F 237 -1.78 -19.81 -8.68
C SER F 237 -2.00 -18.43 -8.08
N ILE F 238 -1.10 -18.04 -7.19
CA ILE F 238 -1.17 -16.74 -6.54
C ILE F 238 -0.38 -15.68 -7.31
N GLU F 239 -1.03 -14.57 -7.63
CA GLU F 239 -0.36 -13.48 -8.31
C GLU F 239 0.34 -12.52 -7.36
N LYS F 240 -0.34 -12.12 -6.29
CA LYS F 240 0.21 -11.17 -5.32
C LYS F 240 -0.39 -11.33 -3.94
N ILE F 241 0.45 -11.26 -2.91
CA ILE F 241 -0.02 -11.21 -1.53
C ILE F 241 0.32 -9.83 -0.97
N ASN F 242 -0.69 -9.16 -0.44
CA ASN F 242 -0.61 -7.75 -0.10
C ASN F 242 -1.04 -7.53 1.36
N ILE F 243 -0.11 -7.09 2.19
CA ILE F 243 -0.36 -7.03 3.63
C ILE F 243 -0.17 -5.61 4.13
N PRO F 244 -1.27 -4.88 4.37
CA PRO F 244 -1.18 -3.49 4.83
C PRO F 244 -0.25 -3.33 6.03
N ALA F 245 0.65 -2.35 5.97
CA ALA F 245 1.68 -2.21 6.99
C ALA F 245 1.16 -1.53 8.25
N GLY F 246 1.96 -1.60 9.31
CA GLY F 246 1.67 -0.94 10.60
C GLY F 246 0.46 -1.46 11.35
N GLN F 247 0.23 -2.77 11.29
CA GLN F 247 -0.98 -3.35 11.85
C GLN F 247 -0.81 -3.88 13.27
N LYS F 248 0.40 -3.78 13.81
CA LYS F 248 0.72 -4.31 15.16
C LYS F 248 0.15 -3.44 16.30
N PHE F 252 -6.13 -6.50 18.65
CA PHE F 252 -7.49 -7.01 18.58
C PHE F 252 -7.64 -8.24 17.69
N ASN F 253 -6.63 -8.48 16.87
CA ASN F 253 -6.68 -9.53 15.85
C ASN F 253 -7.67 -9.16 14.75
N ASN F 254 -7.71 -7.88 14.44
CA ASN F 254 -8.49 -7.38 13.33
C ASN F 254 -7.59 -7.19 12.12
N CYS F 255 -6.50 -7.95 12.06
CA CYS F 255 -5.55 -7.89 10.96
C CYS F 255 -6.12 -8.48 9.69
N CYS F 256 -5.77 -7.86 8.56
CA CYS F 256 -6.27 -8.33 7.27
C CYS F 256 -5.16 -8.43 6.25
N ALA F 257 -5.36 -9.29 5.26
CA ALA F 257 -4.42 -9.40 4.17
C ALA F 257 -5.15 -9.60 2.87
N PHE F 258 -4.67 -8.97 1.81
CA PHE F 258 -5.28 -9.12 0.49
C PHE F 258 -4.48 -10.08 -0.38
N VAL F 260 -4.38 -11.83 -4.35
CA VAL F 260 -4.78 -11.73 -5.75
C VAL F 260 -4.35 -13.02 -6.46
N PHE F 261 -5.31 -13.68 -7.11
CA PHE F 261 -5.04 -14.91 -7.82
C PHE F 261 -4.95 -14.67 -9.32
N GLU F 262 -4.28 -15.57 -10.03
CA GLU F 262 -4.14 -15.46 -11.48
C GLU F 262 -5.49 -15.51 -12.18
N ASN F 263 -6.36 -16.41 -11.73
CA ASN F 263 -7.71 -16.52 -12.29
C ASN F 263 -8.83 -16.47 -11.20
N LYS F 264 -10.06 -16.19 -11.63
CA LYS F 264 -11.21 -16.05 -10.73
C LYS F 264 -11.64 -17.37 -10.10
N ASP F 265 -11.57 -18.46 -10.87
CA ASP F 265 -11.87 -19.76 -10.31
C ASP F 265 -11.04 -20.08 -9.06
N SER F 266 -9.78 -19.65 -9.06
CA SER F 266 -8.90 -19.87 -7.91
C SER F 266 -9.33 -19.04 -6.73
N ALA F 267 -9.69 -17.78 -6.97
CA ALA F 267 -10.17 -16.95 -5.86
C ALA F 267 -11.48 -17.49 -5.31
N GLU F 268 -12.37 -17.97 -6.18
CA GLU F 268 -13.59 -18.66 -5.72
C GLU F 268 -13.31 -19.86 -4.80
N ARG F 269 -12.44 -20.76 -5.23
CA ARG F 269 -12.12 -21.94 -4.42
C ARG F 269 -11.55 -21.53 -3.05
N ALA F 270 -10.86 -20.40 -3.05
CA ALA F 270 -10.14 -19.91 -1.89
C ALA F 270 -11.13 -19.47 -0.86
N LEU F 271 -12.35 -19.22 -1.31
CA LEU F 271 -13.40 -18.78 -0.40
C LEU F 271 -13.71 -19.85 0.60
N GLN F 272 -13.31 -21.09 0.30
CA GLN F 272 -13.54 -22.18 1.22
C GLN F 272 -12.88 -21.94 2.57
N ASN F 274 -13.05 -19.37 4.31
CA ASN F 274 -13.92 -18.62 5.21
C ASN F 274 -14.48 -19.57 6.29
N ARG F 275 -14.68 -19.06 7.50
CA ARG F 275 -15.02 -19.89 8.68
C ARG F 275 -14.14 -21.14 8.93
N SER F 276 -12.85 -21.06 8.57
CA SER F 276 -11.93 -22.19 8.74
C SER F 276 -10.83 -21.88 9.73
N LEU F 277 -10.30 -22.92 10.36
CA LEU F 277 -9.24 -22.76 11.35
C LEU F 277 -7.90 -22.56 10.67
N LEU F 278 -7.28 -21.42 10.91
CA LEU F 278 -5.89 -21.20 10.49
C LEU F 278 -5.06 -20.99 11.74
N GLY F 279 -4.04 -21.84 11.91
CA GLY F 279 -3.29 -21.90 13.16
C GLY F 279 -4.24 -22.02 14.34
N ASN F 280 -4.39 -20.94 15.08
CA ASN F 280 -5.27 -20.92 16.23
C ASN F 280 -6.47 -19.95 16.11
N ARG F 281 -6.79 -19.51 14.91
CA ARG F 281 -7.90 -18.61 14.75
C ARG F 281 -8.85 -19.03 13.63
N GLU F 282 -10.11 -18.58 13.72
CA GLU F 282 -11.06 -18.77 12.65
C GLU F 282 -10.96 -17.55 11.76
N ILE F 283 -10.48 -17.74 10.54
CA ILE F 283 -10.35 -16.60 9.67
C ILE F 283 -11.65 -16.35 8.91
N SER F 284 -11.85 -15.13 8.42
CA SER F 284 -12.95 -14.89 7.47
C SER F 284 -12.41 -14.44 6.11
N VAL F 285 -12.99 -14.99 5.06
CA VAL F 285 -12.48 -14.82 3.72
C VAL F 285 -13.64 -14.42 2.83
N SER F 286 -13.50 -13.28 2.16
CA SER F 286 -14.52 -12.80 1.25
C SER F 286 -13.84 -12.17 0.03
N LEU F 287 -14.60 -11.99 -1.05
CA LEU F 287 -14.09 -11.34 -2.26
C LEU F 287 -13.92 -9.88 -2.00
N ALA F 288 -12.75 -9.36 -2.34
CA ALA F 288 -12.43 -7.95 -2.17
C ALA F 288 -13.42 -7.03 -2.88
N ASP F 289 -13.82 -5.96 -2.19
CA ASP F 289 -14.62 -4.88 -2.81
C ASP F 289 -13.89 -4.35 -4.02
N LYS F 290 -14.58 -4.11 -5.11
CA LYS F 290 -13.88 -3.62 -6.29
C LYS F 290 -13.58 -2.12 -6.22
N LYS F 291 -12.39 -1.72 -6.63
CA LYS F 291 -11.97 -0.31 -6.55
C LYS F 291 -12.85 0.62 -7.43
N PRO F 292 -13.28 1.76 -6.87
CA PRO F 292 -14.09 2.74 -7.62
C PRO F 292 -13.43 3.21 -8.93
N THR G 42 -38.67 -18.01 42.52
CA THR G 42 -39.00 -17.58 41.14
C THR G 42 -40.47 -17.95 40.83
N THR G 43 -40.66 -19.07 40.13
CA THR G 43 -41.91 -19.37 39.40
C THR G 43 -42.23 -20.86 39.45
N VAL G 44 -43.50 -21.21 39.27
CA VAL G 44 -43.94 -22.59 39.53
C VAL G 44 -44.77 -23.15 38.38
N LEU G 45 -44.60 -24.44 38.07
CA LEU G 45 -45.43 -25.12 37.06
C LEU G 45 -46.44 -26.02 37.74
N VAL G 46 -47.71 -25.88 37.36
CA VAL G 46 -48.75 -26.74 37.90
C VAL G 46 -49.23 -27.64 36.77
N LYS G 47 -49.30 -28.94 37.02
CA LYS G 47 -49.68 -29.92 36.01
C LYS G 47 -50.86 -30.79 36.42
N ASN G 48 -51.74 -31.05 35.45
CA ASN G 48 -52.95 -31.86 35.59
C ASN G 48 -54.06 -31.21 36.44
N LEU G 49 -54.25 -29.90 36.27
CA LEU G 49 -55.44 -29.22 36.79
C LEU G 49 -56.66 -29.75 36.04
N PRO G 50 -57.86 -29.67 36.63
CA PRO G 50 -59.00 -30.04 35.78
C PRO G 50 -59.20 -28.99 34.68
N LYS G 51 -59.71 -29.45 33.52
CA LYS G 51 -59.84 -28.58 32.34
C LYS G 51 -60.76 -27.38 32.55
N SER G 52 -61.76 -27.53 33.41
CA SER G 52 -62.66 -26.43 33.75
C SER G 52 -61.96 -25.30 34.52
N TYR G 53 -60.78 -25.59 35.05
CA TYR G 53 -60.04 -24.62 35.86
C TYR G 53 -59.58 -23.42 35.06
N ASN G 54 -60.33 -22.35 35.28
CA ASN G 54 -60.07 -20.99 34.83
C ASN G 54 -58.75 -20.47 35.43
N GLN G 55 -58.27 -19.31 34.98
CA GLN G 55 -57.11 -18.72 35.63
C GLN G 55 -57.43 -18.13 36.99
N ASN G 56 -58.66 -17.61 37.14
CA ASN G 56 -59.20 -17.14 38.40
C ASN G 56 -59.25 -18.23 39.44
N LYS G 57 -59.86 -19.35 39.09
CA LYS G 57 -59.94 -20.51 39.96
C LYS G 57 -58.55 -20.94 40.46
N VAL G 58 -57.55 -20.95 39.57
CA VAL G 58 -56.17 -21.24 39.94
C VAL G 58 -55.59 -20.20 40.89
N TYR G 59 -55.77 -18.92 40.56
CA TYR G 59 -55.35 -17.82 41.43
C TYR G 59 -56.01 -17.93 42.82
N LYS G 60 -57.27 -18.36 42.84
CA LYS G 60 -58.00 -18.56 44.09
C LYS G 60 -57.42 -19.72 44.89
N TYR G 61 -57.11 -20.83 44.23
CA TYR G 61 -56.54 -21.99 44.89
C TYR G 61 -55.17 -21.70 45.53
N PHE G 62 -54.41 -20.80 44.90
CA PHE G 62 -53.03 -20.56 45.33
C PHE G 62 -52.79 -19.24 46.05
N LYS G 63 -53.77 -18.34 46.04
CA LYS G 63 -53.58 -17.00 46.60
C LYS G 63 -53.20 -16.97 48.10
N HIS G 64 -53.37 -18.08 48.80
CA HIS G 64 -52.95 -18.21 50.20
C HIS G 64 -51.51 -18.73 50.32
N CYS G 65 -50.69 -18.43 49.32
CA CYS G 65 -49.27 -18.82 49.34
C CYS G 65 -48.33 -17.62 49.38
N GLY G 66 -48.86 -16.44 49.09
CA GLY G 66 -48.06 -15.22 49.01
C GLY G 66 -48.54 -14.39 47.84
N PRO G 67 -48.04 -13.14 47.70
CA PRO G 67 -48.51 -12.31 46.60
C PRO G 67 -48.17 -12.93 45.25
N ILE G 68 -49.12 -12.91 44.32
CA ILE G 68 -48.88 -13.48 43.00
C ILE G 68 -48.77 -12.39 41.95
N ILE G 69 -47.66 -12.39 41.21
CA ILE G 69 -47.43 -11.43 40.14
C ILE G 69 -48.23 -11.78 38.88
N HIS G 70 -48.09 -13.04 38.44
CA HIS G 70 -48.69 -13.52 37.20
C HIS G 70 -49.27 -14.93 37.31
N VAL G 71 -50.40 -15.14 36.63
CA VAL G 71 -50.99 -16.45 36.50
C VAL G 71 -51.28 -16.67 35.02
N ASP G 72 -50.93 -17.84 34.51
CA ASP G 72 -51.13 -18.18 33.11
C ASP G 72 -51.61 -19.63 33.07
N VAL G 73 -52.58 -19.90 32.21
CA VAL G 73 -53.18 -21.24 32.15
C VAL G 73 -53.12 -21.74 30.71
N ALA G 74 -52.86 -23.02 30.49
CA ALA G 74 -52.86 -23.55 29.13
C ALA G 74 -53.48 -24.93 29.06
N ASP G 75 -54.11 -25.22 27.92
CA ASP G 75 -54.67 -26.55 27.69
C ASP G 75 -53.57 -27.56 27.41
N SER G 76 -53.77 -28.80 27.88
CA SER G 76 -52.96 -29.93 27.44
C SER G 76 -53.17 -30.16 25.94
N LEU G 77 -52.19 -30.78 25.31
CA LEU G 77 -52.26 -31.12 23.89
C LEU G 77 -53.56 -31.76 23.46
N LYS G 78 -54.00 -32.75 24.23
CA LYS G 78 -55.26 -33.44 23.99
C LYS G 78 -56.43 -32.81 24.76
N LYS G 79 -56.19 -31.62 25.29
CA LYS G 79 -57.24 -30.79 25.88
C LYS G 79 -58.03 -31.42 27.02
N ASN G 80 -57.42 -32.37 27.72
CA ASN G 80 -58.13 -33.06 28.81
C ASN G 80 -57.69 -32.69 30.23
N PHE G 81 -56.63 -31.92 30.37
CA PHE G 81 -56.37 -31.23 31.62
C PHE G 81 -55.79 -29.85 31.32
N ARG G 82 -55.37 -29.14 32.37
CA ARG G 82 -54.66 -27.86 32.21
C ARG G 82 -53.38 -27.74 33.02
N PHE G 83 -52.43 -26.99 32.45
CA PHE G 83 -51.24 -26.56 33.15
C PHE G 83 -51.48 -25.12 33.61
N ALA G 84 -50.82 -24.73 34.70
CA ALA G 84 -50.69 -23.30 35.00
C ALA G 84 -49.24 -22.87 35.28
N ARG G 85 -48.95 -21.61 34.97
CA ARG G 85 -47.71 -20.97 35.34
C ARG G 85 -48.05 -19.89 36.35
N ILE G 86 -47.54 -20.05 37.57
CA ILE G 86 -47.71 -19.06 38.61
C ILE G 86 -46.35 -18.53 39.03
N GLU G 87 -46.15 -17.24 38.82
CA GLU G 87 -44.99 -16.54 39.28
C GLU G 87 -45.33 -15.88 40.61
N PHE G 88 -44.43 -16.02 41.57
CA PHE G 88 -44.65 -15.42 42.88
C PHE G 88 -43.79 -14.18 43.07
N ALA G 89 -44.10 -13.40 44.09
CA ALA G 89 -43.28 -12.24 44.47
C ALA G 89 -41.99 -12.72 45.13
N ARG G 90 -42.12 -13.70 46.03
CA ARG G 90 -40.97 -14.24 46.78
C ARG G 90 -40.82 -15.75 46.64
N TYR G 91 -39.61 -16.24 46.95
CA TYR G 91 -39.26 -17.65 46.85
C TYR G 91 -40.13 -18.56 47.69
N ASP G 92 -40.31 -18.22 48.96
CA ASP G 92 -41.10 -19.08 49.85
C ASP G 92 -42.55 -19.21 49.38
N GLY G 93 -43.01 -18.21 48.63
CA GLY G 93 -44.32 -18.27 47.99
C GLY G 93 -44.43 -19.45 47.04
N ALA G 94 -43.38 -19.66 46.24
CA ALA G 94 -43.31 -20.80 45.33
C ALA G 94 -43.15 -22.11 46.10
N LEU G 95 -42.27 -22.11 47.10
CA LEU G 95 -42.05 -23.30 47.92
C LEU G 95 -43.33 -23.72 48.64
N ALA G 96 -44.17 -22.74 48.94
CA ALA G 96 -45.47 -22.99 49.54
C ALA G 96 -46.35 -23.71 48.54
N ALA G 97 -46.32 -23.27 47.28
CA ALA G 97 -47.12 -23.88 46.21
C ALA G 97 -46.68 -25.30 45.92
N ILE G 98 -45.38 -25.56 46.13
CA ILE G 98 -44.79 -26.86 45.91
C ILE G 98 -45.32 -27.91 46.89
N THR G 99 -45.52 -27.52 48.15
CA THR G 99 -46.09 -28.42 49.14
C THR G 99 -47.51 -28.83 48.75
N LYS G 100 -48.14 -28.04 47.89
CA LYS G 100 -49.46 -28.36 47.32
C LYS G 100 -49.38 -29.43 46.22
N THR G 101 -48.17 -29.83 45.85
CA THR G 101 -47.97 -30.95 44.91
C THR G 101 -48.68 -32.22 45.41
N HIS G 102 -49.09 -33.06 44.48
CA HIS G 102 -49.77 -34.33 44.75
C HIS G 102 -51.10 -34.22 45.50
N LYS G 103 -51.50 -32.99 45.83
CA LYS G 103 -52.81 -32.74 46.45
C LYS G 103 -53.89 -32.89 45.37
N VAL G 104 -55.11 -33.24 45.79
CA VAL G 104 -56.20 -33.49 44.86
C VAL G 104 -57.10 -32.26 44.70
N VAL G 105 -57.08 -31.66 43.51
CA VAL G 105 -57.98 -30.55 43.18
C VAL G 105 -59.10 -31.08 42.29
N GLY G 106 -60.33 -30.97 42.79
CA GLY G 106 -61.49 -31.55 42.11
C GLY G 106 -61.27 -33.05 41.99
N GLN G 107 -61.20 -33.55 40.77
CA GLN G 107 -61.01 -34.98 40.55
C GLN G 107 -59.61 -35.34 40.05
N ASN G 108 -58.69 -34.37 40.07
CA ASN G 108 -57.35 -34.55 39.51
C ASN G 108 -56.26 -34.45 40.56
N GLU G 109 -55.27 -35.35 40.48
CA GLU G 109 -54.08 -35.26 41.31
C GLU G 109 -53.10 -34.35 40.59
N ILE G 110 -52.67 -33.28 41.25
CA ILE G 110 -51.84 -32.27 40.58
C ILE G 110 -50.36 -32.37 40.94
N ILE G 111 -49.50 -31.90 40.04
CA ILE G 111 -48.06 -31.87 40.27
C ILE G 111 -47.53 -30.44 40.17
N VAL G 112 -46.84 -30.00 41.21
CA VAL G 112 -46.24 -28.66 41.23
C VAL G 112 -44.71 -28.75 41.36
N SER G 113 -43.99 -28.16 40.42
CA SER G 113 -42.54 -28.05 40.48
C SER G 113 -42.07 -26.62 40.15
N HIS G 114 -40.80 -26.32 40.44
CA HIS G 114 -40.17 -25.08 39.98
C HIS G 114 -40.18 -25.11 38.45
N LEU G 115 -40.62 -24.02 37.83
CA LEU G 115 -40.48 -23.87 36.38
C LEU G 115 -39.08 -23.41 36.07
N THR G 116 -38.24 -24.32 35.63
CA THR G 116 -36.83 -24.02 35.44
C THR G 116 -36.44 -24.46 34.05
N GLU G 117 -35.63 -23.63 33.37
CA GLU G 117 -35.12 -23.91 32.02
C GLU G 117 -36.15 -24.22 30.91
N CYS G 118 -37.30 -23.57 30.95
CA CYS G 118 -38.34 -23.74 29.96
C CYS G 118 -38.66 -22.47 29.19
N THR G 119 -37.68 -21.59 29.02
CA THR G 119 -37.92 -20.25 28.41
C THR G 119 -37.12 -20.05 27.14
N LEU G 120 -37.81 -19.71 26.05
CA LEU G 120 -37.12 -19.43 24.80
C LEU G 120 -37.50 -18.05 24.36
N TRP G 121 -36.70 -17.45 23.50
CA TRP G 121 -37.17 -16.25 22.81
C TRP G 121 -37.26 -16.55 21.33
N THR G 123 -37.88 -14.41 17.38
CA THR G 123 -37.85 -13.10 16.75
C THR G 123 -37.77 -13.24 15.24
N ASN G 124 -37.94 -12.12 14.55
CA ASN G 124 -38.03 -12.09 13.10
C ASN G 124 -39.20 -12.91 12.52
N PHE G 125 -40.34 -12.88 13.22
CA PHE G 125 -41.62 -13.29 12.64
C PHE G 125 -42.21 -12.08 11.90
N PRO G 126 -43.24 -12.29 11.08
CA PRO G 126 -43.85 -11.13 10.41
C PRO G 126 -44.41 -10.10 11.41
N PRO G 127 -44.33 -8.80 11.07
CA PRO G 127 -44.94 -7.77 11.94
C PRO G 127 -46.42 -8.01 12.25
N SER G 128 -47.16 -8.59 11.32
CA SER G 128 -48.57 -8.92 11.52
C SER G 128 -48.83 -9.99 12.56
N TYR G 129 -47.80 -10.71 12.99
CA TYR G 129 -47.94 -11.83 13.91
C TYR G 129 -48.46 -11.46 15.29
N THR G 130 -49.54 -12.10 15.69
CA THR G 130 -50.11 -11.91 17.03
C THR G 130 -49.65 -13.03 17.98
N GLN G 131 -50.05 -12.90 19.25
CA GLN G 131 -49.86 -13.96 20.23
C GLN G 131 -50.43 -15.27 19.72
N ARG G 132 -51.65 -15.25 19.19
CA ARG G 132 -52.30 -16.47 18.68
C ARG G 132 -51.51 -17.10 17.55
N ASN G 133 -50.90 -16.27 16.73
CA ASN G 133 -50.06 -16.78 15.67
C ASN G 133 -48.89 -17.59 16.19
N ILE G 134 -48.21 -17.08 17.21
CA ILE G 134 -47.12 -17.81 17.88
C ILE G 134 -47.63 -19.14 18.39
N ARG G 135 -48.76 -19.12 19.10
CA ARG G 135 -49.30 -20.34 19.69
C ARG G 135 -49.66 -21.40 18.64
N ASP G 136 -50.12 -20.96 17.46
CA ASP G 136 -50.39 -21.86 16.32
C ASP G 136 -49.11 -22.53 15.86
N LEU G 137 -48.04 -21.76 15.78
CA LEU G 137 -46.74 -22.32 15.47
C LEU G 137 -46.42 -23.48 16.40
N LEU G 138 -46.53 -23.26 17.71
CA LEU G 138 -46.12 -24.31 18.61
C LEU G 138 -47.08 -25.50 18.57
N GLN G 139 -48.33 -25.24 18.29
CA GLN G 139 -49.27 -26.32 18.13
C GLN G 139 -48.99 -27.12 16.85
N ASP G 140 -48.48 -26.45 15.82
CA ASP G 140 -48.07 -27.13 14.59
C ASP G 140 -47.00 -28.21 14.87
N ILE G 141 -46.21 -28.03 15.93
CA ILE G 141 -45.19 -29.01 16.33
C ILE G 141 -45.51 -29.71 17.66
N ASN G 142 -46.78 -29.64 18.05
CA ASN G 142 -47.29 -30.28 19.27
C ASN G 142 -46.58 -29.88 20.56
N VAL G 143 -46.46 -28.58 20.76
CA VAL G 143 -45.86 -28.03 21.96
C VAL G 143 -46.82 -27.03 22.58
N VAL G 144 -47.12 -27.24 23.85
CA VAL G 144 -47.99 -26.36 24.64
C VAL G 144 -47.24 -25.08 24.95
N ALA G 145 -47.87 -23.95 24.65
CA ALA G 145 -47.34 -22.68 25.10
C ALA G 145 -47.96 -22.36 26.44
N LEU G 146 -47.12 -22.42 27.47
CA LEU G 146 -47.56 -22.15 28.82
C LEU G 146 -47.88 -20.68 28.98
N SER G 147 -47.04 -19.84 28.37
CA SER G 147 -47.28 -18.40 28.29
C SER G 147 -46.45 -17.75 27.19
N ILE G 148 -47.00 -16.71 26.57
CA ILE G 148 -46.34 -16.03 25.46
C ILE G 148 -46.39 -14.55 25.78
N ARG G 149 -45.24 -13.89 25.82
CA ARG G 149 -45.24 -12.47 26.14
C ARG G 149 -44.60 -11.65 25.01
N LEU G 150 -45.44 -10.83 24.40
CA LEU G 150 -45.13 -10.14 23.16
C LEU G 150 -45.39 -8.63 23.30
N PRO G 151 -44.34 -7.83 23.55
CA PRO G 151 -44.32 -6.37 23.73
C PRO G 151 -45.53 -5.58 23.18
N ARG G 159 -37.76 -3.69 16.97
CA ARG G 159 -37.46 -5.03 16.41
C ARG G 159 -38.01 -6.15 17.31
N ARG G 160 -39.31 -6.42 17.21
CA ARG G 160 -40.01 -7.20 18.22
C ARG G 160 -39.50 -8.62 18.40
N PHE G 161 -39.48 -9.07 19.65
CA PHE G 161 -39.22 -10.45 20.00
C PHE G 161 -40.23 -10.96 21.02
N ALA G 162 -40.47 -12.26 21.02
CA ALA G 162 -41.36 -12.86 22.01
C ALA G 162 -40.60 -13.77 22.96
N TYR G 163 -41.07 -13.77 24.22
CA TYR G 163 -40.63 -14.73 25.22
C TYR G 163 -41.74 -15.70 25.48
N ILE G 164 -41.41 -16.98 25.36
CA ILE G 164 -42.38 -18.06 25.47
C ILE G 164 -41.90 -19.03 26.52
N ASP G 165 -42.78 -19.39 27.44
CA ASP G 165 -42.50 -20.49 28.36
C ASP G 165 -43.25 -21.73 27.91
N VAL G 166 -42.63 -22.89 28.07
CA VAL G 166 -43.29 -24.16 27.74
C VAL G 166 -43.26 -25.09 28.95
N THR G 167 -43.77 -26.31 28.81
CA THR G 167 -44.01 -27.12 29.99
C THR G 167 -42.89 -28.08 30.37
N SER G 168 -41.80 -28.13 29.60
CA SER G 168 -40.69 -29.06 29.87
C SER G 168 -39.42 -28.61 29.19
N LYS G 169 -38.29 -28.85 29.84
CA LYS G 169 -36.98 -28.51 29.26
C LYS G 169 -36.80 -29.06 27.84
N GLU G 170 -37.25 -30.30 27.59
CA GLU G 170 -37.14 -30.83 26.23
C GLU G 170 -38.02 -30.07 25.22
N ASP G 171 -39.24 -29.73 25.61
CA ASP G 171 -40.07 -28.88 24.76
C ASP G 171 -39.35 -27.60 24.34
N ALA G 172 -38.67 -26.92 25.25
CA ALA G 172 -37.88 -25.75 24.86
C ALA G 172 -36.86 -26.08 23.77
N ARG G 173 -36.09 -27.16 23.95
CA ARG G 173 -35.08 -27.51 22.97
C ARG G 173 -35.65 -27.98 21.64
N TYR G 174 -36.66 -28.85 21.73
CA TYR G 174 -37.34 -29.41 20.55
C TYR G 174 -37.91 -28.28 19.77
N CYS G 175 -38.52 -27.37 20.49
CA CYS G 175 -39.11 -26.20 19.91
C CYS G 175 -38.12 -25.42 19.05
N VAL G 176 -36.97 -25.13 19.62
CA VAL G 176 -35.93 -24.38 18.94
C VAL G 176 -35.37 -25.19 17.76
N GLU G 177 -35.08 -26.47 17.99
CA GLU G 177 -34.56 -27.36 16.95
C GLU G 177 -35.47 -27.31 15.75
N LYS G 178 -36.78 -27.35 16.00
CA LYS G 178 -37.79 -27.52 14.95
C LYS G 178 -38.19 -26.24 14.21
N LEU G 179 -38.05 -25.09 14.87
CA LEU G 179 -38.59 -23.83 14.35
C LEU G 179 -37.55 -22.87 13.83
N ASN G 180 -36.35 -22.92 14.36
CA ASN G 180 -35.31 -22.00 13.95
C ASN G 180 -35.02 -22.06 12.47
N GLY G 181 -35.02 -20.91 11.82
CA GLY G 181 -34.70 -20.86 10.39
C GLY G 181 -35.88 -21.14 9.50
N LEU G 182 -37.05 -21.29 10.11
CA LEU G 182 -38.27 -21.52 9.35
C LEU G 182 -38.76 -20.25 8.63
N LYS G 183 -38.94 -20.33 7.31
CA LYS G 183 -39.28 -19.15 6.53
C LYS G 183 -40.78 -18.91 6.58
N ILE G 184 -41.18 -17.76 7.12
CA ILE G 184 -42.60 -17.37 7.18
C ILE G 184 -42.76 -16.02 6.51
N GLU G 185 -43.53 -15.99 5.42
CA GLU G 185 -43.70 -14.80 4.59
C GLU G 185 -42.38 -14.10 4.23
N GLY G 186 -41.32 -14.86 3.98
CA GLY G 186 -40.02 -14.27 3.59
C GLY G 186 -39.06 -13.92 4.71
N TYR G 187 -39.57 -13.90 5.94
CA TYR G 187 -38.76 -13.70 7.12
C TYR G 187 -38.32 -15.08 7.60
N THR G 188 -37.01 -15.25 7.75
CA THR G 188 -36.49 -16.47 8.35
C THR G 188 -36.56 -16.31 9.86
N LEU G 189 -37.31 -17.18 10.50
CA LEU G 189 -37.53 -17.10 11.92
C LEU G 189 -36.24 -17.36 12.71
N VAL G 190 -36.09 -16.70 13.85
CA VAL G 190 -34.96 -16.96 14.75
C VAL G 190 -35.47 -17.30 16.17
N THR G 191 -35.07 -18.47 16.69
CA THR G 191 -35.36 -18.87 18.08
C THR G 191 -34.11 -19.39 18.76
N LYS G 192 -34.09 -19.31 20.09
CA LYS G 192 -33.02 -19.82 20.92
C LYS G 192 -33.59 -19.99 22.31
N VAL G 193 -33.09 -20.96 23.05
CA VAL G 193 -33.42 -21.11 24.42
C VAL G 193 -32.80 -19.92 25.16
N SER G 194 -33.51 -19.42 26.16
CA SER G 194 -33.01 -18.30 26.94
C SER G 194 -31.79 -18.72 27.75
N ASN G 195 -30.86 -17.78 27.91
CA ASN G 195 -29.62 -18.03 28.60
C ASN G 195 -29.55 -17.18 29.87
N PRO G 196 -29.71 -17.84 31.03
CA PRO G 196 -29.95 -17.20 32.33
C PRO G 196 -28.70 -16.50 32.91
N LEU G 197 -28.93 -15.48 33.74
CA LEU G 197 -27.87 -14.68 34.39
C LEU G 197 -26.66 -15.46 34.94
N THR G 207 -17.76 -12.90 32.92
CA THR G 207 -19.01 -12.15 33.11
C THR G 207 -19.37 -11.38 31.87
N LEU G 208 -18.35 -10.94 31.13
CA LEU G 208 -18.61 -10.40 29.81
C LEU G 208 -19.01 -11.51 28.85
N GLU G 209 -18.54 -12.73 29.13
CA GLU G 209 -18.77 -13.90 28.28
C GLU G 209 -20.23 -14.02 27.84
N GLY G 210 -20.47 -14.02 26.53
CA GLY G 210 -21.82 -14.21 25.99
C GLY G 210 -22.73 -12.99 26.01
N ARG G 211 -22.21 -11.84 26.44
CA ARG G 211 -22.97 -10.59 26.48
C ARG G 211 -22.29 -9.54 25.61
N GLU G 212 -21.05 -9.83 25.23
CA GLU G 212 -20.31 -8.90 24.40
C GLU G 212 -20.23 -9.37 22.93
N ILE G 213 -20.58 -8.47 22.01
CA ILE G 213 -20.41 -8.73 20.58
C ILE G 213 -19.30 -7.86 19.94
N ILE G 215 -18.48 -6.09 16.19
CA ILE G 215 -18.99 -5.65 14.90
C ILE G 215 -17.81 -5.30 14.03
N ARG G 216 -17.70 -5.98 12.90
CA ARG G 216 -16.54 -5.88 12.00
C ARG G 216 -16.94 -5.39 10.62
N ASN G 217 -15.94 -5.12 9.78
CA ASN G 217 -16.15 -4.68 8.41
C ASN G 217 -16.89 -3.35 8.37
N LEU G 218 -16.70 -2.57 9.43
CA LEU G 218 -17.18 -1.19 9.48
C LEU G 218 -16.29 -0.22 8.69
N SER G 219 -16.91 0.84 8.19
CA SER G 219 -16.21 1.90 7.49
C SER G 219 -16.00 3.04 8.43
N THR G 220 -15.11 3.96 8.05
CA THR G 220 -14.88 5.15 8.83
C THR G 220 -16.21 5.81 9.17
N GLU G 221 -17.07 5.96 8.17
CA GLU G 221 -18.36 6.63 8.32
C GLU G 221 -19.27 5.99 9.36
N LEU G 222 -19.24 4.67 9.41
CA LEU G 222 -20.19 3.93 10.25
C LEU G 222 -19.68 3.76 11.68
N LEU G 223 -18.50 4.31 11.96
CA LEU G 223 -17.85 4.11 13.24
C LEU G 223 -18.40 5.12 14.23
N ASP G 224 -19.72 5.15 14.33
CA ASP G 224 -20.44 6.17 15.10
C ASP G 224 -21.10 5.55 16.32
N GLU G 225 -20.86 6.14 17.51
CA GLU G 225 -21.46 5.65 18.74
C GLU G 225 -23.00 5.63 18.65
N ASN G 226 -23.58 6.76 18.23
CA ASN G 226 -25.04 6.92 18.07
C ASN G 226 -25.63 5.98 17.02
N LEU G 227 -25.08 6.00 15.81
CA LEU G 227 -25.56 5.14 14.74
C LEU G 227 -25.62 3.66 15.17
N LEU G 228 -24.61 3.21 15.90
CA LEU G 228 -24.61 1.83 16.42
C LEU G 228 -25.67 1.61 17.49
N ARG G 229 -25.76 2.53 18.46
CA ARG G 229 -26.79 2.44 19.49
C ARG G 229 -28.15 2.32 18.84
N GLU G 230 -28.47 3.24 17.94
CA GLU G 230 -29.76 3.23 17.27
C GLU G 230 -29.99 1.90 16.58
N SER G 231 -28.95 1.38 15.94
CA SER G 231 -29.05 0.12 15.20
C SER G 231 -29.24 -1.15 16.06
N PHE G 232 -28.80 -1.12 17.31
CA PHE G 232 -28.75 -2.32 18.16
C PHE G 232 -29.64 -2.32 19.41
N GLU G 233 -30.06 -1.15 19.88
CA GLU G 233 -30.84 -1.05 21.13
C GLU G 233 -32.15 -1.83 21.10
N GLY G 234 -32.68 -2.06 19.91
CA GLY G 234 -33.86 -2.91 19.74
C GLY G 234 -33.72 -4.34 20.26
N PHE G 235 -32.50 -4.86 20.31
CA PHE G 235 -32.31 -6.24 20.73
C PHE G 235 -32.32 -6.40 22.26
N GLY G 236 -32.22 -5.27 22.97
CA GLY G 236 -32.19 -5.24 24.42
C GLY G 236 -31.23 -4.21 24.98
N SER G 237 -31.32 -3.97 26.28
CA SER G 237 -30.55 -2.90 26.94
C SER G 237 -29.07 -2.94 26.66
N ILE G 238 -28.52 -1.80 26.26
CA ILE G 238 -27.09 -1.72 26.02
C ILE G 238 -26.38 -1.18 27.25
N GLU G 239 -25.32 -1.85 27.67
CA GLU G 239 -24.59 -1.44 28.86
C GLU G 239 -23.44 -0.56 28.44
N LYS G 240 -22.73 -0.98 27.42
CA LYS G 240 -21.55 -0.24 26.99
C LYS G 240 -21.23 -0.51 25.53
N ILE G 241 -20.99 0.58 24.79
CA ILE G 241 -20.43 0.54 23.46
C ILE G 241 -19.00 1.05 23.55
N ASN G 242 -18.09 0.29 22.98
CA ASN G 242 -16.68 0.63 23.01
C ASN G 242 -16.11 0.66 21.60
N ILE G 243 -15.64 1.82 21.17
CA ILE G 243 -15.02 1.94 19.86
C ILE G 243 -13.55 2.29 20.03
N PRO G 244 -12.66 1.31 19.78
CA PRO G 244 -11.22 1.54 20.02
C PRO G 244 -10.71 2.73 19.22
N ALA G 245 -10.26 3.76 19.95
CA ALA G 245 -9.86 5.03 19.36
C ALA G 245 -8.82 4.88 18.26
N GLY G 246 -8.81 5.84 17.34
CA GLY G 246 -7.82 5.88 16.27
C GLY G 246 -7.77 4.64 15.39
N GLN G 247 -8.88 4.32 14.76
CA GLN G 247 -8.86 3.35 13.67
C GLN G 247 -8.85 4.20 12.38
N LYS G 248 -9.37 5.41 12.51
CA LYS G 248 -9.56 6.34 11.40
C LYS G 248 -8.29 7.15 11.11
N PHE G 252 -7.90 -0.63 5.50
CA PHE G 252 -8.64 -0.57 4.25
C PHE G 252 -10.02 -1.20 4.44
N ASN G 253 -10.83 -0.59 5.33
CA ASN G 253 -12.25 -0.95 5.54
C ASN G 253 -12.64 -2.10 6.49
N ASN G 254 -11.73 -2.47 7.38
CA ASN G 254 -12.09 -3.34 8.49
C ASN G 254 -12.00 -2.61 9.82
N CYS G 255 -12.96 -1.72 10.08
CA CYS G 255 -13.13 -1.12 11.39
C CYS G 255 -13.98 -2.02 12.24
N CYS G 256 -13.84 -1.91 13.55
CA CYS G 256 -14.61 -2.73 14.48
C CYS G 256 -15.08 -1.93 15.69
N ALA G 257 -16.05 -2.51 16.40
CA ALA G 257 -16.62 -1.91 17.58
C ALA G 257 -17.08 -3.02 18.49
N PHE G 258 -17.03 -2.78 19.79
CA PHE G 258 -17.49 -3.74 20.75
C PHE G 258 -18.71 -3.19 21.48
N VAL G 260 -21.50 -4.21 24.69
CA VAL G 260 -21.81 -5.06 25.83
C VAL G 260 -23.28 -4.91 26.15
N PHE G 261 -24.04 -5.99 26.02
CA PHE G 261 -25.46 -5.95 26.42
C PHE G 261 -25.62 -6.24 27.90
N GLU G 262 -26.72 -5.80 28.50
CA GLU G 262 -26.95 -6.07 29.91
C GLU G 262 -27.12 -7.55 30.18
N ASN G 263 -27.78 -8.26 29.27
CA ASN G 263 -27.96 -9.70 29.40
C ASN G 263 -27.53 -10.47 28.15
N LYS G 264 -27.37 -11.78 28.26
CA LYS G 264 -26.85 -12.57 27.15
C LYS G 264 -27.87 -12.75 26.02
N ASP G 265 -29.13 -12.92 26.38
CA ASP G 265 -30.16 -13.10 25.37
C ASP G 265 -30.08 -11.98 24.36
N SER G 266 -29.84 -10.76 24.84
CA SER G 266 -29.79 -9.61 23.93
C SER G 266 -28.60 -9.73 22.99
N ALA G 267 -27.44 -10.04 23.53
CA ALA G 267 -26.31 -10.36 22.69
C ALA G 267 -26.67 -11.41 21.63
N GLU G 268 -27.23 -12.54 22.05
CA GLU G 268 -27.60 -13.56 21.06
C GLU G 268 -28.56 -12.98 20.02
N ARG G 269 -29.47 -12.13 20.44
CA ARG G 269 -30.40 -11.55 19.49
C ARG G 269 -29.65 -10.71 18.46
N ALA G 270 -28.72 -9.89 18.95
CA ALA G 270 -27.93 -9.01 18.08
C ALA G 270 -27.13 -9.77 17.01
N LEU G 271 -26.79 -11.04 17.25
CA LEU G 271 -26.06 -11.77 16.22
C LEU G 271 -26.82 -11.82 14.88
N GLN G 272 -28.13 -11.57 14.90
CA GLN G 272 -28.91 -11.37 13.66
C GLN G 272 -28.24 -10.34 12.77
N ASN G 274 -25.44 -9.95 11.94
CA ASN G 274 -24.36 -10.52 11.17
C ASN G 274 -24.80 -10.72 9.74
N ARG G 275 -23.94 -10.37 8.79
CA ARG G 275 -24.23 -10.50 7.36
C ARG G 275 -25.43 -9.66 6.96
N SER G 276 -25.46 -8.41 7.41
CA SER G 276 -26.61 -7.55 7.17
C SER G 276 -26.23 -6.10 6.81
N LEU G 277 -27.09 -5.46 6.02
CA LEU G 277 -26.79 -4.16 5.44
C LEU G 277 -26.93 -3.07 6.50
N LEU G 278 -25.79 -2.50 6.88
CA LEU G 278 -25.82 -1.37 7.78
C LEU G 278 -25.34 -0.13 7.04
N GLY G 279 -26.26 0.82 6.83
CA GLY G 279 -25.98 1.95 5.98
C GLY G 279 -25.68 1.46 4.58
N ASN G 280 -24.40 1.23 4.29
CA ASN G 280 -23.98 0.91 2.93
C ASN G 280 -22.87 -0.13 2.87
N ARG G 281 -22.77 -0.94 3.92
CA ARG G 281 -21.78 -2.02 4.01
C ARG G 281 -22.41 -3.22 4.67
N GLU G 282 -21.93 -4.40 4.30
CA GLU G 282 -22.34 -5.62 4.98
C GLU G 282 -21.49 -5.73 6.23
N ILE G 283 -22.12 -5.75 7.39
CA ILE G 283 -21.34 -5.94 8.62
C ILE G 283 -21.26 -7.44 8.97
N SER G 284 -20.25 -7.81 9.74
CA SER G 284 -20.29 -9.08 10.45
C SER G 284 -20.28 -8.91 11.99
N VAL G 285 -20.96 -9.85 12.65
CA VAL G 285 -21.28 -9.74 14.07
C VAL G 285 -21.11 -11.13 14.70
N SER G 286 -20.34 -11.18 15.79
CA SER G 286 -20.09 -12.43 16.48
C SER G 286 -19.84 -12.13 17.93
N LEU G 287 -20.02 -13.14 18.79
CA LEU G 287 -19.63 -13.03 20.20
C LEU G 287 -18.14 -12.69 20.29
N ALA G 288 -17.77 -11.80 21.20
CA ALA G 288 -16.37 -11.39 21.32
C ALA G 288 -15.58 -12.52 21.93
N ASP G 289 -14.32 -12.61 21.58
CA ASP G 289 -13.45 -13.55 22.24
C ASP G 289 -13.49 -13.17 23.72
N LYS G 290 -13.21 -14.11 24.61
CA LYS G 290 -13.16 -13.74 26.03
C LYS G 290 -11.74 -13.39 26.49
N LYS G 291 -11.63 -12.43 27.41
CA LYS G 291 -10.32 -11.90 27.88
C LYS G 291 -9.63 -12.96 28.74
N PRO G 292 -8.37 -13.31 28.41
CA PRO G 292 -7.69 -14.38 29.15
C PRO G 292 -7.70 -14.18 30.68
N THR H 42 -30.20 -8.40 -30.55
CA THR H 42 -31.54 -7.89 -30.10
C THR H 42 -31.43 -6.65 -29.19
N THR H 43 -30.59 -6.77 -28.15
CA THR H 43 -30.26 -5.70 -27.19
C THR H 43 -28.78 -5.34 -27.33
N VAL H 44 -28.44 -4.12 -26.91
CA VAL H 44 -27.16 -3.52 -27.22
C VAL H 44 -26.61 -2.66 -26.05
N LEU H 45 -25.32 -2.81 -25.74
CA LEU H 45 -24.65 -1.98 -24.74
C LEU H 45 -23.83 -0.90 -25.42
N VAL H 46 -24.01 0.35 -24.98
CA VAL H 46 -23.14 1.42 -25.46
C VAL H 46 -22.26 1.89 -24.31
N LYS H 47 -20.96 2.00 -24.59
CA LYS H 47 -19.98 2.34 -23.56
C LYS H 47 -19.22 3.60 -23.94
N ASN H 48 -19.00 4.46 -22.95
CA ASN H 48 -18.16 5.66 -23.08
C ASN H 48 -18.79 6.76 -23.94
N LEU H 49 -20.00 7.17 -23.56
CA LEU H 49 -20.65 8.34 -24.17
C LEU H 49 -20.35 9.56 -23.31
N PRO H 50 -20.42 10.78 -23.88
CA PRO H 50 -20.21 11.96 -23.03
C PRO H 50 -21.25 12.10 -21.92
N LYS H 51 -20.79 12.41 -20.72
CA LYS H 51 -21.65 12.54 -19.51
C LYS H 51 -22.97 13.27 -19.74
N SER H 52 -22.94 14.29 -20.60
CA SER H 52 -24.11 15.11 -20.86
C SER H 52 -25.08 14.46 -21.86
N TYR H 53 -25.41 13.19 -21.63
CA TYR H 53 -26.30 12.46 -22.54
C TYR H 53 -27.57 11.90 -21.91
N ASN H 54 -28.70 12.32 -22.48
CA ASN H 54 -30.02 11.88 -22.05
C ASN H 54 -30.36 10.54 -22.67
N GLN H 55 -31.56 10.04 -22.36
CA GLN H 55 -32.17 8.99 -23.17
C GLN H 55 -32.46 9.57 -24.55
N ASN H 56 -32.89 10.82 -24.60
CA ASN H 56 -33.24 11.50 -25.85
C ASN H 56 -32.06 11.67 -26.79
N LYS H 57 -30.91 12.06 -26.23
CA LYS H 57 -29.71 12.33 -27.04
C LYS H 57 -29.18 11.03 -27.68
N VAL H 58 -29.30 9.92 -26.95
CA VAL H 58 -28.93 8.59 -27.44
C VAL H 58 -29.99 8.09 -28.44
N TYR H 59 -31.27 8.33 -28.11
CA TYR H 59 -32.40 7.99 -28.99
C TYR H 59 -32.27 8.67 -30.35
N LYS H 60 -31.88 9.96 -30.36
CA LYS H 60 -31.69 10.68 -31.62
C LYS H 60 -30.40 10.33 -32.36
N TYR H 61 -29.44 9.72 -31.66
CA TYR H 61 -28.25 9.22 -32.34
C TYR H 61 -28.52 7.87 -32.99
N PHE H 62 -29.33 7.05 -32.34
CA PHE H 62 -29.56 5.68 -32.81
C PHE H 62 -30.91 5.44 -33.49
N LYS H 63 -31.65 6.51 -33.78
CA LYS H 63 -32.97 6.38 -34.40
C LYS H 63 -32.94 5.60 -35.74
N HIS H 64 -31.90 5.84 -36.55
CA HIS H 64 -31.85 5.34 -37.94
C HIS H 64 -31.49 3.85 -38.09
N CYS H 65 -31.55 3.09 -37.00
CA CYS H 65 -31.27 1.67 -37.03
C CYS H 65 -32.54 0.82 -36.92
N GLY H 66 -33.69 1.49 -36.89
CA GLY H 66 -34.97 0.81 -36.81
C GLY H 66 -35.68 1.04 -35.48
N PRO H 67 -36.94 0.57 -35.37
CA PRO H 67 -37.75 0.74 -34.17
C PRO H 67 -37.04 0.32 -32.89
N ILE H 68 -37.09 1.21 -31.91
CA ILE H 68 -36.51 0.99 -30.59
C ILE H 68 -37.64 0.85 -29.58
N ILE H 69 -37.63 -0.24 -28.82
CA ILE H 69 -38.63 -0.43 -27.77
C ILE H 69 -38.26 0.34 -26.50
N HIS H 70 -37.09 0.07 -25.93
CA HIS H 70 -36.64 0.78 -24.72
C HIS H 70 -35.23 1.37 -24.89
N VAL H 71 -35.02 2.56 -24.32
CA VAL H 71 -33.67 3.13 -24.16
C VAL H 71 -33.41 3.51 -22.71
N ASP H 72 -32.41 2.87 -22.11
CA ASP H 72 -32.01 3.21 -20.76
C ASP H 72 -30.59 3.78 -20.73
N VAL H 73 -30.41 4.78 -19.87
CA VAL H 73 -29.13 5.46 -19.69
C VAL H 73 -28.69 5.33 -18.24
N ALA H 74 -27.38 5.15 -18.02
CA ALA H 74 -26.83 5.06 -16.67
C ALA H 74 -25.44 5.65 -16.56
N ASP H 75 -25.16 6.24 -15.40
CA ASP H 75 -23.90 6.92 -15.16
C ASP H 75 -22.77 5.93 -14.90
N SER H 76 -21.57 6.30 -15.36
CA SER H 76 -20.37 5.48 -15.14
C SER H 76 -20.00 5.46 -13.65
N LEU H 77 -19.20 4.48 -13.25
CA LEU H 77 -18.70 4.44 -11.86
C LEU H 77 -18.15 5.81 -11.43
N LYS H 78 -17.11 6.28 -12.09
CA LYS H 78 -16.50 7.56 -11.71
C LYS H 78 -17.21 8.78 -12.32
N LYS H 79 -18.42 8.56 -12.82
CA LYS H 79 -19.33 9.62 -13.31
C LYS H 79 -18.83 10.43 -14.51
N ASN H 80 -17.67 10.05 -15.04
CA ASN H 80 -17.02 10.79 -16.11
C ASN H 80 -17.65 10.59 -17.49
N PHE H 81 -18.26 9.44 -17.70
CA PHE H 81 -18.97 9.16 -18.94
C PHE H 81 -20.30 8.44 -18.69
N ARG H 82 -20.94 7.95 -19.74
CA ARG H 82 -22.23 7.28 -19.60
C ARG H 82 -22.37 5.98 -20.37
N PHE H 83 -23.17 5.08 -19.81
CA PHE H 83 -23.54 3.84 -20.46
C PHE H 83 -24.95 4.00 -21.04
N ALA H 84 -25.31 3.11 -21.96
CA ALA H 84 -26.65 3.08 -22.51
C ALA H 84 -27.08 1.66 -22.88
N ARG H 85 -28.33 1.34 -22.57
CA ARG H 85 -28.93 0.08 -22.99
C ARG H 85 -30.00 0.42 -23.99
N ILE H 86 -29.79 0.00 -25.23
CA ILE H 86 -30.79 0.17 -26.29
C ILE H 86 -31.34 -1.19 -26.75
N GLU H 87 -32.63 -1.37 -26.57
CA GLU H 87 -33.30 -2.60 -26.98
C GLU H 87 -34.04 -2.36 -28.29
N PHE H 88 -33.81 -3.23 -29.27
CA PHE H 88 -34.38 -3.04 -30.61
C PHE H 88 -35.56 -3.96 -30.92
N ALA H 89 -36.19 -3.71 -32.07
CA ALA H 89 -37.29 -4.52 -32.58
C ALA H 89 -36.83 -5.91 -32.99
N ARG H 90 -35.93 -5.98 -33.97
CA ARG H 90 -35.47 -7.25 -34.54
C ARG H 90 -33.95 -7.39 -34.46
N TYR H 91 -33.43 -8.54 -34.90
CA TYR H 91 -31.99 -8.83 -34.92
C TYR H 91 -31.19 -7.80 -35.74
N ASP H 92 -31.62 -7.55 -36.98
CA ASP H 92 -30.95 -6.55 -37.84
C ASP H 92 -31.06 -5.12 -37.29
N GLY H 93 -32.11 -4.84 -36.54
CA GLY H 93 -32.28 -3.56 -35.88
C GLY H 93 -31.13 -3.28 -34.93
N ALA H 94 -30.60 -4.36 -34.35
CA ALA H 94 -29.51 -4.27 -33.38
C ALA H 94 -28.14 -4.35 -34.05
N LEU H 95 -28.03 -5.11 -35.13
CA LEU H 95 -26.74 -5.31 -35.79
C LEU H 95 -26.31 -4.06 -36.56
N ALA H 96 -27.29 -3.21 -36.87
CA ALA H 96 -27.02 -1.91 -37.45
C ALA H 96 -26.35 -1.00 -36.42
N ALA H 97 -26.78 -1.09 -35.15
CA ALA H 97 -26.19 -0.31 -34.06
C ALA H 97 -24.73 -0.69 -33.80
N ILE H 98 -24.40 -1.96 -33.99
CA ILE H 98 -23.04 -2.48 -33.82
C ILE H 98 -22.07 -1.95 -34.89
N THR H 99 -22.55 -1.78 -36.12
CA THR H 99 -21.73 -1.16 -37.17
C THR H 99 -21.44 0.33 -36.90
N LYS H 100 -21.82 0.81 -35.71
CA LYS H 100 -21.52 2.17 -35.28
C LYS H 100 -20.56 2.18 -34.06
N THR H 101 -19.88 1.06 -33.85
CA THR H 101 -18.85 0.96 -32.81
C THR H 101 -17.58 1.70 -33.26
N HIS H 102 -16.72 2.03 -32.29
CA HIS H 102 -15.48 2.80 -32.50
C HIS H 102 -15.67 4.23 -33.02
N LYS H 103 -16.93 4.68 -33.13
CA LYS H 103 -17.21 6.01 -33.64
C LYS H 103 -17.05 7.09 -32.58
N VAL H 104 -16.73 8.30 -33.03
CA VAL H 104 -16.48 9.43 -32.13
C VAL H 104 -17.74 10.29 -31.98
N VAL H 105 -18.35 10.21 -30.80
CA VAL H 105 -19.50 11.06 -30.48
C VAL H 105 -19.07 12.00 -29.36
N GLY H 106 -19.18 13.31 -29.63
CA GLY H 106 -18.70 14.33 -28.71
C GLY H 106 -17.20 14.19 -28.55
N GLN H 107 -16.74 14.22 -27.31
CA GLN H 107 -15.31 14.07 -27.02
C GLN H 107 -14.86 12.60 -27.10
N ASN H 108 -15.81 11.67 -26.95
CA ASN H 108 -15.48 10.26 -26.72
C ASN H 108 -15.65 9.31 -27.90
N GLU H 109 -14.73 8.35 -28.00
CA GLU H 109 -14.87 7.22 -28.91
C GLU H 109 -15.70 6.15 -28.22
N ILE H 110 -16.76 5.69 -28.88
CA ILE H 110 -17.71 4.77 -28.24
C ILE H 110 -17.51 3.30 -28.64
N ILE H 111 -17.81 2.40 -27.72
CA ILE H 111 -17.87 0.98 -28.03
C ILE H 111 -19.33 0.51 -27.97
N VAL H 112 -19.73 -0.27 -28.97
CA VAL H 112 -21.07 -0.81 -29.07
C VAL H 112 -21.01 -2.30 -29.31
N SER H 113 -21.56 -3.09 -28.39
CA SER H 113 -21.59 -4.56 -28.52
C SER H 113 -22.86 -5.20 -27.94
N HIS H 114 -23.12 -6.44 -28.34
CA HIS H 114 -24.28 -7.21 -27.86
C HIS H 114 -24.32 -7.27 -26.33
N LEU H 115 -25.48 -6.93 -25.76
CA LEU H 115 -25.68 -7.10 -24.32
C LEU H 115 -26.05 -8.55 -24.05
N THR H 116 -25.06 -9.36 -23.73
CA THR H 116 -25.30 -10.77 -23.61
C THR H 116 -24.86 -11.22 -22.22
N GLU H 117 -25.75 -11.97 -21.56
CA GLU H 117 -25.45 -12.59 -20.27
C GLU H 117 -25.17 -11.61 -19.14
N CYS H 118 -25.76 -10.43 -19.21
CA CYS H 118 -25.55 -9.42 -18.17
C CYS H 118 -26.78 -9.17 -17.30
N THR H 119 -27.58 -10.20 -17.17
CA THR H 119 -28.89 -10.10 -16.55
C THR H 119 -28.98 -11.02 -15.34
N LEU H 120 -29.36 -10.43 -14.20
CA LEU H 120 -29.66 -11.21 -13.00
C LEU H 120 -31.07 -10.88 -12.51
N TRP H 121 -31.66 -11.77 -11.70
CA TRP H 121 -32.88 -11.39 -10.96
C TRP H 121 -32.60 -11.32 -9.46
N THR H 123 -34.76 -10.96 -5.62
CA THR H 123 -36.04 -10.98 -4.92
C THR H 123 -35.85 -11.00 -3.43
N ASN H 124 -36.99 -10.97 -2.73
CA ASN H 124 -37.08 -10.99 -1.26
C ASN H 124 -36.38 -9.86 -0.52
N PHE H 125 -36.38 -8.70 -1.17
CA PHE H 125 -36.00 -7.44 -0.56
C PHE H 125 -37.23 -6.85 0.16
N PRO H 126 -37.08 -5.73 0.87
CA PRO H 126 -38.24 -5.17 1.60
C PRO H 126 -39.34 -4.60 0.69
N PRO H 127 -40.62 -4.81 1.05
CA PRO H 127 -41.73 -4.31 0.22
C PRO H 127 -41.61 -2.84 -0.13
N SER H 128 -41.21 -2.02 0.85
CA SER H 128 -40.96 -0.61 0.63
C SER H 128 -39.89 -0.30 -0.43
N TYR H 129 -39.01 -1.25 -0.75
CA TYR H 129 -37.93 -0.99 -1.71
C TYR H 129 -38.41 -0.52 -3.08
N THR H 130 -37.89 0.62 -3.50
CA THR H 130 -38.11 1.17 -4.83
C THR H 130 -36.93 0.87 -5.75
N GLN H 131 -37.03 1.34 -6.99
CA GLN H 131 -35.95 1.17 -7.95
C GLN H 131 -34.63 1.73 -7.43
N ARG H 132 -34.66 2.96 -6.89
CA ARG H 132 -33.46 3.60 -6.31
C ARG H 132 -32.77 2.70 -5.31
N ASN H 133 -33.53 2.10 -4.42
CA ASN H 133 -32.97 1.23 -3.42
C ASN H 133 -32.11 0.12 -4.01
N ILE H 134 -32.59 -0.51 -5.09
CA ILE H 134 -31.82 -1.50 -5.86
C ILE H 134 -30.54 -0.87 -6.42
N ARG H 135 -30.68 0.29 -7.08
CA ARG H 135 -29.52 0.97 -7.64
C ARG H 135 -28.50 1.18 -6.55
N ASP H 136 -29.00 1.50 -5.35
CA ASP H 136 -28.15 1.85 -4.23
C ASP H 136 -27.34 0.65 -3.80
N LEU H 137 -27.99 -0.49 -3.72
CA LEU H 137 -27.35 -1.72 -3.36
C LEU H 137 -26.18 -1.94 -4.29
N LEU H 138 -26.44 -1.91 -5.59
CA LEU H 138 -25.42 -2.14 -6.60
C LEU H 138 -24.33 -1.07 -6.57
N GLN H 139 -24.71 0.15 -6.21
CA GLN H 139 -23.77 1.22 -5.98
C GLN H 139 -22.83 0.90 -4.79
N ASP H 140 -23.35 0.21 -3.79
CA ASP H 140 -22.59 -0.12 -2.60
C ASP H 140 -21.42 -1.06 -2.88
N ILE H 141 -21.53 -1.84 -3.96
CA ILE H 141 -20.47 -2.77 -4.34
C ILE H 141 -19.77 -2.37 -5.65
N ASN H 142 -19.86 -1.09 -5.99
CA ASN H 142 -19.29 -0.52 -7.23
C ASN H 142 -19.69 -1.27 -8.53
N VAL H 143 -20.99 -1.49 -8.71
CA VAL H 143 -21.47 -2.16 -9.90
C VAL H 143 -22.58 -1.34 -10.54
N VAL H 144 -22.36 -0.91 -11.78
CA VAL H 144 -23.34 -0.08 -12.50
C VAL H 144 -24.57 -0.88 -12.93
N ALA H 145 -25.74 -0.28 -12.71
CA ALA H 145 -27.03 -0.87 -13.11
C ALA H 145 -27.47 -0.22 -14.39
N LEU H 146 -27.38 -0.98 -15.46
CA LEU H 146 -27.78 -0.51 -16.77
C LEU H 146 -29.28 -0.18 -16.75
N SER H 147 -30.07 -1.12 -16.21
CA SER H 147 -31.51 -0.94 -16.02
C SER H 147 -32.06 -1.88 -14.95
N ILE H 148 -33.14 -1.43 -14.32
CA ILE H 148 -33.88 -2.20 -13.31
C ILE H 148 -35.36 -2.23 -13.68
N ARG H 149 -35.93 -3.43 -13.81
CA ARG H 149 -37.38 -3.51 -13.99
C ARG H 149 -38.06 -4.22 -12.82
N LEU H 150 -38.90 -3.45 -12.13
CA LEU H 150 -39.73 -3.90 -11.01
C LEU H 150 -41.16 -3.77 -11.44
N PRO H 151 -42.08 -4.61 -10.91
CA PRO H 151 -43.51 -4.44 -11.22
C PRO H 151 -44.15 -3.11 -10.77
N ARG H 159 -45.27 -12.01 -4.48
CA ARG H 159 -43.89 -12.04 -3.94
C ARG H 159 -42.86 -11.51 -4.97
N ARG H 160 -42.64 -10.18 -4.95
CA ARG H 160 -42.06 -9.50 -6.11
C ARG H 160 -40.55 -9.66 -6.35
N PHE H 161 -40.18 -9.73 -7.62
CA PHE H 161 -38.79 -9.84 -8.00
C PHE H 161 -38.48 -8.72 -8.95
N ALA H 162 -37.18 -8.41 -9.06
CA ALA H 162 -36.67 -7.43 -9.99
C ALA H 162 -35.75 -8.13 -10.95
N TYR H 163 -35.74 -7.66 -12.19
CA TYR H 163 -34.73 -8.08 -13.17
C TYR H 163 -33.80 -6.90 -13.47
N ILE H 164 -32.50 -7.17 -13.36
CA ILE H 164 -31.45 -6.17 -13.51
C ILE H 164 -30.48 -6.51 -14.64
N ASP H 165 -30.13 -5.51 -15.44
CA ASP H 165 -29.08 -5.63 -16.44
C ASP H 165 -27.87 -4.83 -15.98
N VAL H 166 -26.69 -5.45 -16.05
CA VAL H 166 -25.42 -4.79 -15.71
C VAL H 166 -24.55 -4.62 -16.96
N THR H 167 -23.33 -4.15 -16.82
CA THR H 167 -22.55 -3.78 -18.03
C THR H 167 -21.49 -4.77 -18.48
N SER H 168 -21.36 -5.90 -17.79
CA SER H 168 -20.36 -6.91 -18.16
C SER H 168 -20.71 -8.19 -17.45
N LYS H 169 -20.42 -9.34 -18.07
CA LYS H 169 -20.73 -10.66 -17.52
C LYS H 169 -20.20 -10.82 -16.10
N GLU H 170 -18.95 -10.36 -15.88
CA GLU H 170 -18.32 -10.50 -14.56
C GLU H 170 -19.08 -9.74 -13.50
N ASP H 171 -19.49 -8.51 -13.81
CA ASP H 171 -20.36 -7.76 -12.90
C ASP H 171 -21.61 -8.49 -12.50
N ALA H 172 -22.26 -9.17 -13.44
CA ALA H 172 -23.46 -9.96 -13.12
C ALA H 172 -23.18 -11.05 -12.09
N ARG H 173 -22.14 -11.84 -12.33
CA ARG H 173 -21.68 -12.88 -11.39
C ARG H 173 -21.21 -12.31 -10.05
N TYR H 174 -20.43 -11.24 -10.10
CA TYR H 174 -19.88 -10.62 -8.91
C TYR H 174 -21.02 -10.20 -8.01
N CYS H 175 -21.97 -9.52 -8.64
CA CYS H 175 -23.11 -8.95 -8.00
C CYS H 175 -23.82 -10.03 -7.19
N VAL H 176 -24.08 -11.16 -7.83
CA VAL H 176 -24.71 -12.28 -7.15
C VAL H 176 -23.90 -12.79 -5.91
N GLU H 177 -22.59 -13.03 -6.09
CA GLU H 177 -21.71 -13.42 -5.01
C GLU H 177 -21.91 -12.53 -3.79
N LYS H 178 -21.76 -11.23 -4.02
CA LYS H 178 -21.66 -10.27 -2.92
C LYS H 178 -22.99 -10.13 -2.21
N LEU H 179 -24.06 -10.26 -2.97
CA LEU H 179 -25.35 -9.82 -2.47
C LEU H 179 -26.25 -10.92 -2.03
N ASN H 180 -26.15 -12.09 -2.66
CA ASN H 180 -27.03 -13.17 -2.26
C ASN H 180 -26.87 -13.43 -0.77
N GLY H 181 -27.97 -13.39 -0.05
CA GLY H 181 -27.94 -13.77 1.36
C GLY H 181 -27.76 -12.64 2.33
N LEU H 182 -27.53 -11.43 1.79
CA LEU H 182 -27.48 -10.22 2.57
C LEU H 182 -28.82 -9.98 3.29
N LYS H 183 -28.76 -9.62 4.56
CA LYS H 183 -29.98 -9.34 5.31
C LYS H 183 -30.31 -7.86 5.27
N ILE H 184 -31.56 -7.55 4.91
CA ILE H 184 -32.05 -6.15 4.96
C ILE H 184 -33.37 -6.14 5.68
N GLU H 185 -33.41 -5.36 6.76
CA GLU H 185 -34.60 -5.24 7.59
C GLU H 185 -35.31 -6.59 7.89
N GLY H 186 -34.54 -7.63 8.20
CA GLY H 186 -35.09 -8.95 8.49
C GLY H 186 -35.36 -9.85 7.28
N TYR H 187 -35.20 -9.30 6.08
CA TYR H 187 -35.39 -10.04 4.83
C TYR H 187 -34.07 -10.52 4.30
N THR H 188 -33.95 -11.82 4.09
CA THR H 188 -32.74 -12.39 3.47
C THR H 188 -32.77 -12.28 1.94
N LEU H 189 -31.88 -11.45 1.39
CA LEU H 189 -31.87 -11.20 -0.05
C LEU H 189 -31.62 -12.47 -0.89
N VAL H 190 -32.27 -12.57 -2.04
CA VAL H 190 -32.03 -13.72 -2.91
C VAL H 190 -31.82 -13.28 -4.34
N THR H 191 -30.70 -13.71 -4.90
CA THR H 191 -30.31 -13.31 -6.24
C THR H 191 -29.57 -14.44 -6.97
N LYS H 192 -29.69 -14.46 -8.30
CA LYS H 192 -29.06 -15.43 -9.18
C LYS H 192 -28.96 -14.79 -10.56
N VAL H 193 -27.92 -15.14 -11.31
CA VAL H 193 -27.76 -14.72 -12.71
C VAL H 193 -28.90 -15.36 -13.47
N SER H 194 -29.48 -14.69 -14.45
CA SER H 194 -30.61 -15.24 -15.17
C SER H 194 -30.20 -16.48 -15.93
N ASN H 195 -31.12 -17.44 -16.06
CA ASN H 195 -30.85 -18.69 -16.78
C ASN H 195 -31.75 -18.82 -18.02
N PRO H 196 -31.21 -18.44 -19.20
CA PRO H 196 -31.88 -18.39 -20.53
C PRO H 196 -32.42 -19.73 -21.05
N LEU H 197 -33.28 -19.70 -22.07
CA LEU H 197 -33.95 -20.91 -22.63
C LEU H 197 -33.09 -21.85 -23.49
N THR H 207 -35.33 -30.88 -21.37
CA THR H 207 -36.13 -29.65 -21.47
C THR H 207 -36.97 -29.30 -20.23
N LEU H 208 -37.46 -30.30 -19.50
CA LEU H 208 -38.01 -30.01 -18.19
C LEU H 208 -36.90 -29.59 -17.23
N GLU H 209 -35.68 -30.04 -17.50
CA GLU H 209 -34.50 -29.75 -16.69
C GLU H 209 -34.44 -28.28 -16.29
N GLY H 210 -34.42 -28.00 -14.99
CA GLY H 210 -34.32 -26.64 -14.52
C GLY H 210 -35.66 -25.92 -14.43
N ARG H 211 -36.73 -26.53 -14.94
CA ARG H 211 -38.05 -25.93 -14.87
C ARG H 211 -38.99 -26.68 -13.94
N GLU H 212 -38.58 -27.84 -13.47
CA GLU H 212 -39.46 -28.68 -12.65
C GLU H 212 -39.02 -28.76 -11.18
N ILE H 213 -39.94 -28.42 -10.27
CA ILE H 213 -39.66 -28.49 -8.83
C ILE H 213 -40.46 -29.61 -8.18
N ILE H 215 -42.26 -30.61 -4.51
CA ILE H 215 -42.70 -30.14 -3.20
C ILE H 215 -42.95 -31.34 -2.32
N ARG H 216 -42.26 -31.41 -1.19
CA ARG H 216 -42.41 -32.52 -0.26
C ARG H 216 -42.89 -32.11 1.14
N ASN H 217 -43.18 -33.12 1.97
CA ASN H 217 -43.66 -32.96 3.35
C ASN H 217 -45.10 -32.42 3.47
N LEU H 218 -45.88 -32.45 2.39
CA LEU H 218 -47.25 -31.98 2.44
C LEU H 218 -48.15 -32.96 3.17
N SER H 219 -49.14 -32.44 3.86
CA SER H 219 -50.21 -33.23 4.45
C SER H 219 -51.27 -33.52 3.37
N THR H 220 -52.27 -34.35 3.70
CA THR H 220 -53.46 -34.52 2.87
C THR H 220 -54.12 -33.17 2.55
N GLU H 221 -54.34 -32.34 3.58
CA GLU H 221 -55.02 -31.03 3.46
C GLU H 221 -54.33 -30.10 2.48
N LEU H 222 -53.01 -30.15 2.42
CA LEU H 222 -52.23 -29.27 1.55
C LEU H 222 -52.11 -29.78 0.11
N LEU H 223 -52.43 -31.05 -0.09
CA LEU H 223 -52.33 -31.66 -1.41
C LEU H 223 -53.49 -31.22 -2.30
N ASP H 224 -53.67 -29.90 -2.41
CA ASP H 224 -54.77 -29.30 -3.16
C ASP H 224 -54.22 -28.40 -4.27
N GLU H 225 -54.65 -28.69 -5.50
CA GLU H 225 -54.14 -28.00 -6.66
C GLU H 225 -54.29 -26.47 -6.63
N ASN H 226 -55.41 -25.98 -6.14
CA ASN H 226 -55.58 -24.53 -6.07
C ASN H 226 -54.60 -23.89 -5.11
N LEU H 227 -54.43 -24.50 -3.95
CA LEU H 227 -53.57 -23.92 -2.95
C LEU H 227 -52.14 -23.85 -3.47
N LEU H 228 -51.63 -24.96 -3.98
CA LEU H 228 -50.30 -24.98 -4.58
C LEU H 228 -50.11 -23.90 -5.65
N ARG H 229 -51.06 -23.81 -6.58
CA ARG H 229 -51.10 -22.75 -7.57
C ARG H 229 -50.89 -21.37 -6.94
N GLU H 230 -51.82 -20.99 -6.07
CA GLU H 230 -51.82 -19.66 -5.48
C GLU H 230 -50.61 -19.43 -4.60
N SER H 231 -50.14 -20.48 -3.94
CA SER H 231 -48.88 -20.41 -3.17
C SER H 231 -47.63 -20.24 -4.03
N PHE H 232 -47.66 -20.69 -5.28
CA PHE H 232 -46.47 -20.60 -6.11
C PHE H 232 -46.52 -19.62 -7.29
N GLU H 233 -47.70 -19.09 -7.64
CA GLU H 233 -47.80 -18.31 -8.90
C GLU H 233 -46.97 -17.03 -8.89
N GLY H 234 -46.85 -16.40 -7.73
CA GLY H 234 -46.02 -15.21 -7.58
C GLY H 234 -44.59 -15.37 -8.09
N PHE H 235 -44.09 -16.59 -8.20
CA PHE H 235 -42.72 -16.73 -8.72
C PHE H 235 -42.58 -16.60 -10.24
N GLY H 236 -43.67 -16.84 -10.97
CA GLY H 236 -43.67 -16.87 -12.44
C GLY H 236 -44.76 -17.78 -12.99
N SER H 237 -44.89 -17.82 -14.32
CA SER H 237 -45.89 -18.65 -14.96
C SER H 237 -45.78 -20.15 -14.68
N ILE H 238 -46.85 -20.73 -14.17
CA ILE H 238 -46.90 -22.18 -13.99
C ILE H 238 -47.48 -22.86 -15.22
N GLU H 239 -46.75 -23.83 -15.75
CA GLU H 239 -47.19 -24.53 -16.93
C GLU H 239 -48.10 -25.70 -16.56
N LYS H 240 -47.88 -26.31 -15.40
CA LYS H 240 -48.48 -27.59 -15.07
C LYS H 240 -48.21 -27.95 -13.62
N ILE H 241 -49.24 -28.48 -12.96
CA ILE H 241 -49.15 -28.97 -11.60
C ILE H 241 -49.55 -30.44 -11.66
N ASN H 242 -48.79 -31.26 -10.94
CA ASN H 242 -48.84 -32.70 -11.09
C ASN H 242 -48.83 -33.31 -9.70
N ILE H 243 -49.92 -33.96 -9.34
CA ILE H 243 -50.08 -34.52 -8.01
C ILE H 243 -50.35 -36.00 -8.13
N PRO H 244 -49.30 -36.84 -7.97
CA PRO H 244 -49.48 -38.29 -8.11
C PRO H 244 -50.71 -38.81 -7.37
N ALA H 245 -51.45 -39.70 -8.01
CA ALA H 245 -52.76 -40.17 -7.52
C ALA H 245 -52.75 -40.88 -6.14
N GLY H 246 -53.91 -40.84 -5.47
CA GLY H 246 -54.18 -41.52 -4.18
C GLY H 246 -53.08 -41.64 -3.13
N GLN H 247 -52.77 -40.53 -2.43
CA GLN H 247 -51.70 -40.53 -1.44
C GLN H 247 -52.12 -40.55 0.05
N LYS H 248 -53.42 -40.65 0.32
CA LYS H 248 -53.96 -40.68 1.71
C LYS H 248 -53.35 -41.81 2.56
N PHE H 252 -48.02 -40.01 7.06
CA PHE H 252 -46.84 -39.45 7.73
C PHE H 252 -46.52 -38.05 7.23
N ASN H 253 -47.50 -37.44 6.55
CA ASN H 253 -47.30 -36.12 5.91
C ASN H 253 -46.07 -36.15 5.05
N ASN H 254 -46.06 -37.09 4.11
CA ASN H 254 -44.95 -37.24 3.19
C ASN H 254 -45.36 -36.98 1.75
N CYS H 255 -46.63 -36.58 1.57
CA CYS H 255 -47.19 -36.26 0.26
C CYS H 255 -46.33 -35.31 -0.53
N CYS H 256 -46.30 -35.54 -1.85
CA CYS H 256 -45.58 -34.63 -2.73
C CYS H 256 -46.40 -34.24 -3.96
N ALA H 257 -45.88 -33.25 -4.66
CA ALA H 257 -46.46 -32.77 -5.89
C ALA H 257 -45.32 -32.22 -6.73
N PHE H 258 -45.45 -32.27 -8.05
CA PHE H 258 -44.50 -31.63 -8.94
C PHE H 258 -45.16 -30.44 -9.61
N VAL H 260 -44.28 -27.61 -12.76
CA VAL H 260 -43.43 -27.23 -13.87
C VAL H 260 -43.71 -25.77 -14.22
N PHE H 261 -42.67 -24.94 -14.15
CA PHE H 261 -42.78 -23.53 -14.54
C PHE H 261 -42.47 -23.38 -16.03
N GLU H 262 -42.81 -22.23 -16.61
CA GLU H 262 -42.53 -21.98 -18.03
C GLU H 262 -41.05 -21.72 -18.29
N ASN H 263 -40.42 -20.97 -17.38
CA ASN H 263 -39.01 -20.65 -17.54
C ASN H 263 -38.19 -21.02 -16.33
N LYS H 264 -36.89 -21.20 -16.53
CA LYS H 264 -36.02 -21.68 -15.45
C LYS H 264 -35.94 -20.74 -14.24
N ASP H 265 -35.86 -19.43 -14.51
CA ASP H 265 -35.78 -18.42 -13.46
C ASP H 265 -36.93 -18.50 -12.42
N SER H 266 -38.13 -18.83 -12.90
CA SER H 266 -39.27 -19.01 -12.01
C SER H 266 -39.06 -20.23 -11.13
N ALA H 267 -38.63 -21.35 -11.72
CA ALA H 267 -38.33 -22.54 -10.92
C ALA H 267 -37.33 -22.21 -9.81
N GLU H 268 -36.24 -21.51 -10.16
CA GLU H 268 -35.23 -21.09 -9.20
C GLU H 268 -35.83 -20.25 -8.07
N ARG H 269 -36.64 -19.27 -8.45
CA ARG H 269 -37.24 -18.38 -7.47
C ARG H 269 -38.13 -19.22 -6.57
N ALA H 270 -38.89 -20.13 -7.15
CA ALA H 270 -39.73 -21.00 -6.34
C ALA H 270 -38.96 -21.78 -5.26
N LEU H 271 -37.67 -22.01 -5.46
CA LEU H 271 -36.86 -22.70 -4.45
C LEU H 271 -36.81 -21.96 -3.11
N GLN H 272 -37.26 -20.71 -3.08
CA GLN H 272 -37.40 -20.02 -1.81
C GLN H 272 -38.41 -20.69 -0.89
N ASN H 274 -38.60 -23.57 0.00
CA ASN H 274 -38.00 -24.65 0.76
C ASN H 274 -37.78 -24.17 2.18
N ARG H 275 -38.05 -25.03 3.15
CA ARG H 275 -38.01 -24.66 4.56
C ARG H 275 -38.99 -23.53 4.94
N SER H 276 -40.09 -23.41 4.22
CA SER H 276 -41.09 -22.39 4.55
C SER H 276 -42.37 -23.00 5.07
N LEU H 277 -43.14 -22.20 5.82
CA LEU H 277 -44.38 -22.65 6.39
C LEU H 277 -45.48 -22.58 5.34
N LEU H 278 -46.12 -23.70 5.05
CA LEU H 278 -47.34 -23.69 4.22
C LEU H 278 -48.48 -24.30 5.01
N GLY H 279 -49.51 -23.50 5.24
CA GLY H 279 -50.54 -23.87 6.20
C GLY H 279 -49.89 -24.11 7.55
N ASN H 280 -49.88 -25.37 7.96
CA ASN H 280 -49.31 -25.75 9.23
C ASN H 280 -48.14 -26.75 9.13
N ARG H 281 -47.47 -26.77 7.97
CA ARG H 281 -46.33 -27.66 7.78
C ARG H 281 -45.14 -26.90 7.21
N GLU H 282 -43.94 -27.38 7.53
CA GLU H 282 -42.73 -26.85 6.90
C GLU H 282 -42.58 -27.61 5.59
N ILE H 283 -42.51 -26.91 4.48
CA ILE H 283 -42.38 -27.67 3.24
C ILE H 283 -40.94 -27.84 2.75
N SER H 284 -40.78 -28.81 1.86
CA SER H 284 -39.51 -29.04 1.25
C SER H 284 -39.66 -28.80 -0.24
N VAL H 285 -38.75 -28.02 -0.83
CA VAL H 285 -38.83 -27.73 -2.27
C VAL H 285 -37.45 -27.83 -2.95
N SER H 286 -37.38 -28.59 -4.04
CA SER H 286 -36.12 -28.74 -4.76
C SER H 286 -36.32 -28.97 -6.26
N LEU H 287 -35.23 -28.96 -7.02
CA LEU H 287 -35.30 -29.25 -8.45
C LEU H 287 -35.54 -30.73 -8.57
N ALA H 288 -36.50 -31.10 -9.42
CA ALA H 288 -36.81 -32.50 -9.66
C ALA H 288 -35.63 -33.13 -10.36
N ASP H 289 -35.44 -34.42 -10.15
CA ASP H 289 -34.48 -35.17 -10.94
C ASP H 289 -34.83 -35.09 -12.40
N LYS H 290 -33.82 -35.03 -13.26
CA LYS H 290 -34.13 -35.10 -14.67
C LYS H 290 -34.49 -36.54 -15.02
N LYS H 291 -35.55 -36.68 -15.81
CA LYS H 291 -36.03 -37.99 -16.24
C LYS H 291 -34.87 -38.64 -16.98
N PRO H 292 -34.64 -39.93 -16.71
CA PRO H 292 -33.51 -40.71 -17.25
C PRO H 292 -33.46 -40.76 -18.78
#